data_7ORA
#
_entry.id   7ORA
#
_cell.length_a   51.570
_cell.length_b   182.385
_cell.length_c   142.412
_cell.angle_alpha   90.000
_cell.angle_beta   93.038
_cell.angle_gamma   90.000
#
_symmetry.space_group_name_H-M   'P 1 21 1'
#
loop_
_entity.id
_entity.type
_entity.pdbx_description
1 polymer 'Spike protein S1'
2 polymer 'COVOX-45 Fab heavy chain'
3 polymer 'COVOX-45 Fab light chain'
4 polymer 'COVOX-253 Fab heavy chain'
5 polymer 'COVOX-253 Fab light chain'
6 branched alpha-L-fucopyranose-(1-6)-2-acetamido-2-deoxy-beta-D-glucopyranose
7 branched 2-acetamido-2-deoxy-beta-D-glucopyranose-(1-4)-[alpha-L-fucopyranose-(1-6)]2-acetamido-2-deoxy-beta-D-glucopyranose
8 non-polymer GLYCEROL
9 non-polymer 'CHLORIDE ION'
10 water water
#
loop_
_entity_poly.entity_id
_entity_poly.type
_entity_poly.pdbx_seq_one_letter_code
_entity_poly.pdbx_strand_id
1 'polypeptide(L)'
;ETGHHHHHHTNLCPFGEVFNATRFASVYAWNRKRISNCVADYSVLYNSASFSTFKCYGVSPTKLNDLCFTNVYADSFVIR
GDEVRQIAPGQTGKIADYNYKLPDDFTGCVIAWNSNNLDSKVGGNYNYLYRLFRKSNLKPFERDISTEIYQAGSKPCNGV
EGFNCYFPLQSYGFQPTNGVGYQPYRVVVLSFELLHAPATVCGKK
;
R,C
2 'polypeptide(L)'
;QVQLVESGGGVVQPGRSLRLSCAASGFTFSTYAMHWVRQAPGKGLEWVAVLSYDGSNKYYADSVKGRFTISRDNSKNTLY
LQMNSLRAEDTAVYYCAKGGSYAYYYYMDVWGKGTTVTVSSASTKGPSVFPLAPSSKSTSGGTAALGCLVKDYFPEPVTV
SWNSGALTSGVHTFPAVLQSSGLYSLSSVVTVPSSSLGTQTYICNVNHKPSNTKVDKKVEPKSCDK
;
A,D
3 'polypeptide(L)'
;DIQLTQSPSSLSASVGDRVTITCQASQDISNYLNWYQQKPGKAPKLLIYDASNLETGVPSRFSGGGSGTDFTFTITSLQP
EDIATYYCQQYDNLPLTFGGGTKVDIKRTVAAPSVFIFPPSDEQLKSGTASVVCLLNNFYPREAKVQWKVDNALQSGNSQ
ESVTEQDSKDSTYSLSSTLTLSKADYEKHKVYACEVTHQGLSSPVTKSFNRGEC
;
B,E
4 'polypeptide(L)'
;QVQLVQSGPEVKKPGTSVKVSCKASGFTFTTSAVQWVRQARGQRLEWIGWIVVGSGNTNYAQKFQERVTITRDMSTTTAY
MELSSLRSEDTAVYFCAAPHCNSTSCYDAFDIWGQGTMVTVSSASTKGPSVFPLAPSSKSTSGGTAALGCLVKDYFPEPV
TVSWNSGALTSGVHTFPAVLQSSGLYSLSSVVTVPSSSLGTQTYICNVNHKPSNTKVDKKVEPKSCDK
;
F,H
5 'polypeptide(L)'
;DIQMTQSPGTLSLSPGEGATLSCRASQSVSSSYLAWYQQKPGQAPRLLIYGASSGATGIPDRFSGSGSGTDFTLTISRLE
PEDFAVYYCQQYGSSPYTFGQGTKVEIKRTVAAPSVFIFPPSDEQLKSGTASVVCLLNNFYPREAKVQWKVDNALQSGNS
QESVTEQDSKDSTYSLSSTLTLSKADYEKHKVYACEVTHQGLSSPVTKSFNRGEC
;
G,L
#
# COMPACT_ATOMS: atom_id res chain seq x y z
N HIS A 8 20.39 10.38 -4.64
CA HIS A 8 21.32 11.47 -4.86
C HIS A 8 22.73 10.91 -5.07
N HIS A 9 22.96 9.72 -4.53
CA HIS A 9 24.24 9.03 -4.69
C HIS A 9 24.07 7.54 -4.87
N THR A 10 23.04 6.93 -4.29
CA THR A 10 22.80 5.50 -4.34
C THR A 10 21.58 5.14 -5.19
N ASN A 11 21.36 5.86 -6.30
CA ASN A 11 20.22 5.58 -7.14
C ASN A 11 20.54 5.93 -8.58
N LEU A 12 20.30 4.98 -9.49
CA LEU A 12 20.53 5.23 -10.91
C LEU A 12 19.45 6.14 -11.47
N CYS A 13 19.87 7.06 -12.33
CA CYS A 13 18.93 8.00 -12.92
C CYS A 13 17.87 7.25 -13.72
N PRO A 14 16.58 7.58 -13.57
CA PRO A 14 15.50 6.81 -14.21
C PRO A 14 15.38 7.10 -15.70
N PHE A 15 16.49 6.90 -16.43
CA PHE A 15 16.47 7.07 -17.88
C PHE A 15 15.56 6.05 -18.56
N GLY A 16 15.31 4.91 -17.93
CA GLY A 16 14.43 3.91 -18.52
C GLY A 16 13.02 4.42 -18.73
N GLU A 17 12.53 5.24 -17.79
CA GLU A 17 11.17 5.79 -17.93
C GLU A 17 11.04 6.74 -19.12
N VAL A 18 12.15 7.22 -19.67
CA VAL A 18 12.10 8.13 -20.80
C VAL A 18 12.27 7.37 -22.10
N PHE A 19 13.39 6.65 -22.23
CA PHE A 19 13.69 5.96 -23.49
C PHE A 19 12.72 4.80 -23.71
N ASN A 20 12.47 4.00 -22.68
CA ASN A 20 11.63 2.83 -22.78
C ASN A 20 10.17 3.13 -22.45
N ALA A 21 9.75 4.39 -22.52
CA ALA A 21 8.36 4.73 -22.23
C ALA A 21 7.43 4.10 -23.26
N THR A 22 6.27 3.66 -22.78
CA THR A 22 5.31 3.01 -23.67
C THR A 22 4.75 3.99 -24.69
N ARG A 23 4.33 5.16 -24.24
CA ARG A 23 3.77 6.19 -25.10
C ARG A 23 4.69 7.41 -25.16
N PHE A 24 4.87 7.93 -26.37
CA PHE A 24 5.60 9.17 -26.60
C PHE A 24 4.64 10.27 -27.04
N ALA A 25 5.09 11.52 -26.87
CA ALA A 25 4.25 12.66 -27.16
C ALA A 25 4.47 13.14 -28.60
N SER A 26 3.49 13.88 -29.10
CA SER A 26 3.66 14.59 -30.36
C SER A 26 4.66 15.73 -30.18
N VAL A 27 5.40 16.03 -31.25
CA VAL A 27 6.48 17.01 -31.14
C VAL A 27 5.94 18.39 -30.76
N TYR A 28 4.72 18.72 -31.19
CA TYR A 28 4.17 20.02 -30.83
C TYR A 28 3.89 20.11 -29.34
N ALA A 29 3.60 18.98 -28.70
CA ALA A 29 3.36 18.93 -27.26
C ALA A 29 4.46 18.12 -26.58
N TRP A 30 5.72 18.38 -26.93
CA TRP A 30 6.82 17.59 -26.42
C TRP A 30 6.84 17.59 -24.88
N ASN A 31 7.25 16.45 -24.33
CA ASN A 31 7.23 16.23 -22.90
C ASN A 31 8.62 16.44 -22.31
N ARG A 32 8.67 17.06 -21.12
CA ARG A 32 9.91 17.25 -20.39
C ARG A 32 9.84 16.53 -19.05
N LYS A 33 10.91 15.84 -18.70
CA LYS A 33 11.07 15.20 -17.40
C LYS A 33 12.35 15.70 -16.76
N ARG A 34 12.27 16.06 -15.48
CA ARG A 34 13.43 16.54 -14.74
C ARG A 34 14.17 15.38 -14.11
N ILE A 35 15.46 15.27 -14.39
CA ILE A 35 16.33 14.24 -13.84
C ILE A 35 17.21 14.91 -12.79
N SER A 36 16.99 14.56 -11.52
CA SER A 36 17.75 15.14 -10.42
C SER A 36 18.03 14.10 -9.36
N ASN A 37 19.12 14.31 -8.62
CA ASN A 37 19.46 13.53 -7.44
C ASN A 37 19.59 12.04 -7.76
N CYS A 38 20.52 11.74 -8.68
CA CYS A 38 20.72 10.36 -9.12
C CYS A 38 22.10 10.26 -9.78
N VAL A 39 22.45 9.04 -10.16
CA VAL A 39 23.73 8.73 -10.80
C VAL A 39 23.43 8.22 -12.21
N ALA A 40 24.02 8.86 -13.20
CA ALA A 40 23.78 8.52 -14.61
C ALA A 40 24.93 7.70 -15.16
N ASP A 41 24.61 6.84 -16.13
CA ASP A 41 25.60 6.04 -16.87
C ASP A 41 25.46 6.41 -18.34
N TYR A 42 26.18 7.44 -18.77
CA TYR A 42 26.05 7.92 -20.14
C TYR A 42 26.79 7.06 -21.16
N SER A 43 27.86 6.38 -20.73
CA SER A 43 28.64 5.58 -21.66
C SER A 43 27.80 4.46 -22.27
N VAL A 44 26.92 3.84 -21.46
CA VAL A 44 26.07 2.77 -21.96
C VAL A 44 25.16 3.27 -23.07
N LEU A 45 24.61 4.47 -22.91
CA LEU A 45 23.78 5.06 -23.96
C LEU A 45 24.60 5.43 -25.18
N TYR A 46 25.78 6.00 -24.98
CA TYR A 46 26.60 6.47 -26.10
C TYR A 46 27.04 5.31 -27.00
N ASN A 47 27.43 4.19 -26.39
CA ASN A 47 27.88 3.02 -27.14
C ASN A 47 26.73 2.06 -27.48
N SER A 48 25.50 2.37 -27.10
CA SER A 48 24.38 1.50 -27.42
C SER A 48 24.15 1.45 -28.92
N ALA A 49 23.98 0.23 -29.45
CA ALA A 49 23.75 0.02 -30.87
C ALA A 49 22.30 0.21 -31.28
N SER A 50 21.47 0.81 -30.44
CA SER A 50 20.05 0.98 -30.71
C SER A 50 19.67 2.42 -31.05
N PHE A 51 20.65 3.28 -31.30
CA PHE A 51 20.41 4.69 -31.55
C PHE A 51 20.96 5.10 -32.90
N SER A 52 20.11 5.68 -33.74
CA SER A 52 20.55 6.17 -35.05
C SER A 52 21.31 7.47 -34.94
N THR A 53 21.01 8.29 -33.93
CA THR A 53 21.63 9.60 -33.75
C THR A 53 22.08 9.75 -32.31
N PHE A 54 23.30 10.25 -32.12
CA PHE A 54 23.83 10.56 -30.80
C PHE A 54 24.83 11.71 -30.95
N LYS A 55 24.30 12.89 -31.22
CA LYS A 55 25.12 14.08 -31.40
C LYS A 55 25.00 14.96 -30.16
N CYS A 56 26.14 15.30 -29.56
CA CYS A 56 26.20 16.13 -28.37
C CYS A 56 26.80 17.49 -28.72
N TYR A 57 26.32 18.54 -28.07
CA TYR A 57 26.74 19.90 -28.33
C TYR A 57 27.24 20.55 -27.04
N GLY A 58 28.35 21.27 -27.13
CA GLY A 58 28.91 21.94 -25.98
C GLY A 58 29.51 21.05 -24.93
N VAL A 59 29.63 19.75 -25.21
CA VAL A 59 30.18 18.80 -24.25
C VAL A 59 30.59 17.55 -25.01
N SER A 60 31.74 17.00 -24.64
CA SER A 60 32.24 15.80 -25.29
C SER A 60 31.52 14.57 -24.73
N PRO A 61 30.88 13.75 -25.58
CA PRO A 61 30.14 12.60 -25.05
C PRO A 61 31.01 11.53 -24.43
N THR A 62 32.29 11.45 -24.80
CA THR A 62 33.17 10.44 -24.22
C THR A 62 33.51 10.74 -22.77
N LYS A 63 33.61 12.02 -22.40
CA LYS A 63 33.93 12.42 -21.03
C LYS A 63 32.69 12.82 -20.24
N LEU A 64 31.51 12.26 -20.58
CA LEU A 64 30.30 12.60 -19.85
C LEU A 64 30.22 11.91 -18.50
N ASN A 65 30.79 10.72 -18.36
CA ASN A 65 30.79 10.03 -17.08
C ASN A 65 31.73 10.68 -16.08
N ASP A 66 32.52 11.67 -16.51
CA ASP A 66 33.45 12.37 -15.64
C ASP A 66 32.95 13.74 -15.24
N LEU A 67 31.72 14.10 -15.63
CA LEU A 67 31.16 15.42 -15.38
C LEU A 67 30.01 15.33 -14.39
N CYS A 68 29.77 16.43 -13.68
CA CYS A 68 28.65 16.54 -12.76
C CYS A 68 27.81 17.77 -13.12
N PHE A 69 26.50 17.65 -12.95
CA PHE A 69 25.59 18.74 -13.27
C PHE A 69 24.55 18.89 -12.17
N THR A 70 24.10 20.12 -11.96
CA THR A 70 23.07 20.37 -10.96
C THR A 70 21.76 19.71 -11.32
N ASN A 71 21.43 19.68 -12.61
CA ASN A 71 20.15 19.14 -13.08
C ASN A 71 20.31 18.67 -14.52
N VAL A 72 19.52 17.67 -14.88
CA VAL A 72 19.45 17.17 -16.25
C VAL A 72 17.97 17.08 -16.64
N TYR A 73 17.65 17.52 -17.85
CA TYR A 73 16.28 17.52 -18.33
C TYR A 73 16.19 16.72 -19.63
N ALA A 74 15.16 15.88 -19.73
CA ALA A 74 14.99 14.96 -20.84
C ALA A 74 13.71 15.31 -21.58
N ASP A 75 13.84 15.80 -22.80
CA ASP A 75 12.70 16.09 -23.67
C ASP A 75 12.53 14.97 -24.67
N SER A 76 11.30 14.46 -24.80
CA SER A 76 11.02 13.33 -25.67
C SER A 76 9.81 13.62 -26.55
N PHE A 77 9.85 13.12 -27.78
CA PHE A 77 8.78 13.30 -28.75
C PHE A 77 9.06 12.38 -29.93
N VAL A 78 8.18 12.43 -30.93
CA VAL A 78 8.29 11.61 -32.13
C VAL A 78 8.22 12.51 -33.36
N ILE A 79 9.16 12.33 -34.27
CA ILE A 79 9.15 12.93 -35.59
C ILE A 79 9.52 11.85 -36.60
N ARG A 80 9.67 12.25 -37.87
CA ARG A 80 10.12 11.32 -38.88
C ARG A 80 11.60 11.51 -39.15
N GLY A 81 12.19 10.54 -39.85
CA GLY A 81 13.64 10.46 -39.95
C GLY A 81 14.28 11.71 -40.54
N ASP A 82 13.79 12.14 -41.70
CA ASP A 82 14.37 13.30 -42.38
C ASP A 82 14.17 14.60 -41.60
N GLU A 83 13.46 14.56 -40.47
CA GLU A 83 13.31 15.70 -39.60
C GLU A 83 14.22 15.65 -38.38
N VAL A 84 14.91 14.52 -38.16
CA VAL A 84 15.82 14.40 -37.02
C VAL A 84 16.96 15.40 -37.14
N ARG A 85 17.39 15.70 -38.38
CA ARG A 85 18.45 16.68 -38.59
C ARG A 85 18.09 18.08 -38.09
N GLN A 86 16.80 18.33 -37.84
CA GLN A 86 16.38 19.66 -37.38
C GLN A 86 16.50 19.83 -35.88
N ILE A 87 16.56 18.74 -35.11
CA ILE A 87 16.71 18.85 -33.66
C ILE A 87 18.17 19.14 -33.36
N ALA A 88 18.58 20.38 -33.63
CA ALA A 88 19.96 20.82 -33.44
C ALA A 88 19.97 22.34 -33.44
N PRO A 89 20.94 22.97 -32.79
CA PRO A 89 20.99 24.44 -32.79
C PRO A 89 21.22 24.98 -34.19
N GLY A 90 20.58 26.11 -34.48
CA GLY A 90 20.77 26.78 -35.74
C GLY A 90 20.09 26.14 -36.93
N GLN A 91 19.00 25.40 -36.69
CA GLN A 91 18.27 24.74 -37.76
C GLN A 91 16.98 25.47 -38.07
N THR A 92 16.51 25.33 -39.31
CA THR A 92 15.25 25.88 -39.75
C THR A 92 14.43 24.78 -40.39
N GLY A 93 13.11 24.95 -40.38
CA GLY A 93 12.22 23.92 -40.85
C GLY A 93 10.97 23.83 -40.02
N LYS A 94 10.00 23.03 -40.48
CA LYS A 94 8.71 22.94 -39.81
C LYS A 94 8.86 22.57 -38.33
N ILE A 95 9.84 21.72 -38.01
CA ILE A 95 10.00 21.28 -36.62
C ILE A 95 10.76 22.31 -35.80
N ALA A 96 11.90 22.79 -36.33
CA ALA A 96 12.71 23.75 -35.59
C ALA A 96 12.02 25.10 -35.44
N ASP A 97 11.22 25.50 -36.43
CA ASP A 97 10.60 26.81 -36.39
C ASP A 97 9.32 26.82 -35.57
N TYR A 98 8.51 25.75 -35.67
CA TYR A 98 7.16 25.76 -35.10
C TYR A 98 6.93 24.74 -34.01
N ASN A 99 7.88 23.84 -33.72
CA ASN A 99 7.57 22.73 -32.82
C ASN A 99 8.57 22.55 -31.69
N TYR A 100 9.86 22.47 -32.01
CA TYR A 100 10.88 22.27 -30.99
C TYR A 100 12.15 22.98 -31.42
N LYS A 101 12.56 23.99 -30.66
CA LYS A 101 13.69 24.83 -31.01
C LYS A 101 14.78 24.72 -29.96
N LEU A 102 16.01 24.45 -30.41
CA LEU A 102 17.14 24.45 -29.51
C LEU A 102 17.87 25.78 -29.55
N PRO A 103 18.37 26.26 -28.42
CA PRO A 103 19.12 27.52 -28.44
C PRO A 103 20.48 27.33 -29.10
N ASP A 104 21.05 28.46 -29.53
CA ASP A 104 22.36 28.40 -30.18
C ASP A 104 23.42 27.86 -29.23
N ASP A 105 23.32 28.20 -27.95
CA ASP A 105 24.27 27.75 -26.92
C ASP A 105 23.83 26.47 -26.24
N PHE A 106 23.15 25.57 -26.96
CA PHE A 106 22.64 24.35 -26.35
C PHE A 106 23.79 23.46 -25.89
N THR A 107 23.72 23.02 -24.64
CA THR A 107 24.67 22.06 -24.07
C THR A 107 23.90 20.81 -23.70
N GLY A 108 24.12 19.74 -24.45
CA GLY A 108 23.41 18.50 -24.22
C GLY A 108 23.62 17.54 -25.37
N CYS A 109 22.80 16.50 -25.38
CA CYS A 109 22.90 15.45 -26.39
C CYS A 109 21.52 15.17 -26.99
N VAL A 110 21.50 14.91 -28.30
CA VAL A 110 20.28 14.60 -29.03
C VAL A 110 20.35 13.14 -29.45
N ILE A 111 19.40 12.34 -28.97
CA ILE A 111 19.37 10.90 -29.22
C ILE A 111 18.09 10.56 -29.95
N ALA A 112 18.19 9.72 -30.98
CA ALA A 112 17.04 9.35 -31.78
C ALA A 112 17.21 7.94 -32.30
N TRP A 113 16.08 7.25 -32.49
CA TRP A 113 16.10 5.89 -33.02
C TRP A 113 14.80 5.63 -33.78
N ASN A 114 14.88 4.72 -34.74
CA ASN A 114 13.73 4.36 -35.56
C ASN A 114 12.71 3.59 -34.74
N SER A 115 11.47 4.09 -34.69
CA SER A 115 10.39 3.48 -33.93
C SER A 115 9.27 3.02 -34.85
N ASN A 116 9.63 2.50 -36.03
CA ASN A 116 8.62 2.09 -37.01
C ASN A 116 7.82 0.90 -36.50
N ASN A 117 8.45 -0.02 -35.78
CA ASN A 117 7.74 -1.20 -35.31
C ASN A 117 6.74 -0.89 -34.20
N LEU A 118 6.84 0.29 -33.59
CA LEU A 118 5.97 0.68 -32.49
C LEU A 118 4.96 1.76 -32.87
N ASP A 119 5.38 2.77 -33.63
CA ASP A 119 4.54 3.93 -33.91
C ASP A 119 3.91 3.89 -35.28
N SER A 120 3.90 2.73 -35.94
CA SER A 120 3.24 2.57 -37.23
C SER A 120 2.11 1.56 -37.11
N LYS A 121 0.93 1.94 -37.61
CA LYS A 121 -0.24 1.07 -37.62
C LYS A 121 -0.47 0.55 -39.03
N VAL A 122 -1.31 -0.49 -39.14
CA VAL A 122 -1.56 -1.10 -40.44
C VAL A 122 -2.19 -0.08 -41.38
N GLY A 123 -3.25 0.57 -40.94
CA GLY A 123 -3.89 1.61 -41.73
C GLY A 123 -3.31 2.99 -41.54
N GLY A 124 -2.16 3.11 -40.86
CA GLY A 124 -1.55 4.40 -40.62
C GLY A 124 -1.78 4.90 -39.21
N ASN A 125 -0.71 5.35 -38.55
CA ASN A 125 -0.81 5.93 -37.22
C ASN A 125 -1.00 7.43 -37.37
N TYR A 126 -2.16 7.94 -36.96
CA TYR A 126 -2.48 9.35 -37.08
C TYR A 126 -2.58 10.04 -35.73
N ASN A 127 -2.10 9.40 -34.67
CA ASN A 127 -2.13 10.01 -33.34
C ASN A 127 -1.04 11.06 -33.18
N TYR A 128 0.11 10.89 -33.81
CA TYR A 128 1.21 11.85 -33.70
C TYR A 128 0.95 13.04 -34.61
N LEU A 129 1.09 14.24 -34.04
CA LEU A 129 0.80 15.48 -34.75
C LEU A 129 2.03 16.37 -34.77
N TYR A 130 1.99 17.38 -35.64
CA TYR A 130 3.01 18.42 -35.68
C TYR A 130 2.37 19.73 -36.12
N ARG A 131 2.94 20.84 -35.67
CA ARG A 131 2.41 22.15 -36.00
C ARG A 131 2.84 22.56 -37.40
N LEU A 132 1.88 23.02 -38.19
CA LEU A 132 2.08 23.30 -39.62
C LEU A 132 2.26 24.79 -39.91
N PHE A 133 1.52 25.66 -39.22
CA PHE A 133 1.63 27.11 -39.38
C PHE A 133 1.80 27.77 -38.03
N ARG A 134 2.42 28.95 -38.04
CA ARG A 134 2.53 29.78 -36.84
C ARG A 134 2.88 31.20 -37.25
N LYS A 135 2.42 32.16 -36.44
CA LYS A 135 2.67 33.57 -36.75
C LYS A 135 4.16 33.90 -36.68
N SER A 136 4.89 33.27 -35.75
CA SER A 136 6.31 33.53 -35.59
C SER A 136 6.98 32.24 -35.13
N ASN A 137 8.30 32.20 -35.31
CA ASN A 137 9.05 31.02 -34.92
C ASN A 137 9.06 30.89 -33.40
N LEU A 138 9.21 29.64 -32.94
CA LEU A 138 9.33 29.40 -31.51
C LEU A 138 10.64 29.95 -30.99
N LYS A 139 10.61 30.46 -29.77
CA LYS A 139 11.82 30.72 -29.03
C LYS A 139 12.38 29.39 -28.51
N PRO A 140 13.66 29.36 -28.14
CA PRO A 140 14.24 28.09 -27.67
C PRO A 140 13.46 27.53 -26.48
N PHE A 141 13.21 26.22 -26.53
CA PHE A 141 12.52 25.50 -25.46
C PHE A 141 11.11 26.02 -25.23
N GLU A 142 10.49 26.61 -26.25
CA GLU A 142 9.10 27.02 -26.18
C GLU A 142 8.20 25.85 -26.58
N ARG A 143 7.07 25.73 -25.91
CA ARG A 143 6.05 24.73 -26.25
C ARG A 143 4.75 25.45 -26.56
N ASP A 144 4.13 25.09 -27.68
CA ASP A 144 2.87 25.68 -28.14
C ASP A 144 1.88 24.55 -28.38
N ILE A 145 0.83 24.49 -27.56
CA ILE A 145 -0.18 23.44 -27.67
C ILE A 145 -1.53 24.02 -28.08
N SER A 146 -1.57 25.26 -28.56
CA SER A 146 -2.83 25.86 -28.97
C SER A 146 -3.34 25.23 -30.25
N THR A 147 -4.67 25.16 -30.36
CA THR A 147 -5.33 24.62 -31.55
C THR A 147 -6.20 25.67 -32.23
N GLU A 148 -5.79 26.93 -32.14
CA GLU A 148 -6.53 28.02 -32.74
C GLU A 148 -6.30 28.05 -34.26
N ILE A 149 -7.37 28.35 -35.00
CA ILE A 149 -7.29 28.37 -36.46
C ILE A 149 -6.27 29.43 -36.90
N TYR A 150 -5.34 29.03 -37.76
CA TYR A 150 -4.31 29.93 -38.24
C TYR A 150 -4.86 30.84 -39.32
N GLN A 151 -4.68 32.15 -39.13
CA GLN A 151 -5.15 33.16 -40.08
C GLN A 151 -3.99 33.52 -41.01
N ALA A 152 -4.05 33.04 -42.24
CA ALA A 152 -3.02 33.31 -43.24
C ALA A 152 -3.27 34.59 -44.02
N GLY A 153 -4.45 35.20 -43.88
CA GLY A 153 -4.77 36.43 -44.58
C GLY A 153 -5.10 37.55 -43.63
N SER A 154 -5.65 38.65 -44.14
CA SER A 154 -6.04 39.77 -43.29
C SER A 154 -7.44 39.61 -42.70
N LYS A 155 -8.25 38.70 -43.23
CA LYS A 155 -9.62 38.51 -42.75
C LYS A 155 -9.65 37.51 -41.60
N PRO A 156 -10.52 37.76 -40.62
CA PRO A 156 -10.61 36.85 -39.47
C PRO A 156 -11.26 35.53 -39.86
N CYS A 157 -10.93 34.49 -39.09
CA CYS A 157 -11.34 33.13 -39.41
C CYS A 157 -12.60 32.69 -38.71
N ASN A 158 -12.92 33.27 -37.55
CA ASN A 158 -14.15 32.98 -36.81
C ASN A 158 -14.24 31.52 -36.38
N GLY A 159 -13.10 30.88 -36.17
CA GLY A 159 -13.06 29.51 -35.68
C GLY A 159 -13.45 28.45 -36.69
N VAL A 160 -13.60 28.81 -37.97
CA VAL A 160 -13.91 27.86 -39.02
C VAL A 160 -12.81 27.92 -40.07
N GLU A 161 -12.46 26.76 -40.63
CA GLU A 161 -11.45 26.70 -41.69
C GLU A 161 -12.03 27.13 -43.03
N GLY A 162 -11.16 27.62 -43.89
CA GLY A 162 -11.55 28.06 -45.21
C GLY A 162 -10.36 28.63 -45.97
N PHE A 163 -10.62 29.56 -46.88
CA PHE A 163 -9.53 30.23 -47.59
C PHE A 163 -8.70 31.04 -46.61
N ASN A 164 -7.40 30.76 -46.57
CA ASN A 164 -6.45 31.41 -45.67
C ASN A 164 -6.82 31.22 -44.20
N CYS A 165 -7.52 30.13 -43.89
CA CYS A 165 -7.88 29.79 -42.52
C CYS A 165 -7.72 28.28 -42.36
N TYR A 166 -6.61 27.87 -41.74
CA TYR A 166 -6.25 26.46 -41.67
C TYR A 166 -6.00 26.05 -40.23
N PHE A 167 -6.31 24.79 -39.94
CA PHE A 167 -6.02 24.25 -38.62
C PHE A 167 -4.52 24.09 -38.47
N PRO A 168 -3.92 24.50 -37.34
CA PRO A 168 -2.46 24.59 -37.27
C PRO A 168 -1.76 23.25 -37.14
N LEU A 169 -2.45 22.21 -36.69
CA LEU A 169 -1.83 20.91 -36.47
C LEU A 169 -2.13 19.97 -37.65
N GLN A 170 -1.11 19.22 -38.05
CA GLN A 170 -1.24 18.22 -39.11
C GLN A 170 -0.73 16.90 -38.57
N SER A 171 -1.38 15.81 -39.00
CA SER A 171 -1.02 14.49 -38.54
C SER A 171 0.02 13.85 -39.46
N TYR A 172 0.88 13.02 -38.87
CA TYR A 172 1.82 12.26 -39.66
C TYR A 172 1.13 11.05 -40.29
N GLY A 173 1.75 10.53 -41.35
CA GLY A 173 1.24 9.33 -41.98
C GLY A 173 1.61 8.09 -41.20
N PHE A 174 2.89 7.74 -41.21
CA PHE A 174 3.42 6.60 -40.47
C PHE A 174 2.71 5.31 -40.86
N GLN A 175 3.12 4.74 -42.00
CA GLN A 175 2.70 3.42 -42.41
C GLN A 175 3.93 2.53 -42.55
N PRO A 176 3.80 1.23 -42.30
CA PRO A 176 4.99 0.37 -42.30
C PRO A 176 5.77 0.40 -43.60
N THR A 177 5.09 0.61 -44.73
CA THR A 177 5.72 0.57 -46.04
C THR A 177 6.34 1.90 -46.46
N ASN A 178 6.22 2.95 -45.64
CA ASN A 178 6.84 4.21 -45.96
C ASN A 178 8.37 4.09 -46.05
N GLY A 179 8.98 5.02 -46.75
CA GLY A 179 10.42 5.10 -46.80
C GLY A 179 11.01 5.43 -45.44
N VAL A 180 12.30 5.10 -45.29
CA VAL A 180 12.99 5.31 -44.01
C VAL A 180 12.90 6.77 -43.59
N GLY A 181 13.04 7.70 -44.55
CA GLY A 181 12.94 9.11 -44.23
C GLY A 181 11.57 9.54 -43.75
N TYR A 182 10.54 8.74 -44.03
CA TYR A 182 9.18 9.03 -43.63
C TYR A 182 8.70 8.19 -42.46
N GLN A 183 9.54 7.30 -41.94
CA GLN A 183 9.17 6.45 -40.81
C GLN A 183 9.31 7.21 -39.49
N PRO A 184 8.56 6.80 -38.47
CA PRO A 184 8.63 7.51 -37.18
C PRO A 184 9.94 7.25 -36.45
N TYR A 185 10.45 8.28 -35.80
CA TYR A 185 11.64 8.20 -34.96
C TYR A 185 11.32 8.81 -33.61
N ARG A 186 11.79 8.15 -32.54
CA ARG A 186 11.63 8.67 -31.19
C ARG A 186 12.90 9.42 -30.80
N VAL A 187 12.72 10.64 -30.30
CA VAL A 187 13.83 11.54 -30.00
C VAL A 187 13.84 11.82 -28.51
N VAL A 188 15.04 11.79 -27.92
CA VAL A 188 15.24 12.18 -26.53
C VAL A 188 16.35 13.23 -26.50
N VAL A 189 16.03 14.42 -25.99
CA VAL A 189 16.97 15.53 -25.92
C VAL A 189 17.35 15.74 -24.46
N LEU A 190 18.55 15.33 -24.09
CA LEU A 190 19.10 15.57 -22.76
C LEU A 190 19.81 16.92 -22.77
N SER A 191 19.41 17.81 -21.87
CA SER A 191 20.08 19.09 -21.66
C SER A 191 20.64 19.12 -20.24
N PHE A 192 21.88 19.59 -20.11
CA PHE A 192 22.59 19.57 -18.85
C PHE A 192 22.60 20.98 -18.27
N GLU A 193 22.01 21.13 -17.09
CA GLU A 193 21.92 22.41 -16.41
C GLU A 193 22.98 22.49 -15.33
N LEU A 194 23.66 23.64 -15.25
CA LEU A 194 24.76 23.83 -14.32
C LEU A 194 24.56 25.20 -13.65
N LEU A 195 24.10 25.17 -12.41
CA LEU A 195 23.86 26.36 -11.60
C LEU A 195 24.92 26.46 -10.51
N HIS A 196 24.92 27.59 -9.81
CA HIS A 196 25.79 27.75 -8.64
C HIS A 196 25.13 27.12 -7.42
N ALA A 197 24.93 25.81 -7.52
CA ALA A 197 24.28 25.01 -6.50
C ALA A 197 24.94 23.65 -6.47
N PRO A 198 24.75 22.87 -5.40
CA PRO A 198 25.31 21.51 -5.37
C PRO A 198 24.84 20.68 -6.55
N ALA A 199 25.79 20.03 -7.22
CA ALA A 199 25.46 19.18 -8.36
C ALA A 199 24.80 17.89 -7.88
N THR A 200 23.64 17.58 -8.47
CA THR A 200 22.84 16.44 -8.04
C THR A 200 22.83 15.28 -9.03
N VAL A 201 23.33 15.47 -10.24
CA VAL A 201 23.35 14.42 -11.25
C VAL A 201 24.79 14.26 -11.74
N CYS A 202 25.45 13.19 -11.31
CA CYS A 202 26.80 12.87 -11.75
C CYS A 202 26.79 11.55 -12.52
N GLY A 203 27.87 11.33 -13.27
CA GLY A 203 28.09 10.08 -13.98
C GLY A 203 29.04 9.17 -13.23
N LYS A 204 28.71 7.88 -13.19
CA LYS A 204 29.60 6.88 -12.63
C LYS A 204 29.85 5.74 -13.60
N GLN B 1 22.92 27.34 -4.33
CA GLN B 1 22.89 28.70 -3.80
C GLN B 1 22.16 29.65 -4.73
N VAL B 2 21.07 29.18 -5.33
CA VAL B 2 20.21 30.06 -6.12
C VAL B 2 19.43 30.96 -5.16
N GLN B 3 19.54 32.27 -5.36
CA GLN B 3 18.93 33.23 -4.45
C GLN B 3 18.28 34.36 -5.23
N LEU B 4 17.09 34.76 -4.78
CA LEU B 4 16.33 35.85 -5.39
C LEU B 4 15.91 36.81 -4.28
N VAL B 5 16.22 38.08 -4.46
CA VAL B 5 15.96 39.11 -3.46
C VAL B 5 14.98 40.12 -4.04
N GLU B 6 13.85 40.33 -3.37
CA GLU B 6 12.85 41.29 -3.79
C GLU B 6 12.96 42.57 -2.97
N SER B 7 12.40 43.64 -3.54
CA SER B 7 12.38 44.94 -2.88
C SER B 7 11.29 45.78 -3.51
N GLY B 8 11.13 47.01 -3.01
CA GLY B 8 10.13 47.92 -3.51
C GLY B 8 8.75 47.79 -2.91
N GLY B 9 8.53 46.81 -2.04
CA GLY B 9 7.22 46.64 -1.43
C GLY B 9 7.02 47.61 -0.27
N GLY B 10 5.78 48.07 -0.14
CA GLY B 10 5.41 48.97 0.94
C GLY B 10 3.97 49.41 0.87
N VAL B 11 3.66 50.56 1.44
CA VAL B 11 2.30 51.10 1.41
C VAL B 11 2.10 51.87 0.11
N VAL B 12 0.96 51.64 -0.53
CA VAL B 12 0.63 52.27 -1.80
C VAL B 12 -0.87 52.55 -1.83
N GLN B 13 -1.25 53.69 -2.39
CA GLN B 13 -2.64 54.11 -2.36
C GLN B 13 -3.44 53.41 -3.46
N PRO B 14 -4.74 53.18 -3.24
CA PRO B 14 -5.56 52.53 -4.27
C PRO B 14 -5.65 53.38 -5.52
N GLY B 15 -5.37 52.77 -6.67
CA GLY B 15 -5.35 53.48 -7.93
C GLY B 15 -4.02 54.08 -8.31
N ARG B 16 -3.09 54.20 -7.37
CA ARG B 16 -1.75 54.67 -7.67
C ARG B 16 -0.91 53.50 -8.19
N SER B 17 0.40 53.68 -8.29
CA SER B 17 1.26 52.68 -8.89
C SER B 17 2.46 52.38 -8.01
N LEU B 18 3.01 51.18 -8.19
CA LEU B 18 4.21 50.74 -7.49
C LEU B 18 4.95 49.75 -8.39
N ARG B 19 6.27 49.73 -8.27
CA ARG B 19 7.11 48.87 -9.09
C ARG B 19 8.05 48.06 -8.21
N LEU B 20 7.89 46.73 -8.25
CA LEU B 20 8.76 45.83 -7.51
C LEU B 20 9.97 45.44 -8.37
N SER B 21 11.04 45.03 -7.70
CA SER B 21 12.24 44.56 -8.37
C SER B 21 12.74 43.29 -7.70
N CYS B 22 13.40 42.45 -8.48
CA CYS B 22 13.89 41.15 -8.01
C CYS B 22 15.31 40.95 -8.50
N ALA B 23 16.26 40.82 -7.58
CA ALA B 23 17.66 40.63 -7.91
C ALA B 23 18.00 39.16 -7.83
N ALA B 24 18.52 38.61 -8.92
CA ALA B 24 18.82 37.19 -9.04
C ALA B 24 20.33 36.95 -8.96
N SER B 25 20.69 35.78 -8.44
CA SER B 25 22.09 35.37 -8.37
C SER B 25 22.15 33.85 -8.32
N GLY B 26 23.21 33.30 -8.90
CA GLY B 26 23.43 31.87 -8.92
C GLY B 26 23.14 31.18 -10.24
N PHE B 27 22.79 31.94 -11.28
CA PHE B 27 22.50 31.36 -12.59
C PHE B 27 22.51 32.47 -13.62
N THR B 28 22.65 32.07 -14.88
CA THR B 28 22.63 33.03 -15.98
C THR B 28 21.24 33.61 -16.16
N PHE B 29 20.97 34.72 -15.46
CA PHE B 29 19.64 35.31 -15.46
C PHE B 29 19.18 35.66 -16.86
N SER B 30 20.10 36.11 -17.72
CA SER B 30 19.73 36.55 -19.07
C SER B 30 19.18 35.44 -19.93
N THR B 31 19.42 34.17 -19.58
CA THR B 31 18.94 33.06 -20.37
C THR B 31 17.63 32.46 -19.86
N TYR B 32 17.32 32.63 -18.58
CA TYR B 32 16.17 31.97 -17.96
C TYR B 32 14.92 32.85 -17.98
N ALA B 33 13.77 32.19 -17.96
CA ALA B 33 12.49 32.85 -17.82
C ALA B 33 12.19 33.12 -16.34
N MET B 34 11.35 34.12 -16.10
CA MET B 34 11.12 34.62 -14.75
C MET B 34 9.64 34.73 -14.44
N HIS B 35 9.31 34.56 -13.16
CA HIS B 35 7.93 34.52 -12.69
C HIS B 35 7.72 35.55 -11.59
N TRP B 36 6.45 35.92 -11.41
CA TRP B 36 5.98 36.63 -10.22
C TRP B 36 4.80 35.88 -9.64
N VAL B 37 4.82 35.63 -8.34
CA VAL B 37 3.72 34.98 -7.64
C VAL B 37 3.40 35.78 -6.38
N ARG B 38 2.12 35.86 -6.05
CA ARG B 38 1.68 36.61 -4.87
C ARG B 38 0.77 35.73 -4.02
N GLN B 39 0.54 36.19 -2.79
CA GLN B 39 -0.30 35.46 -1.85
C GLN B 39 -0.94 36.48 -0.91
N ALA B 40 -2.24 36.70 -1.06
CA ALA B 40 -2.95 37.62 -0.19
C ALA B 40 -2.99 37.07 1.23
N PRO B 41 -3.11 37.94 2.24
CA PRO B 41 -3.15 37.45 3.63
C PRO B 41 -4.30 36.48 3.85
N GLY B 42 -3.97 35.29 4.35
CA GLY B 42 -4.95 34.27 4.60
C GLY B 42 -5.45 33.55 3.36
N LYS B 43 -4.82 33.76 2.21
CA LYS B 43 -5.24 33.14 0.96
C LYS B 43 -4.18 32.15 0.47
N GLY B 44 -4.47 31.54 -0.67
CA GLY B 44 -3.56 30.63 -1.32
C GLY B 44 -2.62 31.37 -2.26
N LEU B 45 -1.85 30.58 -3.01
CA LEU B 45 -0.88 31.11 -3.93
C LEU B 45 -1.53 31.42 -5.28
N GLU B 46 -1.13 32.53 -5.89
CA GLU B 46 -1.70 32.97 -7.16
C GLU B 46 -0.57 33.37 -8.10
N TRP B 47 -0.51 32.73 -9.25
CA TRP B 47 0.48 33.08 -10.26
C TRP B 47 0.11 34.42 -10.91
N VAL B 48 1.10 35.28 -11.08
CA VAL B 48 0.88 36.65 -11.55
C VAL B 48 1.32 36.83 -13.00
N ALA B 49 2.60 36.63 -13.28
CA ALA B 49 3.11 36.89 -14.63
C ALA B 49 4.38 36.09 -14.85
N VAL B 50 4.74 35.94 -16.12
CA VAL B 50 5.96 35.25 -16.53
C VAL B 50 6.58 36.00 -17.70
N LEU B 51 7.91 36.02 -17.74
CA LEU B 51 8.66 36.72 -18.77
C LEU B 51 9.64 35.76 -19.43
N SER B 52 9.82 35.91 -20.74
CA SER B 52 10.77 35.09 -21.47
C SER B 52 12.19 35.57 -21.18
N TYR B 53 13.18 34.85 -21.71
CA TYR B 53 14.57 35.17 -21.41
C TYR B 53 14.95 36.55 -21.90
N ASP B 54 14.53 36.91 -23.10
CA ASP B 54 14.87 38.20 -23.69
C ASP B 54 13.88 39.30 -23.36
N GLY B 55 12.77 38.98 -22.72
CA GLY B 55 11.80 39.98 -22.32
C GLY B 55 10.77 40.35 -23.37
N SER B 56 10.78 39.68 -24.53
CA SER B 56 9.85 40.07 -25.59
C SER B 56 8.48 39.43 -25.43
N ASN B 57 8.39 38.25 -24.82
CA ASN B 57 7.13 37.55 -24.64
C ASN B 57 6.70 37.64 -23.18
N LYS B 58 5.46 38.10 -22.96
CA LYS B 58 4.91 38.29 -21.62
C LYS B 58 3.55 37.63 -21.53
N TYR B 59 3.26 37.04 -20.37
CA TYR B 59 1.98 36.41 -20.10
C TYR B 59 1.56 36.72 -18.68
N TYR B 60 0.30 37.12 -18.50
CA TYR B 60 -0.21 37.59 -17.23
C TYR B 60 -1.42 36.76 -16.82
N ALA B 61 -1.83 36.93 -15.57
CA ALA B 61 -3.07 36.37 -15.07
C ALA B 61 -4.21 37.37 -15.29
N ASP B 62 -5.41 36.85 -15.50
CA ASP B 62 -6.56 37.70 -15.77
C ASP B 62 -6.80 38.70 -14.65
N SER B 63 -6.47 38.33 -13.40
CA SER B 63 -6.67 39.23 -12.28
C SER B 63 -5.81 40.49 -12.38
N VAL B 64 -4.73 40.45 -13.14
CA VAL B 64 -3.81 41.58 -13.26
C VAL B 64 -3.58 42.00 -14.71
N LYS B 65 -4.26 41.38 -15.67
CA LYS B 65 -4.07 41.75 -17.07
C LYS B 65 -4.48 43.20 -17.31
N GLY B 66 -3.66 43.92 -18.07
CA GLY B 66 -3.91 45.32 -18.34
C GLY B 66 -3.61 46.26 -17.20
N ARG B 67 -3.24 45.76 -16.03
CA ARG B 67 -2.86 46.58 -14.89
C ARG B 67 -1.40 46.38 -14.49
N PHE B 68 -0.92 45.15 -14.51
CA PHE B 68 0.48 44.85 -14.20
C PHE B 68 1.28 44.68 -15.48
N THR B 69 2.56 45.02 -15.42
CA THR B 69 3.46 44.87 -16.55
C THR B 69 4.78 44.31 -16.04
N ILE B 70 5.21 43.19 -16.61
CA ILE B 70 6.43 42.51 -16.20
C ILE B 70 7.54 42.84 -17.18
N SER B 71 8.72 43.17 -16.66
CA SER B 71 9.86 43.55 -17.49
C SER B 71 11.12 43.06 -16.81
N ARG B 72 12.24 43.18 -17.52
CA ARG B 72 13.53 42.74 -17.00
C ARG B 72 14.65 43.56 -17.62
N ASP B 73 15.75 43.67 -16.89
CA ASP B 73 16.97 44.35 -17.34
C ASP B 73 18.11 43.36 -17.17
N ASN B 74 18.45 42.65 -18.24
CA ASN B 74 19.44 41.57 -18.15
C ASN B 74 20.83 42.09 -17.79
N SER B 75 21.14 43.34 -18.12
CA SER B 75 22.44 43.89 -17.76
C SER B 75 22.57 44.06 -16.25
N LYS B 76 21.47 44.37 -15.58
CA LYS B 76 21.44 44.55 -14.13
C LYS B 76 21.03 43.29 -13.38
N ASN B 77 20.73 42.21 -14.09
CA ASN B 77 20.32 40.94 -13.48
C ASN B 77 19.16 41.13 -12.51
N THR B 78 18.19 41.94 -12.91
CA THR B 78 17.02 42.19 -12.09
C THR B 78 15.75 42.02 -12.92
N LEU B 79 14.67 41.62 -12.23
CA LEU B 79 13.35 41.46 -12.81
C LEU B 79 12.40 42.46 -12.16
N TYR B 80 11.58 43.10 -12.98
CA TYR B 80 10.67 44.14 -12.51
C TYR B 80 9.22 43.69 -12.61
N LEU B 81 8.37 44.35 -11.82
CA LEU B 81 6.92 44.17 -11.89
C LEU B 81 6.28 45.54 -11.66
N GLN B 82 5.87 46.19 -12.75
CA GLN B 82 5.18 47.47 -12.66
C GLN B 82 3.72 47.23 -12.36
N MET B 83 3.25 47.70 -11.20
CA MET B 83 1.88 47.54 -10.77
C MET B 83 1.16 48.88 -10.90
N ASN B 84 0.14 48.92 -11.76
CA ASN B 84 -0.67 50.11 -11.98
C ASN B 84 -2.12 49.81 -11.62
N SER B 85 -2.88 50.89 -11.37
CA SER B 85 -4.30 50.80 -11.05
C SER B 85 -4.53 49.81 -9.91
N LEU B 86 -3.74 49.97 -8.85
CA LEU B 86 -3.73 49.00 -7.76
C LEU B 86 -5.07 48.99 -7.02
N ARG B 87 -5.49 47.81 -6.62
CA ARG B 87 -6.71 47.59 -5.86
C ARG B 87 -6.36 47.03 -4.49
N ALA B 88 -7.38 46.97 -3.62
CA ALA B 88 -7.17 46.40 -2.29
C ALA B 88 -6.85 44.92 -2.36
N GLU B 89 -7.37 44.22 -3.36
CA GLU B 89 -7.11 42.79 -3.53
C GLU B 89 -5.69 42.50 -3.97
N ASP B 90 -4.92 43.52 -4.35
CA ASP B 90 -3.52 43.33 -4.70
C ASP B 90 -2.61 43.30 -3.48
N THR B 91 -3.13 43.61 -2.29
CA THR B 91 -2.39 43.49 -1.05
C THR B 91 -1.98 42.03 -0.84
N ALA B 92 -0.67 41.76 -0.93
CA ALA B 92 -0.17 40.40 -0.86
C ALA B 92 1.34 40.45 -0.65
N VAL B 93 1.93 39.27 -0.44
CA VAL B 93 3.37 39.08 -0.49
C VAL B 93 3.73 38.62 -1.89
N TYR B 94 4.65 39.33 -2.54
CA TYR B 94 5.03 39.04 -3.92
C TYR B 94 6.40 38.37 -3.96
N TYR B 95 6.46 37.25 -4.66
CA TYR B 95 7.70 36.50 -4.86
C TYR B 95 8.05 36.47 -6.34
N CYS B 96 9.35 36.46 -6.62
CA CYS B 96 9.84 36.08 -7.92
C CYS B 96 10.35 34.64 -7.87
N ALA B 97 10.32 33.97 -9.02
CA ALA B 97 10.71 32.58 -9.10
C ALA B 97 11.41 32.33 -10.42
N LYS B 98 12.47 31.52 -10.38
CA LYS B 98 13.20 31.17 -11.59
C LYS B 98 12.38 30.20 -12.43
N GLY B 99 12.25 30.52 -13.72
CA GLY B 99 11.50 29.69 -14.64
C GLY B 99 12.38 28.68 -15.34
N GLY B 100 11.93 28.27 -16.52
CA GLY B 100 12.63 27.27 -17.30
C GLY B 100 13.80 27.84 -18.07
N SER B 101 14.32 27.01 -18.99
CA SER B 101 15.61 27.29 -19.61
C SER B 101 15.59 28.60 -20.38
N TYR B 102 14.64 28.76 -21.31
CA TYR B 102 14.60 29.95 -22.18
C TYR B 102 13.19 30.52 -22.26
N ALA B 103 12.34 29.89 -23.07
CA ALA B 103 10.92 30.21 -23.14
C ALA B 103 10.09 29.09 -22.52
N TYR B 104 10.69 28.32 -21.62
CA TYR B 104 9.99 27.25 -20.92
C TYR B 104 9.39 27.85 -19.65
N TYR B 105 8.25 28.52 -19.83
CA TYR B 105 7.62 29.25 -18.73
C TYR B 105 7.01 28.34 -17.67
N TYR B 106 7.12 27.03 -17.81
CA TYR B 106 6.33 26.11 -17.00
C TYR B 106 7.02 25.73 -15.69
N TYR B 107 8.24 26.18 -15.45
CA TYR B 107 8.92 25.88 -14.20
C TYR B 107 8.85 27.08 -13.26
N MET B 108 8.90 26.79 -11.95
CA MET B 108 8.85 27.77 -10.88
C MET B 108 9.66 27.18 -9.73
N ASP B 109 10.97 27.07 -9.97
CA ASP B 109 11.90 26.39 -9.08
C ASP B 109 12.09 27.17 -7.78
N VAL B 110 13.17 27.93 -7.69
CA VAL B 110 13.52 28.65 -6.47
C VAL B 110 12.67 29.91 -6.37
N TRP B 111 12.08 30.13 -5.19
CA TRP B 111 11.34 31.34 -4.90
C TRP B 111 12.19 32.28 -4.06
N GLY B 112 11.85 33.57 -4.14
CA GLY B 112 12.50 34.54 -3.29
C GLY B 112 11.90 34.58 -1.91
N LYS B 113 12.53 35.39 -1.05
CA LYS B 113 12.01 35.55 0.31
C LYS B 113 10.68 36.30 0.31
N GLY B 114 10.47 37.21 -0.64
CA GLY B 114 9.20 37.89 -0.77
C GLY B 114 9.18 39.30 -0.24
N THR B 115 8.51 40.20 -0.96
CA THR B 115 8.30 41.57 -0.52
C THR B 115 6.80 41.82 -0.35
N THR B 116 6.46 42.68 0.61
CA THR B 116 5.08 42.89 1.02
C THR B 116 4.53 44.18 0.43
N VAL B 117 3.40 44.07 -0.26
CA VAL B 117 2.70 45.20 -0.84
C VAL B 117 1.37 45.36 -0.12
N THR B 118 1.17 46.53 0.49
CA THR B 118 -0.06 46.85 1.21
C THR B 118 -0.75 48.00 0.51
N VAL B 119 -1.97 47.77 0.04
CA VAL B 119 -2.73 48.77 -0.68
C VAL B 119 -3.74 49.39 0.29
N SER B 120 -3.45 50.62 0.72
CA SER B 120 -4.29 51.32 1.67
C SER B 120 -4.03 52.81 1.53
N SER B 121 -5.09 53.60 1.63
CA SER B 121 -4.97 55.05 1.64
C SER B 121 -4.79 55.62 3.03
N ALA B 122 -4.68 54.77 4.05
CA ALA B 122 -4.53 55.23 5.41
C ALA B 122 -3.12 55.76 5.66
N SER B 123 -3.00 56.59 6.69
CA SER B 123 -1.76 57.20 7.09
C SER B 123 -1.27 56.57 8.39
N THR B 124 0.04 56.69 8.62
CA THR B 124 0.65 56.17 9.83
C THR B 124 0.01 56.76 11.07
N LYS B 125 -0.45 55.90 11.98
CA LYS B 125 -1.14 56.34 13.19
C LYS B 125 -0.82 55.38 14.32
N GLY B 126 -0.51 55.93 15.49
CA GLY B 126 -0.23 55.13 16.66
C GLY B 126 -1.49 54.49 17.21
N PRO B 127 -1.33 53.38 17.92
CA PRO B 127 -2.49 52.65 18.45
C PRO B 127 -2.99 53.18 19.78
N SER B 128 -4.30 53.15 19.95
CA SER B 128 -4.94 53.41 21.23
C SER B 128 -5.02 52.11 22.02
N VAL B 129 -4.47 52.11 23.23
CA VAL B 129 -4.35 50.91 24.05
C VAL B 129 -5.37 50.99 25.16
N PHE B 130 -6.37 50.10 25.14
CA PHE B 130 -7.40 50.05 26.16
C PHE B 130 -7.31 48.74 26.94
N PRO B 131 -7.55 48.78 28.25
CA PRO B 131 -7.40 47.57 29.07
C PRO B 131 -8.66 46.71 29.05
N LEU B 132 -8.44 45.39 29.01
CA LEU B 132 -9.51 44.41 29.15
C LEU B 132 -9.48 43.92 30.61
N ALA B 133 -10.35 44.50 31.44
CA ALA B 133 -10.32 44.26 32.87
C ALA B 133 -10.95 42.89 33.19
N PRO B 134 -10.37 42.15 34.15
CA PRO B 134 -10.91 40.85 34.56
C PRO B 134 -12.16 40.97 35.42
N GLY B 141 -15.03 32.16 38.64
CA GLY B 141 -14.17 31.07 38.23
C GLY B 141 -12.91 30.96 39.06
N GLY B 142 -12.14 29.89 38.83
CA GLY B 142 -10.90 29.71 39.55
C GLY B 142 -9.74 30.49 38.96
N THR B 143 -9.78 30.75 37.65
CA THR B 143 -8.77 31.55 36.96
C THR B 143 -9.46 32.65 36.18
N ALA B 144 -8.83 33.81 36.12
CA ALA B 144 -9.38 34.98 35.45
C ALA B 144 -8.59 35.30 34.19
N ALA B 145 -9.21 36.09 33.32
CA ALA B 145 -8.59 36.51 32.06
C ALA B 145 -8.61 38.03 31.96
N LEU B 146 -7.48 38.59 31.55
CA LEU B 146 -7.35 40.03 31.31
C LEU B 146 -6.47 40.25 30.10
N GLY B 147 -6.53 41.45 29.54
CA GLY B 147 -5.76 41.73 28.35
C GLY B 147 -5.75 43.20 28.00
N CYS B 148 -5.31 43.48 26.78
CA CYS B 148 -5.20 44.83 26.24
C CYS B 148 -5.77 44.87 24.84
N LEU B 149 -6.48 45.94 24.51
CA LEU B 149 -7.03 46.15 23.18
C LEU B 149 -6.17 47.18 22.45
N VAL B 150 -5.45 46.72 21.43
CA VAL B 150 -4.59 47.57 20.62
C VAL B 150 -5.38 47.93 19.36
N LYS B 151 -6.02 49.09 19.37
CA LYS B 151 -7.01 49.47 18.36
C LYS B 151 -6.54 50.67 17.55
N ASP B 152 -6.87 50.66 16.26
CA ASP B 152 -6.72 51.81 15.37
C ASP B 152 -5.26 52.20 15.15
N TYR B 153 -4.48 51.31 14.55
CA TYR B 153 -3.11 51.62 14.20
C TYR B 153 -2.86 51.26 12.74
N PHE B 154 -1.75 51.78 12.21
CA PHE B 154 -1.35 51.57 10.82
C PHE B 154 0.06 52.13 10.62
N PRO B 155 0.93 51.42 9.88
CA PRO B 155 0.67 50.08 9.35
C PRO B 155 1.14 48.98 10.30
N GLU B 156 1.17 47.75 9.80
CA GLU B 156 1.67 46.63 10.57
C GLU B 156 3.18 46.75 10.76
N PRO B 157 3.74 46.14 11.82
CA PRO B 157 3.04 45.45 12.91
C PRO B 157 3.17 46.15 14.26
N VAL B 158 2.61 45.53 15.31
CA VAL B 158 2.84 45.93 16.68
C VAL B 158 3.38 44.72 17.44
N THR B 159 4.06 45.00 18.54
CA THR B 159 4.60 43.97 19.42
C THR B 159 4.06 44.18 20.82
N VAL B 160 3.50 43.13 21.42
CA VAL B 160 2.90 43.19 22.75
C VAL B 160 3.59 42.17 23.64
N SER B 161 4.08 42.64 24.78
CA SER B 161 4.60 41.79 25.83
C SER B 161 3.96 42.18 27.16
N TRP B 162 4.11 41.33 28.16
CA TRP B 162 3.48 41.54 29.46
C TRP B 162 4.54 41.62 30.54
N ASN B 163 4.48 42.68 31.34
CA ASN B 163 5.45 42.93 32.42
C ASN B 163 6.88 42.91 31.90
N SER B 164 7.08 43.55 30.74
CA SER B 164 8.40 43.70 30.11
C SER B 164 9.03 42.35 29.78
N GLY B 165 8.21 41.32 29.58
CA GLY B 165 8.69 40.01 29.24
C GLY B 165 8.70 39.00 30.37
N ALA B 166 8.34 39.42 31.59
CA ALA B 166 8.33 38.48 32.71
C ALA B 166 7.14 37.53 32.63
N LEU B 167 5.97 38.05 32.25
CA LEU B 167 4.76 37.23 32.13
C LEU B 167 4.66 36.71 30.70
N THR B 168 4.99 35.43 30.52
CA THR B 168 4.90 34.78 29.22
C THR B 168 3.97 33.58 29.21
N SER B 169 3.76 32.92 30.35
CA SER B 169 2.87 31.78 30.40
C SER B 169 1.43 32.21 30.25
N GLY B 170 0.72 31.58 29.32
CA GLY B 170 -0.69 31.87 29.13
C GLY B 170 -0.98 33.14 28.35
N VAL B 171 -0.01 33.67 27.63
CA VAL B 171 -0.19 34.88 26.84
C VAL B 171 -0.61 34.50 25.43
N HIS B 172 -1.66 35.14 24.93
CA HIS B 172 -2.16 34.91 23.58
C HIS B 172 -2.33 36.26 22.90
N THR B 173 -1.35 36.65 22.09
CA THR B 173 -1.42 37.87 21.29
C THR B 173 -2.03 37.52 19.93
N PHE B 174 -3.27 37.91 19.71
CA PHE B 174 -3.97 37.52 18.50
C PHE B 174 -3.45 38.29 17.29
N PRO B 175 -3.50 37.70 16.10
CA PRO B 175 -3.16 38.45 14.89
C PRO B 175 -4.19 39.53 14.62
N ALA B 176 -3.73 40.62 14.01
CA ALA B 176 -4.57 41.79 13.82
C ALA B 176 -5.63 41.54 12.76
N VAL B 177 -6.70 42.33 12.84
CA VAL B 177 -7.75 42.36 11.82
C VAL B 177 -7.81 43.77 11.25
N LEU B 178 -8.18 43.85 9.98
CA LEU B 178 -8.25 45.13 9.26
C LEU B 178 -9.69 45.63 9.31
N GLN B 179 -9.91 46.73 10.03
CA GLN B 179 -11.23 47.32 10.16
C GLN B 179 -11.63 48.03 8.88
N SER B 180 -12.93 48.32 8.77
CA SER B 180 -13.45 49.03 7.60
C SER B 180 -12.89 50.44 7.50
N SER B 181 -12.33 50.99 8.57
CA SER B 181 -11.68 52.29 8.54
C SER B 181 -10.29 52.25 7.91
N GLY B 182 -9.75 51.06 7.65
CA GLY B 182 -8.41 50.92 7.16
C GLY B 182 -7.35 50.77 8.23
N LEU B 183 -7.73 50.88 9.50
CA LEU B 183 -6.82 50.74 10.62
C LEU B 183 -6.94 49.35 11.21
N TYR B 184 -5.85 48.87 11.82
CA TYR B 184 -5.80 47.53 12.37
C TYR B 184 -6.19 47.52 13.85
N SER B 185 -6.81 46.43 14.27
CA SER B 185 -7.16 46.20 15.66
C SER B 185 -6.58 44.87 16.11
N LEU B 186 -6.09 44.83 17.34
CA LEU B 186 -5.41 43.65 17.87
C LEU B 186 -5.71 43.56 19.36
N SER B 187 -5.74 42.32 19.87
CA SER B 187 -5.94 42.07 21.28
C SER B 187 -4.94 41.04 21.77
N SER B 188 -4.45 41.23 22.99
CA SER B 188 -3.50 40.32 23.62
C SER B 188 -3.98 40.03 25.03
N VAL B 189 -4.30 38.77 25.29
CA VAL B 189 -4.88 38.37 26.57
C VAL B 189 -3.91 37.46 27.32
N VAL B 190 -4.12 37.37 28.62
CA VAL B 190 -3.34 36.48 29.48
C VAL B 190 -4.23 35.99 30.61
N THR B 191 -4.18 34.69 30.88
CA THR B 191 -4.95 34.07 31.95
C THR B 191 -4.09 33.97 33.20
N VAL B 192 -4.64 34.39 34.33
CA VAL B 192 -3.92 34.38 35.61
C VAL B 192 -4.81 33.77 36.67
N PRO B 193 -4.22 33.23 37.74
CA PRO B 193 -5.03 32.80 38.89
C PRO B 193 -5.67 34.00 39.57
N SER B 194 -6.95 33.84 39.93
CA SER B 194 -7.69 34.93 40.56
C SER B 194 -7.14 35.30 41.93
N SER B 195 -6.33 34.43 42.54
CA SER B 195 -5.76 34.74 43.85
C SER B 195 -4.77 35.89 43.78
N SER B 196 -3.98 35.95 42.72
CA SER B 196 -2.94 36.97 42.56
C SER B 196 -3.44 38.23 41.89
N LEU B 197 -4.76 38.40 41.75
CA LEU B 197 -5.28 39.59 41.08
C LEU B 197 -5.08 40.85 41.91
N GLY B 198 -5.00 40.72 43.23
CA GLY B 198 -4.89 41.88 44.09
C GLY B 198 -3.49 42.17 44.58
N THR B 199 -2.54 41.26 44.31
CA THR B 199 -1.17 41.41 44.78
C THR B 199 -0.16 41.22 43.65
N GLN B 200 -0.57 41.52 42.42
CA GLN B 200 0.35 41.44 41.27
C GLN B 200 -0.21 42.29 40.15
N THR B 201 0.53 43.31 39.74
CA THR B 201 0.09 44.21 38.69
C THR B 201 0.56 43.72 37.32
N TYR B 202 -0.34 43.82 36.33
CA TYR B 202 -0.07 43.35 34.98
C TYR B 202 -0.07 44.55 34.04
N ILE B 203 1.00 44.68 33.24
CA ILE B 203 1.14 45.76 32.28
C ILE B 203 1.49 45.17 30.93
N CYS B 204 0.77 45.59 29.89
CA CYS B 204 1.09 45.22 28.52
C CYS B 204 1.96 46.30 27.88
N ASN B 205 3.01 45.87 27.20
CA ASN B 205 3.99 46.77 26.58
C ASN B 205 3.77 46.76 25.08
N VAL B 206 2.99 47.70 24.59
CA VAL B 206 2.68 47.82 23.16
C VAL B 206 3.74 48.70 22.52
N ASN B 207 4.42 48.18 21.50
CA ASN B 207 5.46 48.91 20.78
C ASN B 207 5.10 48.94 19.30
N HIS B 208 4.98 50.15 18.76
CA HIS B 208 4.60 50.37 17.35
C HIS B 208 5.73 51.17 16.70
N LYS B 209 6.68 50.45 16.09
CA LYS B 209 7.84 51.10 15.50
C LYS B 209 7.51 52.09 14.38
N PRO B 210 6.61 51.79 13.42
CA PRO B 210 6.37 52.76 12.33
C PRO B 210 5.97 54.14 12.80
N SER B 211 5.26 54.26 13.92
CA SER B 211 4.87 55.57 14.45
C SER B 211 5.67 55.96 15.68
N ASN B 212 6.66 55.16 16.08
CA ASN B 212 7.51 55.44 17.23
C ASN B 212 6.68 55.61 18.51
N THR B 213 5.85 54.60 18.78
CA THR B 213 4.95 54.61 19.93
C THR B 213 5.31 53.48 20.87
N LYS B 214 5.46 53.80 22.16
CA LYS B 214 5.65 52.81 23.20
C LYS B 214 4.68 53.13 24.34
N VAL B 215 3.68 52.27 24.51
CA VAL B 215 2.63 52.47 25.50
C VAL B 215 2.65 51.32 26.49
N ASP B 216 2.70 51.65 27.77
CA ASP B 216 2.64 50.69 28.86
C ASP B 216 1.31 50.91 29.59
N LYS B 217 0.41 49.94 29.50
CA LYS B 217 -0.93 50.06 30.04
C LYS B 217 -1.11 49.13 31.23
N LYS B 218 -1.57 49.68 32.35
CA LYS B 218 -1.83 48.91 33.56
C LYS B 218 -3.27 48.43 33.55
N VAL B 219 -3.45 47.11 33.63
CA VAL B 219 -4.78 46.50 33.64
C VAL B 219 -5.17 46.23 35.09
N GLU B 220 -6.29 46.80 35.51
CA GLU B 220 -6.79 46.69 36.87
C GLU B 220 -8.20 46.13 36.87
N PRO B 221 -8.63 45.51 37.97
CA PRO B 221 -10.03 45.08 38.08
C PRO B 221 -10.94 46.27 38.30
N LYS B 222 -12.25 46.00 38.18
CA LYS B 222 -13.25 47.04 38.38
C LYS B 222 -14.23 46.64 39.47
N ASP C 1 -8.44 27.80 -18.06
CA ASP C 1 -7.49 27.45 -17.00
C ASP C 1 -7.71 26.05 -16.47
N ILE C 2 -6.68 25.48 -15.86
CA ILE C 2 -6.77 24.17 -15.23
C ILE C 2 -7.08 24.36 -13.75
N GLN C 3 -8.11 23.68 -13.26
CA GLN C 3 -8.57 23.81 -11.89
C GLN C 3 -8.13 22.59 -11.09
N LEU C 4 -7.55 22.82 -9.92
CA LEU C 4 -7.07 21.77 -9.04
C LEU C 4 -7.94 21.71 -7.79
N THR C 5 -8.29 20.50 -7.37
CA THR C 5 -9.16 20.28 -6.22
C THR C 5 -8.41 19.44 -5.19
N GLN C 6 -8.06 20.06 -4.06
CA GLN C 6 -7.42 19.35 -2.97
C GLN C 6 -8.46 18.80 -2.00
N SER C 7 -8.11 17.66 -1.39
CA SER C 7 -8.97 17.01 -0.42
C SER C 7 -8.08 16.29 0.58
N PRO C 8 -8.24 16.54 1.89
CA PRO C 8 -9.23 17.48 2.41
C PRO C 8 -8.67 18.89 2.55
N SER C 9 -9.55 19.85 2.86
CA SER C 9 -9.09 21.22 3.08
C SER C 9 -8.32 21.36 4.39
N SER C 10 -8.56 20.46 5.34
CA SER C 10 -7.81 20.43 6.59
C SER C 10 -7.91 19.02 7.16
N LEU C 11 -6.96 18.69 8.03
CA LEU C 11 -6.96 17.39 8.67
C LEU C 11 -6.13 17.46 9.94
N SER C 12 -6.31 16.46 10.80
CA SER C 12 -5.60 16.37 12.06
C SER C 12 -4.99 14.98 12.18
N ALA C 13 -3.72 14.92 12.59
CA ALA C 13 -3.04 13.66 12.78
C ALA C 13 -2.03 13.80 13.91
N SER C 14 -1.67 12.67 14.51
CA SER C 14 -0.67 12.64 15.56
C SER C 14 0.68 12.22 14.99
N VAL C 15 1.73 12.49 15.76
CA VAL C 15 3.09 12.15 15.31
C VAL C 15 3.18 10.65 15.09
N GLY C 16 3.67 10.26 13.91
CA GLY C 16 3.76 8.86 13.54
C GLY C 16 2.68 8.39 12.59
N ASP C 17 1.63 9.18 12.39
CA ASP C 17 0.56 8.79 11.50
C ASP C 17 1.00 8.90 10.04
N ARG C 18 0.24 8.25 9.16
CA ARG C 18 0.47 8.29 7.72
C ARG C 18 -0.60 9.18 7.11
N VAL C 19 -0.19 10.36 6.66
CA VAL C 19 -1.10 11.37 6.12
C VAL C 19 -1.14 11.24 4.60
N THR C 20 -2.34 11.35 4.03
CA THR C 20 -2.54 11.27 2.59
C THR C 20 -3.55 12.31 2.16
N ILE C 21 -3.16 13.18 1.23
CA ILE C 21 -4.05 14.18 0.65
C ILE C 21 -4.04 14.02 -0.86
N THR C 22 -5.18 14.34 -1.47
CA THR C 22 -5.39 14.14 -2.91
C THR C 22 -5.52 15.47 -3.63
N CYS C 23 -5.19 15.45 -4.92
CA CYS C 23 -5.27 16.61 -5.80
C CYS C 23 -5.76 16.14 -7.16
N GLN C 24 -6.94 16.59 -7.56
CA GLN C 24 -7.53 16.19 -8.83
C GLN C 24 -7.55 17.37 -9.79
N ALA C 25 -7.14 17.11 -11.04
CA ALA C 25 -7.05 18.12 -12.09
C ALA C 25 -8.27 18.08 -13.01
N SER C 26 -8.66 19.25 -13.51
CA SER C 26 -9.80 19.34 -14.41
C SER C 26 -9.52 18.72 -15.77
N GLN C 27 -8.25 18.54 -16.14
CA GLN C 27 -7.89 17.89 -17.39
C GLN C 27 -6.54 17.20 -17.22
N ASP C 28 -6.19 16.38 -18.20
CA ASP C 28 -4.95 15.62 -18.15
C ASP C 28 -3.76 16.57 -18.14
N ILE C 29 -2.89 16.43 -17.13
CA ILE C 29 -1.72 17.27 -16.99
C ILE C 29 -0.47 16.40 -16.94
N SER C 30 -0.55 15.22 -17.53
CA SER C 30 0.54 14.25 -17.51
C SER C 30 1.01 14.00 -16.09
N ASN C 31 2.26 14.36 -15.79
CA ASN C 31 2.80 14.28 -14.43
C ASN C 31 3.35 15.63 -14.00
N TYR C 32 2.82 16.72 -14.56
CA TYR C 32 3.30 18.07 -14.28
C TYR C 32 2.61 18.62 -13.04
N LEU C 33 2.92 18.01 -11.89
CA LEU C 33 2.36 18.45 -10.62
C LEU C 33 3.45 18.63 -9.59
N ASN C 34 3.39 19.75 -8.88
CA ASN C 34 4.29 20.05 -7.78
C ASN C 34 3.52 20.01 -6.47
N TRP C 35 4.21 19.64 -5.39
CA TRP C 35 3.66 19.67 -4.03
C TRP C 35 4.52 20.59 -3.18
N TYR C 36 3.89 21.62 -2.61
CA TYR C 36 4.58 22.61 -1.79
C TYR C 36 4.22 22.43 -0.32
N GLN C 37 5.19 22.73 0.54
CA GLN C 37 4.95 22.87 1.97
C GLN C 37 5.19 24.32 2.35
N GLN C 38 4.23 24.93 3.03
CA GLN C 38 4.34 26.32 3.47
C GLN C 38 4.06 26.39 4.96
N LYS C 39 5.06 26.69 5.74
CA LYS C 39 4.89 26.87 7.17
C LYS C 39 4.54 28.32 7.46
N PRO C 40 3.70 28.57 8.49
CA PRO C 40 3.21 29.93 8.75
C PRO C 40 4.32 30.95 8.89
N GLY C 41 4.27 31.99 8.04
CA GLY C 41 5.23 33.08 8.06
C GLY C 41 6.25 33.02 6.93
N LYS C 42 6.60 31.82 6.48
CA LYS C 42 7.64 31.65 5.47
C LYS C 42 7.02 31.42 4.09
N ALA C 43 7.89 31.29 3.10
CA ALA C 43 7.51 31.05 1.71
C ALA C 43 7.28 29.58 1.46
N PRO C 44 6.55 29.22 0.41
CA PRO C 44 6.35 27.80 0.09
C PRO C 44 7.66 27.16 -0.33
N LYS C 45 7.83 25.90 0.06
CA LYS C 45 9.01 25.11 -0.27
C LYS C 45 8.59 23.87 -1.03
N LEU C 46 9.27 23.59 -2.14
CA LEU C 46 8.92 22.44 -2.96
C LEU C 46 9.37 21.14 -2.32
N LEU C 47 8.45 20.19 -2.20
CA LEU C 47 8.77 18.86 -1.70
C LEU C 47 8.78 17.81 -2.80
N ILE C 48 7.79 17.81 -3.68
CA ILE C 48 7.65 16.82 -4.74
C ILE C 48 7.57 17.54 -6.08
N TYR C 49 8.38 17.10 -7.04
CA TYR C 49 8.34 17.60 -8.40
C TYR C 49 8.04 16.45 -9.36
N ASP C 50 7.45 16.79 -10.50
CA ASP C 50 7.03 15.80 -11.49
C ASP C 50 6.16 14.72 -10.85
N ALA C 51 5.31 15.15 -9.93
CA ALA C 51 4.28 14.32 -9.29
C ALA C 51 4.86 13.25 -8.35
N SER C 52 6.03 12.69 -8.68
CA SER C 52 6.53 11.52 -7.98
C SER C 52 7.90 11.70 -7.33
N ASN C 53 8.71 12.67 -7.76
CA ASN C 53 10.11 12.71 -7.38
C ASN C 53 10.36 13.69 -6.24
N LEU C 54 11.32 13.35 -5.39
CA LEU C 54 11.66 14.13 -4.21
C LEU C 54 12.63 15.25 -4.57
N GLU C 55 12.32 16.46 -4.11
CA GLU C 55 13.25 17.57 -4.24
C GLU C 55 14.49 17.32 -3.38
N THR C 56 15.59 17.96 -3.76
CA THR C 56 16.85 17.80 -3.05
C THR C 56 16.70 18.20 -1.58
N GLY C 57 17.15 17.33 -0.69
CA GLY C 57 17.15 17.59 0.73
C GLY C 57 15.89 17.16 1.46
N VAL C 58 14.76 17.09 0.75
CA VAL C 58 13.47 16.79 1.37
C VAL C 58 13.53 15.40 2.00
N PRO C 59 13.04 15.22 3.24
CA PRO C 59 13.09 13.89 3.86
C PRO C 59 12.31 12.86 3.05
N SER C 60 12.74 11.60 3.17
CA SER C 60 12.14 10.51 2.40
C SER C 60 10.75 10.14 2.86
N ARG C 61 10.25 10.71 3.96
CA ARG C 61 8.90 10.40 4.39
C ARG C 61 7.85 11.01 3.48
N PHE C 62 8.20 12.04 2.71
CA PHE C 62 7.30 12.62 1.74
C PHE C 62 7.37 11.86 0.42
N SER C 63 6.23 11.67 -0.21
CA SER C 63 6.16 10.98 -1.49
C SER C 63 4.91 11.44 -2.25
N GLY C 64 4.86 11.11 -3.53
CA GLY C 64 3.72 11.46 -4.35
C GLY C 64 3.57 10.49 -5.50
N GLY C 65 2.34 10.41 -6.02
CA GLY C 65 2.05 9.51 -7.11
C GLY C 65 0.96 10.06 -7.99
N GLY C 66 0.82 9.45 -9.16
CA GLY C 66 -0.26 9.79 -10.07
C GLY C 66 0.19 10.33 -11.41
N SER C 67 -0.68 10.26 -12.40
CA SER C 67 -0.45 10.89 -13.69
C SER C 67 -1.80 11.10 -14.37
N GLY C 68 -1.92 12.21 -15.09
CA GLY C 68 -3.17 12.53 -15.76
C GLY C 68 -4.02 13.52 -15.00
N THR C 69 -4.91 13.04 -14.14
CA THR C 69 -5.85 13.91 -13.45
C THR C 69 -5.86 13.69 -11.94
N ASP C 70 -5.59 12.48 -11.50
CA ASP C 70 -5.72 12.10 -10.09
C ASP C 70 -4.34 11.89 -9.49
N PHE C 71 -4.02 12.63 -8.44
CA PHE C 71 -2.72 12.61 -7.81
C PHE C 71 -2.87 12.49 -6.30
N THR C 72 -1.80 12.02 -5.65
CA THR C 72 -1.79 11.85 -4.20
C THR C 72 -0.47 12.36 -3.64
N PHE C 73 -0.52 12.76 -2.36
CA PHE C 73 0.65 13.22 -1.62
C PHE C 73 0.62 12.56 -0.25
N THR C 74 1.74 11.97 0.16
CA THR C 74 1.76 11.11 1.34
C THR C 74 2.92 11.46 2.26
N ILE C 75 2.66 11.38 3.56
CA ILE C 75 3.67 11.49 4.60
C ILE C 75 3.58 10.20 5.42
N THR C 76 4.61 9.36 5.32
CA THR C 76 4.52 8.04 5.95
C THR C 76 4.50 8.13 7.46
N SER C 77 5.34 8.97 8.05
CA SER C 77 5.47 9.07 9.51
C SER C 77 5.49 10.56 9.88
N LEU C 78 4.32 11.11 10.14
CA LEU C 78 4.19 12.54 10.41
C LEU C 78 5.08 12.94 11.57
N GLN C 79 5.78 14.05 11.40
CA GLN C 79 6.74 14.57 12.36
C GLN C 79 6.30 15.93 12.86
N PRO C 80 6.80 16.39 14.01
CA PRO C 80 6.35 17.68 14.53
C PRO C 80 6.64 18.86 13.61
N GLU C 81 7.69 18.80 12.81
CA GLU C 81 8.02 19.89 11.89
C GLU C 81 7.28 19.78 10.57
N ASP C 82 6.34 18.84 10.44
CA ASP C 82 5.56 18.68 9.23
C ASP C 82 4.21 19.37 9.31
N ILE C 83 3.95 20.10 10.39
CA ILE C 83 2.69 20.80 10.57
C ILE C 83 2.75 22.09 9.77
N ALA C 84 2.00 22.16 8.68
CA ALA C 84 2.01 23.30 7.79
C ALA C 84 0.80 23.18 6.86
N THR C 85 0.75 24.02 5.84
CA THR C 85 -0.24 23.92 4.78
C THR C 85 0.45 23.41 3.52
N TYR C 86 -0.21 22.51 2.80
CA TYR C 86 0.37 21.86 1.63
C TYR C 86 -0.45 22.22 0.40
N TYR C 87 0.23 22.65 -0.65
CA TYR C 87 -0.39 23.03 -1.91
C TYR C 87 0.09 22.12 -3.03
N CYS C 88 -0.82 21.75 -3.92
CA CYS C 88 -0.44 21.15 -5.20
C CYS C 88 -0.54 22.20 -6.29
N GLN C 89 0.36 22.09 -7.27
CA GLN C 89 0.46 23.08 -8.35
C GLN C 89 0.71 22.38 -9.66
N GLN C 90 -0.09 22.70 -10.67
CA GLN C 90 0.09 22.15 -12.00
C GLN C 90 0.92 23.10 -12.85
N TYR C 91 1.68 22.52 -13.77
CA TYR C 91 2.48 23.31 -14.71
C TYR C 91 2.46 22.67 -16.09
N ASP C 92 1.29 22.17 -16.50
CA ASP C 92 1.13 21.68 -17.86
C ASP C 92 0.95 22.82 -18.85
N ASN C 93 0.30 23.90 -18.44
CA ASN C 93 0.11 25.06 -19.30
C ASN C 93 -0.11 26.28 -18.43
N LEU C 94 0.09 27.46 -19.03
CA LEU C 94 -0.24 28.69 -18.35
C LEU C 94 -1.74 28.95 -18.42
N PRO C 95 -2.33 29.55 -17.38
CA PRO C 95 -1.67 30.00 -16.15
C PRO C 95 -1.35 28.86 -15.19
N LEU C 96 -0.22 28.98 -14.49
CA LEU C 96 0.08 28.04 -13.41
C LEU C 96 -0.94 28.23 -12.29
N THR C 97 -1.52 27.12 -11.84
CA THR C 97 -2.60 27.18 -10.86
C THR C 97 -2.31 26.23 -9.72
N PHE C 98 -2.78 26.61 -8.53
CA PHE C 98 -2.55 25.86 -7.30
C PHE C 98 -3.84 25.22 -6.82
N GLY C 99 -3.70 24.28 -5.90
CA GLY C 99 -4.84 23.74 -5.20
C GLY C 99 -5.23 24.61 -4.03
N GLY C 100 -6.40 24.30 -3.45
CA GLY C 100 -6.91 25.08 -2.35
C GLY C 100 -6.09 25.02 -1.08
N GLY C 101 -5.17 24.07 -0.98
CA GLY C 101 -4.38 23.93 0.23
C GLY C 101 -4.99 22.97 1.22
N THR C 102 -4.13 22.33 2.00
CA THR C 102 -4.54 21.41 3.06
C THR C 102 -3.74 21.73 4.31
N LYS C 103 -4.43 22.20 5.35
CA LYS C 103 -3.80 22.50 6.63
C LYS C 103 -3.76 21.23 7.48
N VAL C 104 -2.58 20.85 7.92
CA VAL C 104 -2.38 19.63 8.70
C VAL C 104 -2.26 20.02 10.17
N ASP C 105 -3.13 19.47 10.99
CA ASP C 105 -3.25 19.82 12.40
C ASP C 105 -2.78 18.68 13.29
N ILE C 106 -2.44 19.01 14.53
CA ILE C 106 -2.09 18.02 15.54
C ILE C 106 -3.36 17.54 16.21
N LYS C 107 -3.55 16.22 16.25
CA LYS C 107 -4.70 15.64 16.93
C LYS C 107 -4.46 15.59 18.43
N ARG C 108 -5.47 16.01 19.20
CA ARG C 108 -5.40 15.94 20.64
C ARG C 108 -6.81 15.77 21.19
N THR C 109 -6.90 15.58 22.50
CA THR C 109 -8.19 15.40 23.15
C THR C 109 -9.05 16.65 23.02
N VAL C 110 -10.35 16.44 22.82
CA VAL C 110 -11.26 17.57 22.64
C VAL C 110 -11.28 18.42 23.89
N ALA C 111 -11.02 19.72 23.73
CA ALA C 111 -10.98 20.68 24.82
C ALA C 111 -11.99 21.77 24.56
N ALA C 112 -12.92 21.96 25.50
CA ALA C 112 -13.91 23.00 25.37
C ALA C 112 -13.30 24.37 25.62
N PRO C 113 -13.77 25.41 24.93
CA PRO C 113 -13.19 26.74 25.11
C PRO C 113 -13.61 27.38 26.42
N SER C 114 -12.68 28.14 27.01
CA SER C 114 -12.95 28.95 28.19
C SER C 114 -13.39 30.34 27.72
N VAL C 115 -14.68 30.62 27.84
CA VAL C 115 -15.26 31.82 27.26
C VAL C 115 -15.27 32.94 28.29
N PHE C 116 -14.69 34.09 27.92
CA PHE C 116 -14.71 35.30 28.73
C PHE C 116 -15.25 36.44 27.89
N ILE C 117 -16.02 37.33 28.53
CA ILE C 117 -16.56 38.52 27.88
C ILE C 117 -15.98 39.75 28.57
N PHE C 118 -15.71 40.79 27.79
CA PHE C 118 -15.10 42.01 28.29
C PHE C 118 -15.94 43.21 27.85
N PRO C 119 -16.48 43.99 28.78
CA PRO C 119 -17.17 45.24 28.40
C PRO C 119 -16.16 46.27 27.94
N PRO C 120 -16.59 47.27 27.18
CA PRO C 120 -15.65 48.30 26.73
C PRO C 120 -15.17 49.16 27.90
N SER C 121 -13.89 49.53 27.85
CA SER C 121 -13.30 50.34 28.91
C SER C 121 -13.85 51.76 28.87
N ASP C 122 -13.86 52.40 30.03
CA ASP C 122 -14.38 53.77 30.13
C ASP C 122 -13.54 54.75 29.33
N GLU C 123 -12.24 54.48 29.18
CA GLU C 123 -11.41 55.37 28.38
C GLU C 123 -11.80 55.34 26.92
N GLN C 124 -12.24 54.18 26.42
CA GLN C 124 -12.63 54.08 25.02
C GLN C 124 -13.99 54.74 24.79
N LEU C 125 -14.91 54.61 25.74
CA LEU C 125 -16.22 55.23 25.60
C LEU C 125 -16.14 56.74 25.58
N LYS C 126 -15.08 57.32 26.16
CA LYS C 126 -14.89 58.76 26.07
C LYS C 126 -14.56 59.21 24.66
N SER C 127 -13.99 58.33 23.84
CA SER C 127 -13.66 58.66 22.45
C SER C 127 -14.84 58.48 21.51
N GLY C 128 -15.94 57.90 21.96
CA GLY C 128 -17.11 57.73 21.13
C GLY C 128 -17.22 56.41 20.41
N THR C 129 -16.46 55.40 20.84
CA THR C 129 -16.47 54.08 20.22
C THR C 129 -16.52 53.02 21.30
N ALA C 130 -17.24 51.93 21.02
CA ALA C 130 -17.39 50.82 21.95
C ALA C 130 -16.97 49.53 21.26
N SER C 131 -16.12 48.77 21.94
CA SER C 131 -15.63 47.49 21.42
C SER C 131 -15.81 46.43 22.51
N VAL C 132 -16.74 45.51 22.28
CA VAL C 132 -16.96 44.39 23.18
C VAL C 132 -16.11 43.21 22.71
N VAL C 133 -15.47 42.53 23.64
CA VAL C 133 -14.52 41.47 23.33
C VAL C 133 -15.00 40.17 23.94
N CYS C 134 -15.05 39.12 23.13
CA CYS C 134 -15.40 37.77 23.58
C CYS C 134 -14.20 36.87 23.33
N LEU C 135 -13.71 36.22 24.37
CA LEU C 135 -12.49 35.42 24.30
C LEU C 135 -12.83 33.95 24.43
N LEU C 136 -12.26 33.13 23.54
CA LEU C 136 -12.37 31.68 23.60
C LEU C 136 -10.95 31.14 23.77
N ASN C 137 -10.63 30.70 24.98
CA ASN C 137 -9.26 30.40 25.37
C ASN C 137 -9.01 28.89 25.41
N ASN C 138 -7.99 28.45 24.67
CA ASN C 138 -7.46 27.09 24.72
C ASN C 138 -8.53 26.03 24.48
N PHE C 139 -8.82 25.75 23.21
CA PHE C 139 -9.81 24.76 22.84
C PHE C 139 -9.30 23.94 21.67
N TYR C 140 -9.97 22.81 21.42
CA TYR C 140 -9.67 21.95 20.29
C TYR C 140 -10.90 21.12 19.98
N PRO C 141 -11.25 20.91 18.69
CA PRO C 141 -10.54 21.40 17.49
C PRO C 141 -10.75 22.89 17.21
N ARG C 142 -10.19 23.36 16.09
CA ARG C 142 -10.20 24.78 15.80
C ARG C 142 -11.60 25.30 15.49
N GLU C 143 -12.46 24.49 14.89
CA GLU C 143 -13.77 24.96 14.45
C GLU C 143 -14.59 25.44 15.65
N ALA C 144 -14.99 26.71 15.61
CA ALA C 144 -15.79 27.31 16.66
C ALA C 144 -16.66 28.40 16.06
N LYS C 145 -17.82 28.61 16.65
CA LYS C 145 -18.79 29.58 16.17
C LYS C 145 -19.19 30.51 17.31
N VAL C 146 -19.14 31.80 17.04
CA VAL C 146 -19.52 32.83 18.01
C VAL C 146 -20.56 33.74 17.37
N GLN C 147 -21.69 33.91 18.05
CA GLN C 147 -22.75 34.81 17.61
C GLN C 147 -23.00 35.84 18.70
N TRP C 148 -23.16 37.10 18.29
CA TRP C 148 -23.37 38.19 19.23
C TRP C 148 -24.86 38.47 19.41
N LYS C 149 -25.24 38.81 20.64
CA LYS C 149 -26.62 39.11 20.99
C LYS C 149 -26.66 40.47 21.68
N VAL C 150 -27.41 41.40 21.11
CA VAL C 150 -27.61 42.73 21.69
C VAL C 150 -29.10 42.89 21.92
N ASP C 151 -29.53 42.70 23.17
CA ASP C 151 -30.94 42.76 23.57
C ASP C 151 -31.78 41.79 22.74
N ASN C 152 -31.42 40.51 22.83
CA ASN C 152 -32.12 39.40 22.16
C ASN C 152 -32.13 39.56 20.65
N ALA C 153 -31.20 40.33 20.09
CA ALA C 153 -31.10 40.54 18.65
C ALA C 153 -29.78 39.98 18.15
N LEU C 154 -29.85 39.04 17.22
CA LEU C 154 -28.64 38.47 16.63
C LEU C 154 -27.93 39.51 15.77
N GLN C 155 -26.61 39.63 15.96
CA GLN C 155 -25.82 40.61 15.27
C GLN C 155 -25.10 39.98 14.08
N SER C 156 -24.92 40.77 13.02
CA SER C 156 -24.24 40.31 11.82
C SER C 156 -23.69 41.52 11.08
N GLY C 157 -22.49 41.39 10.54
CA GLY C 157 -21.86 42.47 9.80
C GLY C 157 -21.24 43.55 10.64
N ASN C 158 -21.15 43.36 11.96
CA ASN C 158 -20.56 44.35 12.85
C ASN C 158 -19.58 43.73 13.84
N SER C 159 -18.93 42.63 13.44
CA SER C 159 -17.96 41.97 14.31
C SER C 159 -16.89 41.31 13.45
N GLN C 160 -15.70 41.16 14.03
CA GLN C 160 -14.56 40.56 13.36
C GLN C 160 -13.87 39.61 14.33
N GLU C 161 -13.28 38.54 13.78
CA GLU C 161 -12.69 37.48 14.59
C GLU C 161 -11.23 37.26 14.20
N SER C 162 -10.48 36.67 15.14
CA SER C 162 -9.07 36.38 14.93
C SER C 162 -8.70 35.13 15.72
N VAL C 163 -7.94 34.23 15.10
CA VAL C 163 -7.57 32.95 15.71
C VAL C 163 -6.06 32.84 15.75
N THR C 164 -5.53 32.36 16.88
CA THR C 164 -4.10 32.12 17.02
C THR C 164 -3.69 30.83 16.34
N GLU C 165 -2.38 30.65 16.19
CA GLU C 165 -1.85 29.38 15.72
C GLU C 165 -1.98 28.32 16.80
N GLN C 166 -1.84 27.06 16.40
CA GLN C 166 -1.91 25.96 17.35
C GLN C 166 -0.74 26.03 18.31
N ASP C 167 -1.03 25.99 19.61
CA ASP C 167 0.01 26.08 20.63
C ASP C 167 0.95 24.89 20.52
N SER C 168 2.25 25.18 20.55
CA SER C 168 3.26 24.14 20.40
C SER C 168 3.39 23.24 21.62
N LYS C 169 2.70 23.56 22.71
CA LYS C 169 2.79 22.78 23.95
C LYS C 169 1.52 22.01 24.27
N ASP C 170 0.35 22.65 24.18
CA ASP C 170 -0.91 21.99 24.50
C ASP C 170 -1.80 21.76 23.29
N SER C 171 -1.39 22.20 22.10
CA SER C 171 -2.07 21.93 20.84
C SER C 171 -3.51 22.45 20.83
N THR C 172 -3.76 23.55 21.55
CA THR C 172 -5.07 24.18 21.57
C THR C 172 -5.02 25.51 20.82
N TYR C 173 -6.20 25.97 20.43
CA TYR C 173 -6.37 27.24 19.73
C TYR C 173 -7.05 28.26 20.66
N SER C 174 -6.91 29.53 20.29
CA SER C 174 -7.59 30.61 20.98
C SER C 174 -8.19 31.56 19.97
N LEU C 175 -9.42 31.99 20.22
CA LEU C 175 -10.17 32.83 19.30
C LEU C 175 -10.62 34.10 20.00
N SER C 176 -10.53 35.22 19.30
CA SER C 176 -10.93 36.53 19.82
C SER C 176 -11.92 37.16 18.86
N SER C 177 -13.11 37.49 19.35
CA SER C 177 -14.15 38.13 18.58
C SER C 177 -14.47 39.49 19.19
N THR C 178 -14.50 40.53 18.35
CA THR C 178 -14.71 41.90 18.81
C THR C 178 -15.93 42.49 18.11
N LEU C 179 -16.91 42.91 18.91
CA LEU C 179 -18.09 43.59 18.40
C LEU C 179 -17.88 45.10 18.50
N THR C 180 -17.95 45.79 17.37
CA THR C 180 -17.65 47.22 17.29
C THR C 180 -18.94 47.98 17.01
N LEU C 181 -19.40 48.74 17.99
CA LEU C 181 -20.55 49.62 17.85
C LEU C 181 -20.14 51.05 18.16
N SER C 182 -20.93 52.00 17.67
CA SER C 182 -20.76 53.38 18.10
C SER C 182 -21.21 53.54 19.54
N LYS C 183 -20.68 54.57 20.20
CA LYS C 183 -21.05 54.80 21.59
C LYS C 183 -22.55 55.07 21.71
N ALA C 184 -23.12 55.76 20.72
CA ALA C 184 -24.55 56.03 20.72
C ALA C 184 -25.35 54.74 20.72
N ASP C 185 -24.98 53.79 19.84
CA ASP C 185 -25.67 52.51 19.81
C ASP C 185 -25.37 51.68 21.05
N TYR C 186 -24.22 51.91 21.69
CA TYR C 186 -23.90 51.17 22.91
C TYR C 186 -24.75 51.63 24.09
N GLU C 187 -25.16 52.90 24.09
CA GLU C 187 -25.96 53.44 25.18
C GLU C 187 -27.45 53.13 25.05
N LYS C 188 -27.90 52.70 23.87
CA LYS C 188 -29.32 52.41 23.67
C LYS C 188 -29.72 51.00 24.09
N HIS C 189 -28.75 50.12 24.34
CA HIS C 189 -29.03 48.73 24.67
C HIS C 189 -28.39 48.37 26.01
N LYS C 190 -28.85 47.27 26.59
CA LYS C 190 -28.41 46.85 27.91
C LYS C 190 -27.78 45.47 27.94
N VAL C 191 -28.36 44.50 27.22
CA VAL C 191 -27.91 43.11 27.26
C VAL C 191 -26.95 42.86 26.11
N TYR C 192 -25.72 42.52 26.42
CA TYR C 192 -24.71 42.16 25.44
C TYR C 192 -24.16 40.78 25.78
N ALA C 193 -24.13 39.89 24.78
CA ALA C 193 -23.72 38.52 25.01
C ALA C 193 -23.14 37.92 23.74
N CYS C 194 -22.26 36.93 23.93
CA CYS C 194 -21.72 36.14 22.83
C CYS C 194 -22.00 34.67 23.11
N GLU C 195 -22.65 34.01 22.16
CA GLU C 195 -23.01 32.60 22.28
C GLU C 195 -21.97 31.76 21.56
N VAL C 196 -21.32 30.87 22.29
CA VAL C 196 -20.21 30.06 21.77
C VAL C 196 -20.70 28.63 21.61
N THR C 197 -20.68 28.13 20.38
CA THR C 197 -21.03 26.76 20.07
C THR C 197 -19.78 26.01 19.66
N HIS C 198 -19.55 24.83 20.25
CA HIS C 198 -18.32 24.10 20.01
C HIS C 198 -18.58 22.61 20.21
N GLN C 199 -17.67 21.80 19.65
CA GLN C 199 -17.78 20.34 19.77
C GLN C 199 -17.64 19.89 21.22
N GLY C 200 -16.71 20.50 21.96
CA GLY C 200 -16.50 20.13 23.35
C GLY C 200 -17.65 20.50 24.26
N LEU C 201 -18.50 21.42 23.84
CA LEU C 201 -19.65 21.86 24.62
C LEU C 201 -20.89 21.12 24.12
N SER C 202 -21.57 20.42 25.02
CA SER C 202 -22.82 19.74 24.65
C SER C 202 -23.95 20.72 24.36
N SER C 203 -23.76 21.99 24.68
CA SER C 203 -24.74 23.04 24.41
C SER C 203 -24.00 24.38 24.40
N PRO C 204 -24.48 25.34 23.61
CA PRO C 204 -23.76 26.61 23.51
C PRO C 204 -23.66 27.32 24.86
N VAL C 205 -22.49 27.91 25.10
CA VAL C 205 -22.22 28.67 26.33
C VAL C 205 -22.30 30.15 26.02
N THR C 206 -23.04 30.89 26.86
CA THR C 206 -23.26 32.31 26.67
C THR C 206 -22.68 33.08 27.84
N LYS C 207 -21.79 34.02 27.54
CA LYS C 207 -21.28 34.98 28.53
C LYS C 207 -21.87 36.34 28.22
N SER C 208 -22.51 36.95 29.22
CA SER C 208 -23.23 38.20 29.04
C SER C 208 -22.89 39.18 30.16
N PHE C 209 -23.23 40.44 29.93
CA PHE C 209 -23.10 41.47 30.95
C PHE C 209 -24.18 42.52 30.71
N ASN C 210 -24.60 43.16 31.80
CA ASN C 210 -25.54 44.27 31.75
C ASN C 210 -24.76 45.57 31.83
N ARG C 211 -24.94 46.44 30.84
CA ARG C 211 -24.21 47.70 30.77
C ARG C 211 -24.45 48.58 32.01
N GLN D 1 9.45 38.22 -59.20
CA GLN D 1 9.02 37.39 -60.32
C GLN D 1 8.07 36.30 -59.83
N VAL D 2 6.93 36.74 -59.27
CA VAL D 2 5.96 35.81 -58.71
C VAL D 2 5.19 35.19 -59.87
N GLN D 3 5.29 33.87 -60.01
CA GLN D 3 4.86 33.21 -61.25
C GLN D 3 4.19 31.88 -60.95
N LEU D 4 3.41 31.42 -61.93
CA LEU D 4 2.83 30.08 -61.96
C LEU D 4 2.90 29.59 -63.40
N VAL D 5 3.69 28.55 -63.66
CA VAL D 5 3.93 28.05 -65.00
C VAL D 5 3.39 26.63 -65.10
N GLN D 6 2.54 26.38 -66.09
CA GLN D 6 1.86 25.11 -66.26
C GLN D 6 2.49 24.30 -67.39
N SER D 7 2.07 23.04 -67.48
CA SER D 7 2.58 22.12 -68.48
C SER D 7 2.17 22.55 -69.89
N GLY D 8 2.73 21.86 -70.88
CA GLY D 8 2.38 22.10 -72.27
C GLY D 8 1.06 21.47 -72.64
N PRO D 9 0.72 21.58 -73.93
CA PRO D 9 -0.56 21.04 -74.39
C PRO D 9 -0.61 19.52 -74.31
N GLU D 10 -1.83 19.00 -74.18
CA GLU D 10 -2.06 17.57 -74.04
C GLU D 10 -3.13 17.12 -75.03
N VAL D 11 -2.90 15.97 -75.65
CA VAL D 11 -3.87 15.33 -76.54
C VAL D 11 -3.98 13.88 -76.11
N LYS D 12 -5.08 13.52 -75.47
CA LYS D 12 -5.28 12.18 -74.93
C LYS D 12 -6.48 11.52 -75.60
N LYS D 13 -6.39 10.21 -75.81
CA LYS D 13 -7.52 9.46 -76.32
C LYS D 13 -8.60 9.35 -75.24
N PRO D 14 -9.86 9.15 -75.63
CA PRO D 14 -10.93 9.05 -74.64
C PRO D 14 -10.72 7.86 -73.71
N GLY D 15 -10.97 8.08 -72.42
CA GLY D 15 -10.82 7.06 -71.41
C GLY D 15 -9.48 7.03 -70.70
N THR D 16 -8.48 7.74 -71.22
CA THR D 16 -7.16 7.75 -70.60
C THR D 16 -7.14 8.79 -69.48
N SER D 17 -5.93 9.07 -68.97
CA SER D 17 -5.74 10.04 -67.91
C SER D 17 -4.80 11.14 -68.38
N VAL D 18 -4.90 12.31 -67.74
CA VAL D 18 -4.01 13.43 -67.97
C VAL D 18 -3.63 14.03 -66.63
N LYS D 19 -2.37 14.45 -66.53
CA LYS D 19 -1.83 15.04 -65.29
C LYS D 19 -1.14 16.34 -65.64
N VAL D 20 -1.77 17.46 -65.32
CA VAL D 20 -1.24 18.78 -65.62
C VAL D 20 -0.49 19.30 -64.40
N SER D 21 0.72 19.81 -64.63
CA SER D 21 1.54 20.36 -63.56
C SER D 21 1.41 21.88 -63.51
N CYS D 22 1.82 22.44 -62.37
CA CYS D 22 1.67 23.87 -62.11
C CYS D 22 2.77 24.27 -61.12
N LYS D 23 3.92 24.67 -61.67
CA LYS D 23 5.09 24.98 -60.85
C LYS D 23 5.04 26.44 -60.40
N ALA D 24 5.34 26.66 -59.13
CA ALA D 24 5.30 27.99 -58.53
C ALA D 24 6.72 28.53 -58.34
N SER D 25 6.83 29.85 -58.44
CA SER D 25 8.10 30.53 -58.21
C SER D 25 7.81 31.98 -57.82
N GLY D 26 8.72 32.57 -57.06
CA GLY D 26 8.64 33.96 -56.67
C GLY D 26 8.02 34.20 -55.30
N PHE D 27 7.25 33.24 -54.78
CA PHE D 27 6.65 33.37 -53.46
C PHE D 27 6.91 32.09 -52.66
N THR D 28 6.50 32.12 -51.40
CA THR D 28 6.65 30.97 -50.52
C THR D 28 5.47 30.02 -50.75
N PHE D 29 5.77 28.88 -51.37
CA PHE D 29 4.71 27.94 -51.76
C PHE D 29 4.06 27.27 -50.55
N THR D 30 4.81 27.05 -49.47
CA THR D 30 4.38 26.13 -48.41
C THR D 30 3.17 26.62 -47.63
N THR D 31 2.85 27.92 -47.68
CA THR D 31 1.74 28.46 -46.91
C THR D 31 0.58 28.95 -47.78
N SER D 32 0.62 28.67 -49.08
CA SER D 32 -0.41 29.11 -50.00
C SER D 32 -1.39 27.97 -50.28
N ALA D 33 -2.21 28.15 -51.32
CA ALA D 33 -3.16 27.13 -51.75
C ALA D 33 -3.39 27.30 -53.24
N VAL D 34 -3.67 26.19 -53.93
CA VAL D 34 -3.81 26.18 -55.38
C VAL D 34 -5.19 25.64 -55.74
N GLN D 35 -5.95 26.40 -56.51
CA GLN D 35 -7.20 25.96 -57.10
C GLN D 35 -7.02 25.68 -58.58
N TRP D 36 -7.88 24.81 -59.12
CA TRP D 36 -7.84 24.43 -60.52
C TRP D 36 -9.16 24.77 -61.19
N VAL D 37 -9.09 25.37 -62.37
CA VAL D 37 -10.25 25.88 -63.09
C VAL D 37 -10.09 25.54 -64.56
N ARG D 38 -11.14 25.01 -65.18
CA ARG D 38 -11.14 24.70 -66.60
C ARG D 38 -12.15 25.57 -67.34
N GLN D 39 -11.96 25.68 -68.65
CA GLN D 39 -12.77 26.58 -69.47
C GLN D 39 -12.83 26.05 -70.90
N ALA D 40 -13.99 25.57 -71.31
CA ALA D 40 -14.18 25.17 -72.70
C ALA D 40 -14.14 26.39 -73.62
N ARG D 41 -13.92 26.14 -74.90
CA ARG D 41 -13.80 27.21 -75.88
C ARG D 41 -15.11 28.00 -75.96
N GLY D 42 -15.04 29.27 -75.58
CA GLY D 42 -16.20 30.14 -75.63
C GLY D 42 -17.16 30.02 -74.47
N GLN D 43 -16.83 29.22 -73.45
CA GLN D 43 -17.71 28.98 -72.32
C GLN D 43 -17.16 29.68 -71.07
N ARG D 44 -17.79 29.42 -69.93
CA ARG D 44 -17.45 30.11 -68.69
C ARG D 44 -16.36 29.36 -67.93
N LEU D 45 -15.82 30.02 -66.91
CA LEU D 45 -14.85 29.38 -66.02
C LEU D 45 -15.57 28.41 -65.10
N GLU D 46 -15.01 27.21 -64.95
CA GLU D 46 -15.60 26.16 -64.11
C GLU D 46 -14.59 25.72 -63.06
N TRP D 47 -14.99 25.78 -61.79
CA TRP D 47 -14.13 25.40 -60.70
C TRP D 47 -14.06 23.89 -60.55
N ILE D 48 -12.84 23.35 -60.53
CA ILE D 48 -12.66 21.91 -60.36
C ILE D 48 -12.42 21.56 -58.90
N GLY D 49 -11.46 22.24 -58.27
CA GLY D 49 -11.14 21.98 -56.88
C GLY D 49 -9.95 22.81 -56.46
N TRP D 50 -9.52 22.59 -55.23
CA TRP D 50 -8.36 23.28 -54.70
C TRP D 50 -7.65 22.40 -53.69
N ILE D 51 -6.42 22.80 -53.36
CA ILE D 51 -5.60 22.09 -52.39
C ILE D 51 -4.84 23.12 -51.55
N VAL D 52 -4.77 22.90 -50.25
CA VAL D 52 -3.93 23.68 -49.35
C VAL D 52 -2.54 23.06 -49.37
N VAL D 53 -1.53 23.87 -49.69
CA VAL D 53 -0.19 23.33 -49.91
C VAL D 53 0.36 22.74 -48.62
N GLY D 54 0.19 23.44 -47.49
CA GLY D 54 0.79 22.97 -46.25
C GLY D 54 0.28 21.62 -45.80
N SER D 55 -1.04 21.42 -45.86
CA SER D 55 -1.65 20.21 -45.34
C SER D 55 -1.95 19.17 -46.41
N GLY D 56 -2.10 19.58 -47.67
CA GLY D 56 -2.55 18.68 -48.71
C GLY D 56 -4.04 18.42 -48.71
N ASN D 57 -4.79 19.07 -47.83
CA ASN D 57 -6.24 18.91 -47.81
C ASN D 57 -6.85 19.44 -49.10
N THR D 58 -7.87 18.74 -49.59
CA THR D 58 -8.46 19.04 -50.88
C THR D 58 -9.98 19.14 -50.77
N ASN D 59 -10.56 19.94 -51.67
CA ASN D 59 -11.99 19.97 -51.92
C ASN D 59 -12.19 19.89 -53.43
N TYR D 60 -13.20 19.13 -53.85
CA TYR D 60 -13.51 18.98 -55.26
C TYR D 60 -14.97 19.32 -55.48
N ALA D 61 -15.25 19.85 -56.67
CA ALA D 61 -16.64 20.01 -57.08
C ALA D 61 -17.30 18.66 -57.26
N GLN D 62 -18.62 18.63 -57.07
CA GLN D 62 -19.37 17.38 -57.21
C GLN D 62 -19.15 16.75 -58.58
N LYS D 63 -19.05 17.58 -59.62
CA LYS D 63 -18.88 17.07 -60.97
C LYS D 63 -17.59 16.27 -61.13
N PHE D 64 -16.54 16.65 -60.40
CA PHE D 64 -15.20 16.09 -60.62
C PHE D 64 -14.72 15.21 -59.47
N GLN D 65 -15.57 14.92 -58.48
CA GLN D 65 -15.13 14.08 -57.37
C GLN D 65 -14.75 12.69 -57.84
N GLU D 66 -15.39 12.18 -58.89
CA GLU D 66 -15.16 10.81 -59.32
C GLU D 66 -13.84 10.64 -60.06
N ARG D 67 -13.40 11.65 -60.80
CA ARG D 67 -12.31 11.49 -61.75
C ARG D 67 -11.12 12.42 -61.52
N VAL D 68 -11.13 13.27 -60.49
CA VAL D 68 -10.07 14.24 -60.27
C VAL D 68 -9.40 13.98 -58.93
N THR D 69 -8.08 14.06 -58.92
CA THR D 69 -7.28 14.12 -57.69
C THR D 69 -6.29 15.26 -57.84
N ILE D 70 -6.31 16.20 -56.88
CA ILE D 70 -5.36 17.32 -56.85
C ILE D 70 -4.32 17.04 -55.79
N THR D 71 -3.05 17.09 -56.18
CA THR D 71 -1.93 16.85 -55.28
C THR D 71 -0.92 17.99 -55.41
N ARG D 72 0.18 17.89 -54.66
CA ARG D 72 1.26 18.85 -54.74
C ARG D 72 2.52 18.24 -54.15
N ASP D 73 3.66 18.63 -54.70
CA ASP D 73 4.98 18.22 -54.19
C ASP D 73 5.71 19.47 -53.73
N MET D 74 5.93 19.58 -52.42
CA MET D 74 6.57 20.78 -51.87
C MET D 74 8.06 20.82 -52.18
N SER D 75 8.68 19.68 -52.48
CA SER D 75 10.11 19.69 -52.79
C SER D 75 10.35 20.30 -54.17
N THR D 76 9.46 20.06 -55.12
CA THR D 76 9.55 20.65 -56.45
C THR D 76 8.57 21.81 -56.62
N THR D 77 8.04 22.33 -55.51
CA THR D 77 7.13 23.50 -55.47
C THR D 77 6.14 23.50 -56.64
N THR D 78 5.52 22.35 -56.87
CA THR D 78 4.59 22.16 -57.98
C THR D 78 3.30 21.53 -57.47
N ALA D 79 2.18 21.96 -58.05
CA ALA D 79 0.88 21.35 -57.82
C ALA D 79 0.41 20.63 -59.08
N TYR D 80 -0.37 19.58 -58.91
CA TYR D 80 -0.80 18.75 -60.02
C TYR D 80 -2.31 18.54 -59.99
N MET D 81 -2.89 18.34 -61.16
CA MET D 81 -4.29 17.97 -61.33
C MET D 81 -4.35 16.79 -62.27
N GLU D 82 -4.87 15.67 -61.80
CA GLU D 82 -4.95 14.44 -62.58
C GLU D 82 -6.42 14.10 -62.81
N LEU D 83 -6.83 14.08 -64.08
CA LEU D 83 -8.21 13.81 -64.48
C LEU D 83 -8.25 12.50 -65.25
N SER D 84 -8.88 11.49 -64.66
CA SER D 84 -8.96 10.17 -65.27
C SER D 84 -10.29 10.01 -66.01
N SER D 85 -10.41 8.89 -66.73
CA SER D 85 -11.60 8.57 -67.52
C SER D 85 -12.01 9.74 -68.40
N LEU D 86 -11.04 10.23 -69.17
CA LEU D 86 -11.27 11.39 -70.01
C LEU D 86 -12.30 11.09 -71.11
N ARG D 87 -13.05 12.12 -71.49
CA ARG D 87 -13.99 12.04 -72.59
C ARG D 87 -14.01 13.38 -73.32
N SER D 88 -14.75 13.40 -74.44
CA SER D 88 -14.73 14.56 -75.32
C SER D 88 -15.12 15.84 -74.58
N GLU D 89 -16.08 15.74 -73.65
CA GLU D 89 -16.55 16.92 -72.93
C GLU D 89 -15.47 17.55 -72.06
N ASP D 90 -14.39 16.82 -71.79
CA ASP D 90 -13.28 17.34 -70.98
C ASP D 90 -12.32 18.21 -71.77
N THR D 91 -12.53 18.39 -73.07
CA THR D 91 -11.62 19.17 -73.90
C THR D 91 -11.77 20.65 -73.59
N ALA D 92 -10.78 21.22 -72.90
CA ALA D 92 -10.85 22.61 -72.46
C ALA D 92 -9.45 23.07 -72.08
N VAL D 93 -9.34 24.35 -71.73
CA VAL D 93 -8.12 24.91 -71.16
C VAL D 93 -8.21 24.87 -69.65
N TYR D 94 -7.13 24.44 -69.00
CA TYR D 94 -7.10 24.24 -67.56
C TYR D 94 -6.14 25.23 -66.92
N PHE D 95 -6.64 26.01 -65.96
CA PHE D 95 -5.88 27.04 -65.27
C PHE D 95 -5.65 26.64 -63.82
N CYS D 96 -4.46 26.98 -63.30
CA CYS D 96 -4.20 26.92 -61.87
C CYS D 96 -4.01 28.33 -61.33
N ALA D 97 -4.39 28.53 -60.08
CA ALA D 97 -4.31 29.85 -59.47
C ALA D 97 -3.98 29.70 -57.98
N ALA D 98 -3.37 30.73 -57.42
CA ALA D 98 -2.92 30.68 -56.03
C ALA D 98 -2.74 32.11 -55.53
N PRO D 99 -2.88 32.33 -54.22
CA PRO D 99 -2.44 33.61 -53.65
C PRO D 99 -0.96 33.56 -53.32
N HIS D 100 -0.28 34.69 -53.53
CA HIS D 100 1.13 34.75 -53.17
C HIS D 100 1.27 34.97 -51.68
N CYS D 101 2.38 34.47 -51.12
CA CYS D 101 2.56 34.47 -49.69
C CYS D 101 4.03 34.58 -49.36
N ASN D 102 4.32 35.16 -48.20
CA ASN D 102 5.62 35.02 -47.58
C ASN D 102 5.54 33.90 -46.53
N SER D 103 6.48 33.87 -45.59
CA SER D 103 6.53 32.76 -44.65
C SER D 103 5.32 32.71 -43.71
N THR D 104 4.55 33.78 -43.62
CA THR D 104 3.45 33.80 -42.65
C THR D 104 2.12 34.24 -43.25
N SER D 105 2.11 35.27 -44.08
CA SER D 105 0.88 35.88 -44.54
C SER D 105 0.64 35.57 -46.01
N CYS D 106 -0.63 35.65 -46.41
CA CYS D 106 -1.06 35.34 -47.76
C CYS D 106 -2.01 36.41 -48.27
N TYR D 107 -2.01 36.59 -49.58
CA TYR D 107 -2.96 37.49 -50.21
C TYR D 107 -4.39 36.97 -50.01
N ASP D 108 -5.35 37.89 -50.04
CA ASP D 108 -6.72 37.55 -49.71
C ASP D 108 -7.54 37.12 -50.93
N ALA D 109 -6.88 36.65 -51.98
CA ALA D 109 -7.57 36.17 -53.17
C ALA D 109 -6.56 35.42 -54.04
N PHE D 110 -7.09 34.68 -55.01
CA PHE D 110 -6.26 34.02 -56.02
C PHE D 110 -5.81 35.08 -57.01
N ASP D 111 -4.66 35.69 -56.75
CA ASP D 111 -4.14 36.75 -57.61
C ASP D 111 -3.09 36.28 -58.60
N ILE D 112 -2.53 35.09 -58.42
CA ILE D 112 -1.57 34.51 -59.36
C ILE D 112 -2.30 33.52 -60.23
N TRP D 113 -2.06 33.59 -61.53
CA TRP D 113 -2.70 32.66 -62.47
C TRP D 113 -1.67 32.16 -63.47
N GLY D 114 -1.75 30.86 -63.78
CA GLY D 114 -0.90 30.27 -64.78
C GLY D 114 -1.33 30.61 -66.19
N GLN D 115 -0.48 30.23 -67.16
CA GLN D 115 -0.78 30.52 -68.55
C GLN D 115 -1.88 29.62 -69.10
N GLY D 116 -2.16 28.50 -68.43
CA GLY D 116 -3.20 27.59 -68.89
C GLY D 116 -2.61 26.41 -69.65
N THR D 117 -3.35 25.31 -69.65
CA THR D 117 -2.98 24.09 -70.36
C THR D 117 -4.16 23.62 -71.18
N MET D 118 -3.97 23.55 -72.50
CA MET D 118 -5.01 23.07 -73.40
C MET D 118 -4.96 21.54 -73.47
N VAL D 119 -6.07 20.89 -73.11
CA VAL D 119 -6.19 19.44 -73.16
C VAL D 119 -7.26 19.08 -74.18
N THR D 120 -6.91 18.21 -75.12
CA THR D 120 -7.83 17.73 -76.15
C THR D 120 -8.09 16.25 -75.96
N VAL D 121 -9.36 15.86 -76.03
CA VAL D 121 -9.77 14.46 -75.91
C VAL D 121 -10.61 14.10 -77.12
N SER D 122 -10.09 13.20 -77.96
CA SER D 122 -10.83 12.67 -79.09
C SER D 122 -10.09 11.45 -79.61
N SER D 123 -10.74 10.71 -80.51
CA SER D 123 -10.16 9.50 -81.08
C SER D 123 -9.32 9.79 -82.33
N ALA D 124 -9.30 11.03 -82.81
CA ALA D 124 -8.56 11.36 -84.02
C ALA D 124 -7.06 11.29 -83.77
N SER D 125 -6.31 11.17 -84.87
CA SER D 125 -4.86 11.17 -84.85
C SER D 125 -4.32 12.41 -85.55
N THR D 126 -3.02 12.65 -85.36
CA THR D 126 -2.37 13.82 -85.91
C THR D 126 -2.45 13.82 -87.44
N LYS D 127 -2.90 14.94 -88.00
CA LYS D 127 -3.00 15.09 -89.45
C LYS D 127 -2.81 16.54 -89.82
N GLY D 128 -1.96 16.79 -90.83
CA GLY D 128 -1.75 18.12 -91.34
C GLY D 128 -2.91 18.57 -92.21
N PRO D 129 -3.07 19.88 -92.37
CA PRO D 129 -4.23 20.40 -93.10
C PRO D 129 -4.01 20.46 -94.61
N SER D 130 -5.13 20.41 -95.31
CA SER D 130 -5.18 20.71 -96.74
C SER D 130 -5.63 22.15 -96.93
N VAL D 131 -4.85 22.93 -97.68
CA VAL D 131 -5.10 24.35 -97.87
C VAL D 131 -5.66 24.56 -99.27
N PHE D 132 -6.91 25.02 -99.34
CA PHE D 132 -7.56 25.31 -100.60
C PHE D 132 -7.84 26.82 -100.70
N PRO D 133 -7.64 27.41 -101.87
CA PRO D 133 -7.84 28.85 -102.01
C PRO D 133 -9.31 29.22 -102.09
N LEU D 134 -9.62 30.39 -101.55
CA LEU D 134 -10.92 31.03 -101.71
C LEU D 134 -10.70 32.17 -102.71
N ALA D 135 -10.94 31.86 -103.98
CA ALA D 135 -10.58 32.78 -105.05
C ALA D 135 -11.51 34.00 -105.04
N PRO D 136 -10.99 35.18 -105.34
CA PRO D 136 -11.84 36.37 -105.41
C PRO D 136 -12.76 36.32 -106.61
N SER D 137 -13.97 36.84 -106.43
CA SER D 137 -14.95 36.86 -107.50
C SER D 137 -14.63 37.96 -108.49
N SER D 138 -15.38 37.98 -109.60
CA SER D 138 -15.28 39.05 -110.59
C SER D 138 -16.41 40.04 -110.32
N LYS D 139 -16.22 40.86 -109.29
CA LYS D 139 -17.23 41.79 -108.86
C LYS D 139 -16.62 43.18 -108.66
N SER D 140 -17.51 44.16 -108.51
CA SER D 140 -17.16 45.55 -108.26
C SER D 140 -16.22 46.07 -109.34
N THR D 141 -15.46 47.12 -109.04
CA THR D 141 -14.50 47.67 -109.99
C THR D 141 -13.13 47.86 -109.35
N GLY D 144 -13.86 50.02 -105.42
CA GLY D 144 -14.41 48.76 -104.94
C GLY D 144 -13.34 47.83 -104.40
N THR D 145 -13.72 47.01 -103.43
CA THR D 145 -12.82 46.06 -102.80
C THR D 145 -13.33 44.64 -103.00
N ALA D 146 -12.40 43.70 -103.10
CA ALA D 146 -12.70 42.29 -103.29
C ALA D 146 -12.19 41.49 -102.09
N ALA D 147 -12.66 40.25 -101.99
CA ALA D 147 -12.31 39.38 -100.88
C ALA D 147 -11.76 38.06 -101.39
N LEU D 148 -10.71 37.58 -100.73
CA LEU D 148 -10.08 36.31 -101.05
C LEU D 148 -9.59 35.68 -99.75
N GLY D 149 -9.17 34.43 -99.82
CA GLY D 149 -8.66 33.79 -98.63
C GLY D 149 -8.25 32.36 -98.87
N CYS D 150 -7.95 31.67 -97.77
CA CYS D 150 -7.49 30.29 -97.77
C CYS D 150 -8.37 29.46 -96.86
N LEU D 151 -8.67 28.24 -97.30
CA LEU D 151 -9.45 27.29 -96.51
C LEU D 151 -8.49 26.24 -95.94
N VAL D 152 -8.29 26.28 -94.63
CA VAL D 152 -7.40 25.36 -93.93
C VAL D 152 -8.29 24.24 -93.38
N LYS D 153 -8.31 23.10 -94.07
CA LYS D 153 -9.31 22.06 -93.85
C LYS D 153 -8.67 20.76 -93.40
N ASP D 154 -9.36 20.07 -92.49
CA ASP D 154 -9.10 18.68 -92.12
C ASP D 154 -7.71 18.52 -91.50
N TYR D 155 -7.59 19.03 -90.28
CA TYR D 155 -6.36 18.89 -89.51
C TYR D 155 -6.69 18.56 -88.07
N PHE D 156 -5.68 18.09 -87.34
CA PHE D 156 -5.79 17.74 -85.93
C PHE D 156 -4.39 17.56 -85.35
N PRO D 157 -4.13 18.07 -84.14
CA PRO D 157 -5.08 18.86 -83.34
C PRO D 157 -4.91 20.36 -83.55
N GLU D 158 -5.59 21.15 -82.72
CA GLU D 158 -5.34 22.57 -82.69
C GLU D 158 -3.93 22.84 -82.16
N PRO D 159 -3.32 23.97 -82.54
CA PRO D 159 -3.83 24.97 -83.49
C PRO D 159 -3.05 25.03 -84.81
N VAL D 160 -3.55 25.82 -85.75
CA VAL D 160 -2.79 26.24 -86.91
C VAL D 160 -2.62 27.75 -86.84
N THR D 161 -1.56 28.25 -87.46
CA THR D 161 -1.29 29.67 -87.55
C THR D 161 -1.19 30.07 -89.00
N VAL D 162 -1.87 31.15 -89.37
CA VAL D 162 -1.97 31.59 -90.75
C VAL D 162 -1.49 33.03 -90.86
N SER D 163 -0.58 33.28 -91.79
CA SER D 163 -0.14 34.63 -92.14
C SER D 163 -0.27 34.83 -93.64
N TRP D 164 -0.19 36.08 -94.07
CA TRP D 164 -0.33 36.45 -95.47
C TRP D 164 0.88 37.23 -95.94
N ASN D 165 1.44 36.81 -97.09
CA ASN D 165 2.65 37.40 -97.64
C ASN D 165 3.79 37.42 -96.62
N SER D 166 3.89 36.33 -95.85
CA SER D 166 4.93 36.17 -94.84
C SER D 166 4.89 37.28 -93.80
N GLY D 167 3.69 37.79 -93.49
CA GLY D 167 3.52 38.84 -92.52
C GLY D 167 3.43 40.24 -93.10
N ALA D 168 3.72 40.41 -94.39
CA ALA D 168 3.65 41.73 -95.01
C ALA D 168 2.21 42.22 -95.19
N LEU D 169 1.22 41.35 -95.02
CA LEU D 169 -0.19 41.71 -95.17
C LEU D 169 -0.91 41.39 -93.87
N THR D 170 -1.34 42.43 -93.15
CA THR D 170 -2.08 42.25 -91.91
C THR D 170 -3.40 43.02 -91.94
N SER D 171 -3.42 44.15 -92.64
CA SER D 171 -4.63 44.97 -92.69
C SER D 171 -5.72 44.24 -93.48
N GLY D 172 -6.94 44.24 -92.93
CA GLY D 172 -8.06 43.59 -93.56
C GLY D 172 -8.09 42.09 -93.39
N VAL D 173 -7.14 41.51 -92.66
CA VAL D 173 -7.07 40.07 -92.49
C VAL D 173 -7.99 39.63 -91.37
N HIS D 174 -8.74 38.56 -91.60
CA HIS D 174 -9.57 37.93 -90.59
C HIS D 174 -9.33 36.43 -90.64
N THR D 175 -8.79 35.87 -89.56
CA THR D 175 -8.59 34.44 -89.42
C THR D 175 -9.54 33.93 -88.35
N PHE D 176 -10.51 33.11 -88.76
CA PHE D 176 -11.59 32.72 -87.88
C PHE D 176 -11.17 31.57 -86.96
N PRO D 177 -11.79 31.45 -85.80
CA PRO D 177 -11.54 30.26 -84.97
C PRO D 177 -11.99 29.00 -85.69
N ALA D 178 -11.23 27.93 -85.51
CA ALA D 178 -11.55 26.68 -86.17
C ALA D 178 -12.86 26.10 -85.65
N VAL D 179 -13.49 25.27 -86.48
CA VAL D 179 -14.67 24.52 -86.08
C VAL D 179 -14.32 23.04 -86.08
N LEU D 180 -14.93 22.30 -85.17
CA LEU D 180 -14.70 20.87 -85.06
C LEU D 180 -15.76 20.16 -85.89
N GLN D 181 -15.36 19.61 -87.02
CA GLN D 181 -16.29 18.91 -87.89
C GLN D 181 -16.71 17.58 -87.26
N SER D 182 -17.82 17.04 -87.76
CA SER D 182 -18.34 15.78 -87.25
C SER D 182 -17.35 14.64 -87.42
N SER D 183 -16.37 14.78 -88.33
CA SER D 183 -15.33 13.78 -88.51
C SER D 183 -14.30 13.80 -87.41
N GLY D 184 -14.34 14.78 -86.51
CA GLY D 184 -13.31 14.94 -85.50
C GLY D 184 -12.11 15.75 -85.93
N LEU D 185 -12.11 16.26 -87.15
CA LEU D 185 -11.03 17.11 -87.66
C LEU D 185 -11.48 18.55 -87.70
N TYR D 186 -10.51 19.46 -87.53
CA TYR D 186 -10.81 20.89 -87.50
C TYR D 186 -10.78 21.47 -88.91
N SER D 187 -11.55 22.54 -89.09
CA SER D 187 -11.55 23.33 -90.32
C SER D 187 -11.48 24.80 -89.97
N LEU D 188 -10.63 25.53 -90.69
CA LEU D 188 -10.41 26.94 -90.43
C LEU D 188 -10.35 27.68 -91.76
N SER D 189 -10.80 28.93 -91.75
CA SER D 189 -10.75 29.79 -92.91
C SER D 189 -10.10 31.12 -92.54
N SER D 190 -9.28 31.63 -93.45
CA SER D 190 -8.64 32.93 -93.29
C SER D 190 -8.93 33.75 -94.53
N VAL D 191 -9.46 34.96 -94.34
CA VAL D 191 -9.84 35.83 -95.45
C VAL D 191 -9.12 37.16 -95.29
N VAL D 192 -9.06 37.90 -96.39
CA VAL D 192 -8.48 39.24 -96.41
C VAL D 192 -9.15 40.04 -97.52
N THR D 193 -9.48 41.29 -97.22
CA THR D 193 -10.10 42.19 -98.18
C THR D 193 -9.04 43.10 -98.79
N VAL D 194 -9.05 43.21 -100.11
CA VAL D 194 -8.04 43.98 -100.84
C VAL D 194 -8.71 44.81 -101.92
N PRO D 195 -8.06 45.86 -102.38
CA PRO D 195 -8.64 46.66 -103.48
C PRO D 195 -8.70 45.86 -104.76
N SER D 196 -9.83 46.00 -105.47
CA SER D 196 -10.03 45.25 -106.70
C SER D 196 -9.00 45.59 -107.76
N SER D 197 -8.43 46.80 -107.69
CA SER D 197 -7.46 47.22 -108.70
C SER D 197 -6.18 46.39 -108.62
N SER D 198 -5.80 45.94 -107.43
CA SER D 198 -4.57 45.20 -107.22
C SER D 198 -4.70 43.70 -107.48
N LEU D 199 -5.87 43.24 -107.95
CA LEU D 199 -6.08 41.81 -108.12
C LEU D 199 -5.17 41.21 -109.19
N GLY D 200 -4.75 42.00 -110.16
CA GLY D 200 -3.93 41.49 -111.25
C GLY D 200 -2.44 41.70 -111.07
N THR D 201 -2.06 42.68 -110.25
CA THR D 201 -0.66 43.07 -110.11
C THR D 201 -0.07 42.77 -108.75
N GLN D 202 -0.87 42.41 -107.76
CA GLN D 202 -0.38 42.07 -106.42
C GLN D 202 -0.56 40.59 -106.18
N THR D 203 0.51 39.91 -105.76
CA THR D 203 0.45 38.49 -105.42
C THR D 203 0.00 38.32 -103.98
N TYR D 204 -0.82 37.29 -103.74
CA TYR D 204 -1.33 36.98 -102.41
C TYR D 204 -1.05 35.52 -102.09
N ILE D 205 -0.18 35.27 -101.12
CA ILE D 205 0.14 33.93 -100.65
C ILE D 205 -0.15 33.87 -99.16
N CYS D 206 -0.94 32.86 -98.75
CA CYS D 206 -1.20 32.60 -97.35
C CYS D 206 -0.23 31.55 -96.84
N ASN D 207 0.26 31.74 -95.63
CA ASN D 207 1.26 30.85 -95.03
C ASN D 207 0.60 30.12 -93.87
N VAL D 208 0.30 28.84 -94.06
CA VAL D 208 -0.36 28.01 -93.07
C VAL D 208 0.68 27.12 -92.41
N ASN D 209 0.76 27.17 -91.09
CA ASN D 209 1.72 26.38 -90.33
C ASN D 209 0.97 25.57 -89.29
N HIS D 210 1.25 24.27 -89.24
CA HIS D 210 0.60 23.34 -88.30
C HIS D 210 1.71 22.55 -87.60
N LYS D 211 2.19 23.10 -86.48
CA LYS D 211 3.31 22.48 -85.77
C LYS D 211 3.07 21.03 -85.34
N PRO D 212 1.90 20.64 -84.82
CA PRO D 212 1.74 19.24 -84.38
C PRO D 212 2.02 18.21 -85.47
N SER D 213 1.84 18.58 -86.75
CA SER D 213 2.15 17.68 -87.85
C SER D 213 3.39 18.10 -88.63
N ASN D 214 4.06 19.17 -88.22
CA ASN D 214 5.21 19.73 -88.92
C ASN D 214 4.86 19.96 -90.40
N THR D 215 3.83 20.75 -90.62
CA THR D 215 3.32 21.05 -91.95
C THR D 215 3.39 22.55 -92.18
N LYS D 216 4.11 22.96 -93.23
CA LYS D 216 4.20 24.35 -93.66
C LYS D 216 3.70 24.41 -95.09
N VAL D 217 2.54 25.03 -95.31
CA VAL D 217 1.94 25.13 -96.64
C VAL D 217 1.80 26.60 -97.00
N ASP D 218 2.39 26.99 -98.13
CA ASP D 218 2.16 28.29 -98.74
C ASP D 218 1.29 28.07 -99.97
N LYS D 219 0.23 28.87 -100.09
CA LYS D 219 -0.74 28.74 -101.18
C LYS D 219 -1.00 30.10 -101.81
N LYS D 220 -0.91 30.16 -103.13
CA LYS D 220 -1.16 31.39 -103.88
C LYS D 220 -2.64 31.48 -104.24
N VAL D 221 -3.27 32.61 -103.95
CA VAL D 221 -4.69 32.81 -104.19
C VAL D 221 -4.84 33.82 -105.33
N GLU D 222 -5.30 33.34 -106.48
CA GLU D 222 -5.51 34.14 -107.67
C GLU D 222 -6.98 34.18 -108.06
N PRO D 223 -7.40 35.22 -108.78
CA PRO D 223 -8.75 35.22 -109.36
C PRO D 223 -8.95 34.04 -110.29
N LYS D 224 -10.20 33.57 -110.36
CA LYS D 224 -10.50 32.38 -111.14
C LYS D 224 -10.16 32.56 -112.62
N SER D 225 -9.59 31.51 -113.21
CA SER D 225 -9.10 31.51 -114.60
C SER D 225 -10.11 30.78 -115.47
N CYS D 226 -10.98 31.53 -116.14
CA CYS D 226 -11.94 30.92 -117.06
C CYS D 226 -11.35 30.80 -118.47
N ASP E 1 -24.59 23.74 -52.96
CA ASP E 1 -23.67 24.60 -53.70
C ASP E 1 -24.32 25.97 -53.97
N ILE E 2 -23.48 27.00 -54.01
CA ILE E 2 -23.94 28.37 -54.23
C ILE E 2 -23.92 28.63 -55.74
N GLN E 3 -25.07 29.05 -56.28
CA GLN E 3 -25.16 29.39 -57.69
C GLN E 3 -24.83 30.87 -57.86
N MET E 4 -23.91 31.16 -58.79
CA MET E 4 -23.54 32.53 -59.12
C MET E 4 -24.09 32.88 -60.50
N THR E 5 -24.83 33.98 -60.56
CA THR E 5 -25.41 34.46 -61.81
C THR E 5 -24.99 35.90 -62.06
N GLN E 6 -24.59 36.19 -63.28
CA GLN E 6 -24.15 37.52 -63.69
C GLN E 6 -25.13 38.10 -64.70
N SER E 7 -25.18 39.43 -64.74
CA SER E 7 -26.03 40.14 -65.71
C SER E 7 -25.43 41.51 -65.93
N PRO E 8 -25.55 42.06 -67.16
CA PRO E 8 -26.16 41.37 -68.30
C PRO E 8 -25.19 40.37 -68.94
N GLY E 9 -25.68 39.58 -69.89
CA GLY E 9 -24.77 38.71 -70.63
C GLY E 9 -23.74 39.49 -71.41
N THR E 10 -24.20 40.47 -72.19
CA THR E 10 -23.34 41.35 -72.95
C THR E 10 -23.67 42.79 -72.62
N LEU E 11 -22.64 43.63 -72.54
CA LEU E 11 -22.80 45.05 -72.28
C LEU E 11 -22.20 45.84 -73.43
N SER E 12 -23.04 46.61 -74.12
CA SER E 12 -22.63 47.36 -75.30
C SER E 12 -22.56 48.84 -74.92
N LEU E 13 -21.34 49.35 -74.80
CA LEU E 13 -21.11 50.70 -74.33
C LEU E 13 -20.06 51.37 -75.22
N SER E 14 -20.11 52.70 -75.25
CA SER E 14 -19.13 53.45 -76.01
C SER E 14 -17.89 53.71 -75.17
N PRO E 15 -16.70 53.77 -75.81
CA PRO E 15 -15.47 54.09 -75.06
C PRO E 15 -15.56 55.47 -74.40
N GLY E 16 -15.57 55.49 -73.07
CA GLY E 16 -15.78 56.69 -72.29
C GLY E 16 -16.94 56.59 -71.33
N GLU E 17 -17.92 55.74 -71.64
CA GLU E 17 -19.05 55.53 -70.75
C GLU E 17 -18.61 54.80 -69.49
N GLY E 18 -19.54 54.68 -68.55
CA GLY E 18 -19.34 53.91 -67.35
C GLY E 18 -19.92 52.51 -67.51
N ALA E 19 -19.30 51.55 -66.84
CA ALA E 19 -19.76 50.17 -66.86
C ALA E 19 -20.19 49.75 -65.47
N THR E 20 -21.31 49.01 -65.41
CA THR E 20 -21.85 48.51 -64.15
C THR E 20 -22.24 47.05 -64.35
N LEU E 21 -21.50 46.14 -63.73
CA LEU E 21 -21.74 44.71 -63.87
C LEU E 21 -22.32 44.14 -62.59
N SER E 22 -23.21 43.16 -62.75
CA SER E 22 -23.93 42.57 -61.63
C SER E 22 -23.52 41.11 -61.43
N CYS E 23 -23.35 40.73 -60.17
CA CYS E 23 -23.08 39.35 -59.79
C CYS E 23 -23.95 39.01 -58.58
N ARG E 24 -24.80 38.01 -58.72
CA ARG E 24 -25.73 37.63 -57.66
C ARG E 24 -25.50 36.19 -57.24
N ALA E 25 -25.62 35.93 -55.94
CA ALA E 25 -25.42 34.61 -55.36
C ALA E 25 -26.75 34.06 -54.85
N SER E 26 -26.95 32.75 -55.02
CA SER E 26 -28.20 32.12 -54.61
C SER E 26 -28.40 32.14 -53.09
N GLN E 27 -27.34 32.38 -52.34
CA GLN E 27 -27.44 32.57 -50.89
C GLN E 27 -26.30 33.47 -50.44
N SER E 28 -26.37 33.89 -49.18
CA SER E 28 -25.41 34.86 -48.66
C SER E 28 -24.00 34.30 -48.71
N VAL E 29 -23.07 35.11 -49.21
CA VAL E 29 -21.65 34.78 -49.20
C VAL E 29 -20.93 35.88 -48.43
N SER E 30 -19.80 35.53 -47.84
CA SER E 30 -19.03 36.53 -47.10
C SER E 30 -18.39 37.49 -48.10
N SER E 31 -18.64 38.79 -47.90
CA SER E 31 -18.16 39.79 -48.86
C SER E 31 -16.65 39.74 -48.98
N SER E 32 -15.95 39.34 -47.92
CA SER E 32 -14.51 39.20 -47.93
C SER E 32 -14.03 38.00 -48.74
N TYR E 33 -14.91 37.32 -49.47
CA TYR E 33 -14.54 36.19 -50.30
C TYR E 33 -15.31 36.22 -51.62
N LEU E 34 -15.35 37.40 -52.23
CA LEU E 34 -15.97 37.60 -53.54
C LEU E 34 -14.96 38.34 -54.41
N ALA E 35 -14.64 37.77 -55.57
CA ALA E 35 -13.60 38.32 -56.43
C ALA E 35 -14.11 38.53 -57.84
N TRP E 36 -13.53 39.52 -58.51
CA TRP E 36 -13.80 39.81 -59.91
C TRP E 36 -12.55 39.56 -60.74
N TYR E 37 -12.72 38.89 -61.87
CA TYR E 37 -11.63 38.61 -62.79
C TYR E 37 -11.91 39.21 -64.16
N GLN E 38 -10.85 39.61 -64.84
CA GLN E 38 -10.90 40.09 -66.21
C GLN E 38 -10.18 39.08 -67.09
N GLN E 39 -10.79 38.72 -68.22
CA GLN E 39 -10.20 37.76 -69.14
C GLN E 39 -10.35 38.27 -70.57
N LYS E 40 -9.24 38.45 -71.25
CA LYS E 40 -9.17 38.79 -72.65
C LYS E 40 -9.00 37.52 -73.48
N PRO E 41 -9.43 37.54 -74.74
CA PRO E 41 -9.39 36.31 -75.55
C PRO E 41 -7.99 35.71 -75.63
N GLY E 42 -7.92 34.39 -75.47
CA GLY E 42 -6.66 33.69 -75.51
C GLY E 42 -5.77 33.88 -74.32
N GLN E 43 -6.26 34.50 -73.25
CA GLN E 43 -5.45 34.81 -72.07
C GLN E 43 -6.06 34.15 -70.83
N ALA E 44 -5.30 34.21 -69.73
CA ALA E 44 -5.67 33.72 -68.42
C ALA E 44 -6.42 34.81 -67.64
N PRO E 45 -7.27 34.41 -66.70
CA PRO E 45 -7.98 35.42 -65.89
C PRO E 45 -7.01 36.26 -65.07
N ARG E 46 -7.35 37.54 -64.92
CA ARG E 46 -6.57 38.48 -64.12
C ARG E 46 -7.43 39.00 -62.99
N LEU E 47 -6.91 38.93 -61.76
CA LEU E 47 -7.66 39.43 -60.61
C LEU E 47 -7.79 40.95 -60.65
N LEU E 48 -9.02 41.44 -60.56
CA LEU E 48 -9.31 42.86 -60.50
C LEU E 48 -9.68 43.31 -59.10
N ILE E 49 -10.75 42.74 -58.54
CA ILE E 49 -11.27 43.12 -57.24
C ILE E 49 -11.35 41.87 -56.38
N TYR E 50 -11.00 42.01 -55.10
CA TYR E 50 -11.17 40.95 -54.12
C TYR E 50 -11.84 41.53 -52.89
N GLY E 51 -12.41 40.64 -52.08
CA GLY E 51 -13.16 41.06 -50.91
C GLY E 51 -14.26 42.03 -51.25
N ALA E 52 -14.88 41.82 -52.43
CA ALA E 52 -15.98 42.61 -52.94
C ALA E 52 -15.60 44.05 -53.27
N SER E 53 -14.82 44.71 -52.41
CA SER E 53 -14.59 46.14 -52.54
C SER E 53 -13.11 46.51 -52.38
N SER E 54 -12.20 45.59 -52.66
CA SER E 54 -10.78 45.86 -52.57
C SER E 54 -10.14 45.63 -53.93
N GLY E 55 -9.42 46.63 -54.43
CA GLY E 55 -8.71 46.50 -55.69
C GLY E 55 -7.43 45.71 -55.51
N ALA E 56 -7.11 44.90 -56.52
CA ALA E 56 -5.90 44.11 -56.48
C ALA E 56 -4.69 44.98 -56.80
N THR E 57 -3.50 44.45 -56.49
CA THR E 57 -2.26 45.18 -56.73
C THR E 57 -2.07 45.46 -58.22
N GLY E 58 -1.77 46.70 -58.55
CA GLY E 58 -1.54 47.09 -59.93
C GLY E 58 -2.79 47.44 -60.72
N ILE E 59 -3.97 47.39 -60.11
CA ILE E 59 -5.22 47.63 -60.81
C ILE E 59 -5.51 49.13 -60.78
N PRO E 60 -5.83 49.75 -61.92
CA PRO E 60 -6.17 51.18 -61.91
C PRO E 60 -7.35 51.45 -61.02
N ASP E 61 -7.34 52.62 -60.38
CA ASP E 61 -8.39 53.00 -59.45
C ASP E 61 -9.74 53.23 -60.12
N ARG E 62 -9.80 53.23 -61.45
CA ARG E 62 -11.09 53.29 -62.13
C ARG E 62 -11.92 52.03 -61.93
N PHE E 63 -11.32 50.95 -61.43
CA PHE E 63 -12.04 49.73 -61.11
C PHE E 63 -12.56 49.81 -59.68
N SER E 64 -13.88 49.68 -59.52
CA SER E 64 -14.53 49.80 -58.22
C SER E 64 -15.41 48.59 -57.97
N GLY E 65 -15.46 48.15 -56.71
CA GLY E 65 -16.28 47.03 -56.32
C GLY E 65 -17.10 47.32 -55.08
N SER E 66 -18.28 46.72 -55.03
CA SER E 66 -19.17 46.84 -53.88
C SER E 66 -20.03 45.59 -53.80
N GLY E 67 -20.69 45.42 -52.66
CA GLY E 67 -21.60 44.32 -52.44
C GLY E 67 -21.46 43.70 -51.06
N SER E 68 -22.48 42.94 -50.67
CA SER E 68 -22.51 42.14 -49.47
C SER E 68 -23.75 41.24 -49.51
N GLY E 69 -23.66 40.10 -48.83
CA GLY E 69 -24.76 39.16 -48.83
C GLY E 69 -24.88 38.38 -50.13
N THR E 70 -25.84 38.77 -50.97
CA THR E 70 -26.08 38.08 -52.24
C THR E 70 -25.84 38.95 -53.46
N ASP E 71 -25.82 40.26 -53.33
CA ASP E 71 -25.75 41.17 -54.48
C ASP E 71 -24.41 41.88 -54.51
N PHE E 72 -23.71 41.80 -55.64
CA PHE E 72 -22.40 42.40 -55.80
C PHE E 72 -22.33 43.12 -57.15
N THR E 73 -21.48 44.14 -57.21
CA THR E 73 -21.38 45.00 -58.39
C THR E 73 -19.92 45.33 -58.67
N LEU E 74 -19.52 45.18 -59.93
CA LEU E 74 -18.27 45.70 -60.44
C LEU E 74 -18.56 46.95 -61.28
N THR E 75 -17.83 48.03 -61.01
CA THR E 75 -18.09 49.31 -61.64
C THR E 75 -16.81 49.83 -62.28
N ILE E 76 -16.90 50.19 -63.56
CA ILE E 76 -15.81 50.83 -64.29
C ILE E 76 -16.27 52.24 -64.63
N SER E 77 -15.58 53.23 -64.06
CA SER E 77 -16.04 54.61 -64.16
C SER E 77 -15.89 55.15 -65.58
N ARG E 78 -14.71 54.98 -66.17
CA ARG E 78 -14.45 55.45 -67.53
C ARG E 78 -13.87 54.29 -68.33
N LEU E 79 -14.68 53.74 -69.23
CA LEU E 79 -14.29 52.57 -70.00
C LEU E 79 -13.15 52.91 -70.95
N GLU E 80 -12.00 52.26 -70.77
CA GLU E 80 -10.84 52.42 -71.62
C GLU E 80 -10.79 51.33 -72.67
N PRO E 81 -10.12 51.57 -73.80
CA PRO E 81 -10.07 50.54 -74.86
C PRO E 81 -9.60 49.18 -74.37
N GLU E 82 -8.61 49.16 -73.46
CA GLU E 82 -8.10 47.92 -72.91
C GLU E 82 -9.04 47.26 -71.91
N ASP E 83 -10.18 47.88 -71.60
CA ASP E 83 -11.11 47.33 -70.62
C ASP E 83 -12.18 46.44 -71.23
N PHE E 84 -12.30 46.40 -72.56
CA PHE E 84 -13.34 45.62 -73.20
C PHE E 84 -12.92 44.16 -73.24
N ALA E 85 -13.57 43.33 -72.42
CA ALA E 85 -13.22 41.93 -72.26
C ALA E 85 -14.39 41.23 -71.58
N VAL E 86 -14.16 40.00 -71.13
CA VAL E 86 -15.13 39.24 -70.35
C VAL E 86 -14.76 39.36 -68.89
N TYR E 87 -15.77 39.51 -68.03
CA TYR E 87 -15.57 39.66 -66.60
C TYR E 87 -16.32 38.56 -65.85
N TYR E 88 -15.61 37.86 -64.98
CA TYR E 88 -16.19 36.82 -64.15
C TYR E 88 -16.12 37.22 -62.68
N CYS E 89 -17.12 36.78 -61.93
CA CYS E 89 -17.09 36.85 -60.48
C CYS E 89 -16.98 35.45 -59.92
N GLN E 90 -16.27 35.32 -58.81
CA GLN E 90 -16.11 34.03 -58.14
C GLN E 90 -16.24 34.25 -56.64
N GLN E 91 -17.09 33.46 -56.01
CA GLN E 91 -17.11 33.38 -54.56
C GLN E 91 -16.17 32.28 -54.11
N TYR E 92 -15.41 32.54 -53.06
CA TYR E 92 -14.47 31.57 -52.52
C TYR E 92 -14.54 31.56 -51.00
N GLY E 93 -15.74 31.71 -50.46
CA GLY E 93 -15.96 31.62 -49.04
C GLY E 93 -16.45 30.24 -48.62
N SER E 94 -17.39 29.69 -49.39
CA SER E 94 -17.90 28.35 -49.16
C SER E 94 -17.53 27.45 -50.34
N SER E 95 -16.92 26.31 -50.04
CA SER E 95 -16.56 25.35 -51.08
C SER E 95 -17.81 24.60 -51.52
N PRO E 96 -17.98 24.36 -52.84
CA PRO E 96 -17.07 24.70 -53.95
C PRO E 96 -17.07 26.19 -54.33
N TYR E 97 -15.93 26.68 -54.81
CA TYR E 97 -15.76 28.10 -55.13
C TYR E 97 -16.31 28.34 -56.53
N THR E 98 -17.59 28.67 -56.61
CA THR E 98 -18.29 28.71 -57.89
C THR E 98 -18.04 30.03 -58.63
N PHE E 99 -18.15 29.96 -59.95
CA PHE E 99 -18.00 31.09 -60.85
C PHE E 99 -19.36 31.52 -61.40
N GLY E 100 -19.41 32.78 -61.86
CA GLY E 100 -20.52 33.22 -62.67
C GLY E 100 -20.28 32.89 -64.14
N GLN E 101 -21.34 33.06 -64.94
CA GLN E 101 -21.26 32.73 -66.35
C GLN E 101 -20.49 33.77 -67.17
N GLY E 102 -20.11 34.89 -66.56
CA GLY E 102 -19.33 35.89 -67.25
C GLY E 102 -20.18 36.94 -67.93
N THR E 103 -19.61 38.14 -68.06
CA THR E 103 -20.24 39.25 -68.76
C THR E 103 -19.24 39.82 -69.75
N LYS E 104 -19.63 39.88 -71.02
CA LYS E 104 -18.79 40.46 -72.07
C LYS E 104 -19.09 41.95 -72.19
N VAL E 105 -18.04 42.76 -72.19
CA VAL E 105 -18.15 44.20 -72.39
C VAL E 105 -17.58 44.52 -73.77
N GLU E 106 -18.46 44.86 -74.71
CA GLU E 106 -18.08 45.17 -76.08
C GLU E 106 -18.27 46.65 -76.37
N ILE E 107 -17.70 47.09 -77.48
CA ILE E 107 -17.79 48.49 -77.90
C ILE E 107 -19.09 48.68 -78.66
N LYS E 108 -19.92 49.62 -78.20
CA LYS E 108 -21.12 49.97 -78.93
C LYS E 108 -20.76 50.86 -80.11
N ARG E 109 -21.11 50.41 -81.31
CA ARG E 109 -20.75 51.06 -82.56
C ARG E 109 -22.02 51.45 -83.30
N THR E 110 -21.87 52.32 -84.30
CA THR E 110 -22.97 52.57 -85.21
C THR E 110 -23.25 51.31 -86.02
N VAL E 111 -24.52 51.08 -86.33
CA VAL E 111 -24.91 49.89 -87.07
C VAL E 111 -24.19 49.86 -88.40
N ALA E 112 -23.58 48.72 -88.72
CA ALA E 112 -22.85 48.53 -89.96
C ALA E 112 -23.31 47.25 -90.63
N ALA E 113 -23.72 47.36 -91.89
CA ALA E 113 -24.15 46.19 -92.62
C ALA E 113 -22.95 45.35 -93.04
N PRO E 114 -23.10 44.03 -93.13
CA PRO E 114 -21.98 43.20 -93.54
C PRO E 114 -21.78 43.21 -95.05
N SER E 115 -20.51 43.16 -95.46
CA SER E 115 -20.15 42.89 -96.84
C SER E 115 -20.12 41.39 -97.04
N VAL E 116 -20.93 40.89 -97.98
CA VAL E 116 -21.13 39.45 -98.16
C VAL E 116 -20.36 38.98 -99.37
N PHE E 117 -19.63 37.88 -99.21
CA PHE E 117 -18.90 37.24 -100.30
C PHE E 117 -19.16 35.74 -100.22
N ILE E 118 -19.33 35.11 -101.39
CA ILE E 118 -19.51 33.67 -101.49
C ILE E 118 -18.35 33.11 -102.31
N PHE E 119 -17.84 31.95 -101.88
CA PHE E 119 -16.69 31.32 -102.50
C PHE E 119 -17.06 29.91 -102.94
N PRO E 120 -17.00 29.61 -104.23
CA PRO E 120 -17.24 28.23 -104.68
C PRO E 120 -16.12 27.33 -104.20
N PRO E 121 -16.34 26.01 -104.17
CA PRO E 121 -15.24 25.11 -103.82
C PRO E 121 -14.19 25.10 -104.92
N SER E 122 -12.93 25.08 -104.51
CA SER E 122 -11.83 25.07 -105.47
C SER E 122 -11.84 23.77 -106.27
N ASP E 123 -11.28 23.84 -107.47
CA ASP E 123 -11.14 22.63 -108.29
C ASP E 123 -10.22 21.62 -107.63
N GLU E 124 -9.23 22.09 -106.86
CA GLU E 124 -8.31 21.17 -106.18
C GLU E 124 -9.03 20.36 -105.12
N GLN E 125 -9.98 20.97 -104.41
CA GLN E 125 -10.69 20.24 -103.37
C GLN E 125 -11.69 19.26 -103.97
N LEU E 126 -12.29 19.58 -105.12
CA LEU E 126 -13.24 18.66 -105.75
C LEU E 126 -12.56 17.36 -106.15
N LYS E 127 -11.25 17.39 -106.42
CA LYS E 127 -10.52 16.16 -106.66
C LYS E 127 -10.53 15.25 -105.45
N SER E 128 -10.54 15.83 -104.24
CA SER E 128 -10.54 15.05 -103.01
C SER E 128 -11.86 14.33 -102.77
N GLY E 129 -12.94 14.73 -103.44
CA GLY E 129 -14.24 14.12 -103.26
C GLY E 129 -15.19 14.88 -102.35
N THR E 130 -14.80 16.06 -101.86
CA THR E 130 -15.64 16.86 -101.00
C THR E 130 -15.67 18.29 -101.52
N ALA E 131 -16.81 18.96 -101.32
CA ALA E 131 -16.99 20.34 -101.76
C ALA E 131 -17.32 21.22 -100.56
N SER E 132 -16.63 22.35 -100.44
CA SER E 132 -16.84 23.32 -99.37
C SER E 132 -17.21 24.66 -99.99
N VAL E 133 -18.42 25.14 -99.70
CA VAL E 133 -18.85 26.47 -100.10
C VAL E 133 -18.77 27.38 -98.88
N VAL E 134 -18.10 28.51 -99.02
CA VAL E 134 -17.85 29.44 -97.92
C VAL E 134 -18.59 30.74 -98.19
N CYS E 135 -19.28 31.25 -97.17
CA CYS E 135 -19.99 32.52 -97.24
C CYS E 135 -19.40 33.44 -96.18
N LEU E 136 -18.84 34.56 -96.60
CA LEU E 136 -18.14 35.48 -95.72
C LEU E 136 -18.99 36.72 -95.46
N LEU E 137 -19.16 37.05 -94.18
CA LEU E 137 -19.79 38.30 -93.75
C LEU E 137 -18.72 39.16 -93.11
N ASN E 138 -18.39 40.28 -93.75
CA ASN E 138 -17.21 41.06 -93.39
C ASN E 138 -17.61 42.35 -92.68
N ASN E 139 -17.08 42.54 -91.47
CA ASN E 139 -17.10 43.81 -90.76
C ASN E 139 -18.51 44.37 -90.58
N PHE E 140 -19.25 43.84 -89.61
CA PHE E 140 -20.60 44.29 -89.31
C PHE E 140 -20.74 44.52 -87.81
N TYR E 141 -21.81 45.21 -87.44
CA TYR E 141 -22.19 45.43 -86.05
C TYR E 141 -23.70 45.65 -86.03
N PRO E 142 -24.42 45.08 -85.05
CA PRO E 142 -23.92 44.23 -83.96
C PRO E 142 -23.57 42.80 -84.39
N ARG E 143 -23.25 41.95 -83.41
CA ARG E 143 -22.76 40.61 -83.71
C ARG E 143 -23.87 39.72 -84.25
N GLU E 144 -25.12 40.00 -83.90
CA GLU E 144 -26.24 39.13 -84.31
C GLU E 144 -26.39 39.15 -85.82
N ALA E 145 -26.29 37.97 -86.44
CA ALA E 145 -26.43 37.84 -87.87
C ALA E 145 -26.87 36.42 -88.20
N LYS E 146 -27.56 36.27 -89.34
CA LYS E 146 -28.15 35.00 -89.74
C LYS E 146 -27.71 34.67 -91.16
N VAL E 147 -27.25 33.43 -91.36
CA VAL E 147 -26.82 32.94 -92.66
C VAL E 147 -27.69 31.74 -93.02
N GLN E 148 -28.29 31.77 -94.21
CA GLN E 148 -29.16 30.70 -94.68
C GLN E 148 -28.68 30.21 -96.03
N TRP E 149 -28.30 28.93 -96.10
CA TRP E 149 -27.86 28.34 -97.35
C TRP E 149 -29.04 27.85 -98.17
N LYS E 150 -29.00 28.12 -99.48
CA LYS E 150 -30.04 27.71 -100.41
C LYS E 150 -29.40 27.09 -101.63
N VAL E 151 -29.73 25.83 -101.90
CA VAL E 151 -29.21 25.10 -103.05
C VAL E 151 -30.35 24.88 -104.02
N ASP E 152 -30.35 25.61 -105.12
CA ASP E 152 -31.48 25.66 -106.06
C ASP E 152 -32.77 26.03 -105.34
N ASN E 153 -32.66 27.06 -104.48
CA ASN E 153 -33.77 27.59 -103.69
C ASN E 153 -34.31 26.57 -102.69
N ALA E 154 -33.53 25.54 -102.35
CA ALA E 154 -33.92 24.54 -101.37
C ALA E 154 -33.21 24.85 -100.06
N LEU E 155 -34.00 25.11 -99.02
CA LEU E 155 -33.45 25.48 -97.73
C LEU E 155 -32.60 24.34 -97.15
N GLN E 156 -31.33 24.64 -96.88
CA GLN E 156 -30.42 23.66 -96.31
C GLN E 156 -30.41 23.74 -94.79
N SER E 157 -30.12 22.62 -94.15
CA SER E 157 -30.00 22.58 -92.70
C SER E 157 -29.18 21.36 -92.30
N GLY E 158 -28.44 21.49 -91.20
CA GLY E 158 -27.64 20.41 -90.68
C GLY E 158 -26.34 20.14 -91.43
N ASN E 159 -26.02 20.94 -92.44
CA ASN E 159 -24.81 20.75 -93.22
C ASN E 159 -23.99 22.04 -93.32
N SER E 160 -24.05 22.89 -92.29
CA SER E 160 -23.30 24.14 -92.27
C SER E 160 -22.78 24.40 -90.87
N GLN E 161 -21.63 25.09 -90.80
CA GLN E 161 -21.02 25.47 -89.54
C GLN E 161 -20.56 26.91 -89.63
N GLU E 162 -20.67 27.64 -88.52
CA GLU E 162 -20.35 29.06 -88.47
C GLU E 162 -19.16 29.31 -87.55
N SER E 163 -18.62 30.52 -87.65
CA SER E 163 -17.50 30.94 -86.82
C SER E 163 -17.42 32.47 -86.88
N VAL E 164 -17.19 33.10 -85.72
CA VAL E 164 -17.17 34.55 -85.59
C VAL E 164 -15.85 34.97 -84.99
N THR E 165 -15.31 36.09 -85.47
CA THR E 165 -14.10 36.68 -84.91
C THR E 165 -14.44 37.54 -83.69
N GLU E 166 -13.42 37.86 -82.92
CA GLU E 166 -13.57 38.83 -81.84
C GLU E 166 -13.82 40.22 -82.44
N GLN E 167 -14.33 41.12 -81.60
CA GLN E 167 -14.56 42.49 -82.03
C GLN E 167 -13.25 43.14 -82.46
N ASP E 168 -13.23 43.67 -83.67
CA ASP E 168 -11.99 44.22 -84.22
C ASP E 168 -11.55 45.43 -83.39
N SER E 169 -10.24 45.52 -83.17
CA SER E 169 -9.68 46.55 -82.29
C SER E 169 -9.61 47.92 -82.95
N LYS E 170 -9.96 48.04 -84.22
CA LYS E 170 -9.88 49.32 -84.94
C LYS E 170 -11.24 49.88 -85.31
N ASP E 171 -12.12 49.08 -85.90
CA ASP E 171 -13.44 49.54 -86.31
C ASP E 171 -14.57 48.91 -85.50
N SER E 172 -14.25 48.12 -84.48
CA SER E 172 -15.24 47.56 -83.56
C SER E 172 -16.28 46.70 -84.27
N THR E 173 -15.89 46.06 -85.37
CA THR E 173 -16.80 45.22 -86.14
C THR E 173 -16.53 43.74 -85.87
N TYR E 174 -17.48 42.91 -86.32
CA TYR E 174 -17.35 41.46 -86.27
C TYR E 174 -17.38 40.91 -87.70
N SER E 175 -16.87 39.69 -87.84
CA SER E 175 -16.91 39.00 -89.13
C SER E 175 -17.27 37.54 -88.90
N LEU E 176 -18.02 36.98 -89.85
CA LEU E 176 -18.58 35.64 -89.73
C LEU E 176 -18.21 34.80 -90.94
N SER E 177 -17.95 33.52 -90.71
CA SER E 177 -17.61 32.57 -91.76
C SER E 177 -18.51 31.35 -91.64
N SER E 178 -19.29 31.08 -92.68
CA SER E 178 -20.17 29.92 -92.74
C SER E 178 -19.71 29.01 -93.87
N THR E 179 -19.63 27.71 -93.60
CA THR E 179 -19.12 26.74 -94.55
C THR E 179 -20.19 25.68 -94.81
N LEU E 180 -20.62 25.57 -96.07
CA LEU E 180 -21.53 24.52 -96.48
C LEU E 180 -20.71 23.37 -97.06
N THR E 181 -20.89 22.18 -96.49
CA THR E 181 -20.09 21.00 -96.86
C THR E 181 -20.99 19.96 -97.51
N LEU E 182 -20.71 19.65 -98.77
CA LEU E 182 -21.41 18.61 -99.51
C LEU E 182 -20.40 17.65 -100.11
N SER E 183 -20.87 16.46 -100.46
CA SER E 183 -20.04 15.53 -101.20
C SER E 183 -19.90 16.00 -102.66
N LYS E 184 -18.85 15.53 -103.32
CA LYS E 184 -18.66 15.86 -104.73
C LYS E 184 -19.87 15.44 -105.56
N ALA E 185 -20.45 14.28 -105.25
CA ALA E 185 -21.64 13.82 -105.96
C ALA E 185 -22.80 14.79 -105.76
N ASP E 186 -23.13 15.10 -104.51
CA ASP E 186 -24.23 16.02 -104.23
C ASP E 186 -24.00 17.40 -104.83
N TYR E 187 -22.74 17.87 -104.80
CA TYR E 187 -22.44 19.20 -105.31
C TYR E 187 -22.69 19.30 -106.82
N GLU E 188 -22.32 18.26 -107.56
CA GLU E 188 -22.51 18.27 -109.00
C GLU E 188 -23.94 18.02 -109.43
N LYS E 189 -24.84 17.70 -108.49
CA LYS E 189 -26.24 17.46 -108.81
C LYS E 189 -27.07 18.75 -108.85
N HIS E 190 -26.47 19.89 -108.56
CA HIS E 190 -27.21 21.15 -108.48
C HIS E 190 -26.44 22.24 -109.20
N LYS E 191 -27.09 23.40 -109.35
CA LYS E 191 -26.55 24.50 -110.14
C LYS E 191 -26.38 25.77 -109.31
N VAL E 192 -27.44 26.28 -108.69
CA VAL E 192 -27.43 27.59 -108.05
C VAL E 192 -27.12 27.41 -106.58
N TYR E 193 -26.03 28.01 -106.13
CA TYR E 193 -25.60 27.98 -104.73
C TYR E 193 -25.62 29.40 -104.19
N ALA E 194 -26.39 29.62 -103.13
CA ALA E 194 -26.58 30.97 -102.59
C ALA E 194 -26.61 30.92 -101.07
N CYS E 195 -26.10 31.98 -100.45
CA CYS E 195 -26.23 32.19 -99.02
C CYS E 195 -26.95 33.51 -98.77
N GLU E 196 -28.02 33.46 -98.00
CA GLU E 196 -28.82 34.63 -97.66
C GLU E 196 -28.39 35.17 -96.30
N VAL E 197 -28.14 36.47 -96.23
CA VAL E 197 -27.61 37.11 -95.03
C VAL E 197 -28.68 38.05 -94.49
N THR E 198 -29.08 37.84 -93.24
CA THR E 198 -30.00 38.72 -92.54
C THR E 198 -29.24 39.45 -91.44
N HIS E 199 -29.41 40.77 -91.38
CA HIS E 199 -28.71 41.58 -90.38
C HIS E 199 -29.49 42.86 -90.16
N GLN E 200 -29.29 43.45 -88.98
CA GLN E 200 -29.98 44.69 -88.63
C GLN E 200 -29.61 45.82 -89.58
N GLY E 201 -28.38 45.83 -90.10
CA GLY E 201 -27.93 46.85 -91.01
C GLY E 201 -28.41 46.74 -92.43
N LEU E 202 -29.22 45.72 -92.73
CA LEU E 202 -29.76 45.51 -94.07
C LEU E 202 -31.27 45.72 -94.03
N SER E 203 -31.78 46.54 -94.95
CA SER E 203 -33.21 46.79 -95.01
C SER E 203 -33.97 45.52 -95.39
N SER E 204 -33.32 44.61 -96.10
CA SER E 204 -33.91 43.35 -96.53
C SER E 204 -32.79 42.34 -96.68
N PRO E 205 -33.08 41.05 -96.62
CA PRO E 205 -32.02 40.04 -96.70
C PRO E 205 -31.26 40.14 -98.02
N VAL E 206 -29.93 40.16 -97.91
CA VAL E 206 -29.03 40.20 -99.06
C VAL E 206 -28.58 38.79 -99.39
N THR E 207 -28.60 38.45 -100.67
CA THR E 207 -28.24 37.11 -101.14
C THR E 207 -27.09 37.21 -102.13
N LYS E 208 -26.04 36.43 -101.88
CA LYS E 208 -24.93 36.27 -102.83
C LYS E 208 -24.94 34.84 -103.34
N SER E 209 -24.85 34.67 -104.65
CA SER E 209 -24.99 33.36 -105.27
C SER E 209 -23.94 33.19 -106.36
N PHE E 210 -23.83 31.95 -106.85
CA PHE E 210 -23.01 31.63 -108.00
C PHE E 210 -23.57 30.39 -108.67
N ASN E 211 -23.41 30.32 -109.99
CA ASN E 211 -23.78 29.15 -110.76
C ASN E 211 -22.58 28.23 -110.90
N ARG E 212 -22.76 26.95 -110.61
CA ARG E 212 -21.67 25.98 -110.59
C ARG E 212 -20.91 25.95 -111.91
N GLY E 213 -19.61 26.23 -111.84
CA GLY E 213 -18.76 26.24 -113.02
C GLY E 213 -18.54 27.57 -113.70
N GLU E 214 -19.63 28.27 -114.03
CA GLU E 214 -19.56 29.55 -114.73
C GLU E 214 -18.79 30.60 -113.95
N HIS F 8 2.21 12.67 25.68
CA HIS F 8 2.61 12.71 27.08
C HIS F 8 1.62 13.54 27.87
N HIS F 9 0.97 14.47 27.18
CA HIS F 9 0.01 15.39 27.81
C HIS F 9 -1.24 15.65 26.98
N THR F 10 -1.18 15.55 25.65
CA THR F 10 -2.36 15.81 24.82
C THR F 10 -2.93 14.55 24.19
N ASN F 11 -2.14 13.50 24.04
CA ASN F 11 -2.60 12.27 23.43
C ASN F 11 -3.39 11.44 24.44
N LEU F 12 -4.57 10.98 24.04
CA LEU F 12 -5.39 10.16 24.91
C LEU F 12 -4.78 8.78 25.08
N CYS F 13 -4.80 8.28 26.31
CA CYS F 13 -4.24 6.96 26.60
C CYS F 13 -5.00 5.90 25.79
N PRO F 14 -4.29 4.98 25.13
CA PRO F 14 -4.94 4.01 24.23
C PRO F 14 -5.65 2.87 24.97
N PHE F 15 -6.58 3.24 25.85
CA PHE F 15 -7.40 2.23 26.51
C PHE F 15 -8.26 1.47 25.53
N GLY F 16 -8.57 2.06 24.37
CA GLY F 16 -9.37 1.38 23.38
C GLY F 16 -8.70 0.10 22.87
N GLU F 17 -7.37 0.13 22.74
CA GLU F 17 -6.65 -1.06 22.32
C GLU F 17 -6.70 -2.18 23.34
N VAL F 18 -7.09 -1.87 24.58
CA VAL F 18 -7.17 -2.87 25.64
C VAL F 18 -8.60 -3.40 25.74
N PHE F 19 -9.55 -2.50 26.00
CA PHE F 19 -10.93 -2.92 26.21
C PHE F 19 -11.55 -3.46 24.92
N ASN F 20 -11.38 -2.74 23.82
CA ASN F 20 -11.98 -3.09 22.54
C ASN F 20 -11.09 -3.96 21.66
N ALA F 21 -10.11 -4.65 22.26
CA ALA F 21 -9.23 -5.53 21.49
C ALA F 21 -10.01 -6.69 20.89
N THR F 22 -9.61 -7.11 19.68
CA THR F 22 -10.33 -8.17 18.99
C THR F 22 -10.22 -9.50 19.74
N ARG F 23 -9.01 -9.88 20.14
CA ARG F 23 -8.79 -11.13 20.84
C ARG F 23 -8.35 -10.85 22.27
N PHE F 24 -8.87 -11.62 23.21
CA PHE F 24 -8.43 -11.60 24.59
C PHE F 24 -7.66 -12.88 24.90
N ALA F 25 -6.83 -12.81 25.94
CA ALA F 25 -5.96 -13.92 26.28
C ALA F 25 -6.61 -14.86 27.27
N SER F 26 -6.10 -16.08 27.33
CA SER F 26 -6.46 -17.00 28.40
C SER F 26 -5.91 -16.49 29.72
N VAL F 27 -6.64 -16.78 30.80
CA VAL F 27 -6.27 -16.22 32.10
C VAL F 27 -4.90 -16.71 32.55
N TYR F 28 -4.53 -17.95 32.18
CA TYR F 28 -3.21 -18.45 32.55
C TYR F 28 -2.09 -17.69 31.85
N ALA F 29 -2.35 -17.19 30.64
CA ALA F 29 -1.36 -16.43 29.90
C ALA F 29 -1.82 -14.99 29.76
N TRP F 30 -2.28 -14.40 30.87
CA TRP F 30 -2.86 -13.06 30.84
C TRP F 30 -1.88 -12.06 30.24
N ASN F 31 -2.44 -11.08 29.55
CA ASN F 31 -1.66 -10.09 28.80
C ASN F 31 -1.55 -8.81 29.61
N ARG F 32 -0.36 -8.20 29.56
CA ARG F 32 -0.13 -6.91 30.17
C ARG F 32 0.28 -5.91 29.10
N LYS F 33 -0.30 -4.71 29.16
CA LYS F 33 0.09 -3.60 28.29
C LYS F 33 0.48 -2.43 29.17
N ARG F 34 1.60 -1.80 28.84
CA ARG F 34 2.09 -0.66 29.60
C ARG F 34 1.50 0.62 29.02
N ILE F 35 0.87 1.41 29.88
CA ILE F 35 0.27 2.70 29.51
C ILE F 35 1.18 3.79 30.07
N SER F 36 1.86 4.51 29.18
CA SER F 36 2.77 5.56 29.59
C SER F 36 2.69 6.73 28.62
N ASN F 37 3.01 7.92 29.14
CA ASN F 37 3.15 9.13 28.34
C ASN F 37 1.86 9.46 27.59
N CYS F 38 0.79 9.64 28.36
CA CYS F 38 -0.51 9.94 27.78
C CYS F 38 -1.41 10.51 28.87
N VAL F 39 -2.62 10.90 28.46
CA VAL F 39 -3.63 11.43 29.36
C VAL F 39 -4.83 10.49 29.32
N ALA F 40 -5.24 10.01 30.48
CA ALA F 40 -6.33 9.05 30.60
C ALA F 40 -7.61 9.75 31.02
N ASP F 41 -8.73 9.17 30.61
CA ASP F 41 -10.06 9.65 30.99
C ASP F 41 -10.73 8.51 31.74
N TYR F 42 -10.52 8.47 33.06
CA TYR F 42 -11.04 7.37 33.87
C TYR F 42 -12.53 7.52 34.14
N SER F 43 -13.04 8.76 34.15
CA SER F 43 -14.46 8.99 34.42
C SER F 43 -15.34 8.32 33.37
N VAL F 44 -14.91 8.35 32.10
CA VAL F 44 -15.71 7.76 31.04
C VAL F 44 -15.89 6.26 31.25
N LEU F 45 -14.82 5.58 31.67
CA LEU F 45 -14.92 4.15 31.95
C LEU F 45 -15.72 3.89 33.22
N TYR F 46 -15.48 4.67 34.27
CA TYR F 46 -16.11 4.43 35.55
C TYR F 46 -17.63 4.61 35.47
N ASN F 47 -18.10 5.61 34.74
CA ASN F 47 -19.51 5.85 34.58
C ASN F 47 -20.12 5.11 33.40
N SER F 48 -19.32 4.33 32.66
CA SER F 48 -19.84 3.56 31.53
C SER F 48 -20.80 2.49 32.02
N ALA F 49 -21.95 2.39 31.34
CA ALA F 49 -22.97 1.40 31.65
C ALA F 49 -22.68 0.05 31.01
N SER F 50 -21.45 -0.17 30.55
CA SER F 50 -21.09 -1.39 29.84
C SER F 50 -20.23 -2.32 30.68
N PHE F 51 -20.12 -2.07 31.98
CA PHE F 51 -19.26 -2.85 32.87
C PHE F 51 -20.06 -3.40 34.03
N SER F 52 -19.99 -4.72 34.22
CA SER F 52 -20.67 -5.35 35.36
C SER F 52 -19.91 -5.12 36.66
N THR F 53 -18.59 -4.98 36.58
CA THR F 53 -17.74 -4.82 37.75
C THR F 53 -16.82 -3.63 37.55
N PHE F 54 -16.69 -2.78 38.56
CA PHE F 54 -15.76 -1.67 38.53
C PHE F 54 -15.36 -1.35 39.98
N LYS F 55 -14.56 -2.24 40.57
CA LYS F 55 -14.08 -2.08 41.93
C LYS F 55 -12.64 -1.61 41.91
N CYS F 56 -12.37 -0.51 42.62
CA CYS F 56 -11.02 0.05 42.72
C CYS F 56 -10.50 -0.15 44.13
N TYR F 57 -9.20 -0.39 44.24
CA TYR F 57 -8.55 -0.66 45.51
C TYR F 57 -7.39 0.31 45.71
N GLY F 58 -7.26 0.82 46.93
CA GLY F 58 -6.18 1.74 47.26
C GLY F 58 -6.28 3.12 46.64
N VAL F 59 -7.40 3.44 45.99
CA VAL F 59 -7.58 4.76 45.38
C VAL F 59 -9.07 4.96 45.15
N SER F 60 -9.54 6.18 45.39
CA SER F 60 -10.95 6.49 45.20
C SER F 60 -11.22 6.70 43.70
N PRO F 61 -12.16 5.97 43.11
CA PRO F 61 -12.37 6.10 41.66
C PRO F 61 -12.94 7.45 41.25
N THR F 62 -13.61 8.16 42.15
CA THR F 62 -14.16 9.46 41.79
C THR F 62 -13.07 10.51 41.62
N LYS F 63 -11.98 10.40 42.37
CA LYS F 63 -10.85 11.33 42.27
C LYS F 63 -9.73 10.77 41.41
N LEU F 64 -10.05 9.89 40.45
CA LEU F 64 -9.02 9.34 39.57
C LEU F 64 -8.60 10.33 38.50
N ASN F 65 -9.49 11.19 38.03
CA ASN F 65 -9.10 12.17 37.02
C ASN F 65 -8.25 13.30 37.58
N ASP F 66 -8.08 13.37 38.90
CA ASP F 66 -7.30 14.41 39.53
C ASP F 66 -5.94 13.91 40.00
N LEU F 67 -5.61 12.65 39.72
CA LEU F 67 -4.32 12.10 40.13
C LEU F 67 -3.43 11.83 38.92
N CYS F 68 -2.14 11.81 39.20
CA CYS F 68 -1.11 11.52 38.21
C CYS F 68 -0.30 10.33 38.69
N PHE F 69 0.15 9.51 37.73
CA PHE F 69 0.93 8.32 38.05
C PHE F 69 2.10 8.24 37.08
N THR F 70 3.20 7.67 37.57
CA THR F 70 4.37 7.50 36.73
C THR F 70 4.09 6.51 35.59
N ASN F 71 3.31 5.47 35.86
CA ASN F 71 3.02 4.43 34.88
C ASN F 71 1.71 3.77 35.23
N VAL F 72 1.01 3.28 34.21
CA VAL F 72 -0.22 2.51 34.37
C VAL F 72 -0.09 1.23 33.55
N TYR F 73 -0.52 0.12 34.15
CA TYR F 73 -0.42 -1.19 33.51
C TYR F 73 -1.80 -1.82 33.45
N ALA F 74 -2.12 -2.41 32.29
CA ALA F 74 -3.43 -2.98 32.02
C ALA F 74 -3.29 -4.48 31.78
N ASP F 75 -3.82 -5.28 32.70
CA ASP F 75 -3.84 -6.73 32.56
C ASP F 75 -5.22 -7.17 32.10
N SER F 76 -5.26 -8.01 31.06
CA SER F 76 -6.51 -8.44 30.45
C SER F 76 -6.49 -9.96 30.25
N PHE F 77 -7.67 -10.56 30.40
CA PHE F 77 -7.85 -12.00 30.25
C PHE F 77 -9.35 -12.30 30.24
N VAL F 78 -9.69 -13.58 30.12
CA VAL F 78 -11.07 -14.04 30.09
C VAL F 78 -11.25 -15.13 31.14
N ILE F 79 -12.28 -14.98 31.98
CA ILE F 79 -12.71 -16.00 32.92
C ILE F 79 -14.22 -16.12 32.81
N ARG F 80 -14.82 -16.93 33.68
CA ARG F 80 -16.27 -17.03 33.72
C ARG F 80 -16.82 -16.18 34.88
N GLY F 81 -18.14 -15.98 34.84
CA GLY F 81 -18.75 -14.98 35.70
C GLY F 81 -18.49 -15.20 37.18
N ASP F 82 -18.76 -16.40 37.67
CA ASP F 82 -18.58 -16.70 39.08
C ASP F 82 -17.12 -16.65 39.54
N GLU F 83 -16.18 -16.41 38.63
CA GLU F 83 -14.78 -16.27 38.99
C GLU F 83 -14.30 -14.82 39.06
N VAL F 84 -15.14 -13.86 38.65
CA VAL F 84 -14.74 -12.45 38.72
C VAL F 84 -14.51 -12.02 40.15
N ARG F 85 -15.26 -12.56 41.10
CA ARG F 85 -15.07 -12.22 42.51
C ARG F 85 -13.68 -12.57 43.01
N GLN F 86 -12.94 -13.41 42.28
CA GLN F 86 -11.61 -13.82 42.70
C GLN F 86 -10.54 -12.82 42.29
N ILE F 87 -10.82 -11.96 41.30
CA ILE F 87 -9.87 -10.95 40.88
C ILE F 87 -9.89 -9.80 41.88
N ALA F 88 -9.32 -10.05 43.06
CA ALA F 88 -9.29 -9.07 44.14
C ALA F 88 -8.23 -9.51 45.14
N PRO F 89 -7.64 -8.59 45.90
CA PRO F 89 -6.66 -8.99 46.91
C PRO F 89 -7.29 -9.86 47.99
N GLY F 90 -6.52 -10.85 48.44
CA GLY F 90 -6.97 -11.71 49.51
C GLY F 90 -8.03 -12.72 49.12
N GLN F 91 -8.08 -13.11 47.85
CA GLN F 91 -9.05 -14.10 47.38
C GLN F 91 -8.37 -15.43 47.12
N THR F 92 -9.16 -16.50 47.20
CA THR F 92 -8.69 -17.84 46.92
C THR F 92 -9.62 -18.51 45.92
N GLY F 93 -9.08 -19.50 45.20
CA GLY F 93 -9.79 -20.14 44.13
C GLY F 93 -8.87 -20.51 42.99
N LYS F 94 -9.36 -21.31 42.04
CA LYS F 94 -8.50 -21.82 40.97
C LYS F 94 -7.83 -20.67 40.20
N ILE F 95 -8.52 -19.56 40.03
CA ILE F 95 -7.96 -18.46 39.25
C ILE F 95 -6.99 -17.63 40.08
N ALA F 96 -7.40 -17.26 41.30
CA ALA F 96 -6.54 -16.45 42.15
C ALA F 96 -5.31 -17.23 42.61
N ASP F 97 -5.44 -18.54 42.78
CA ASP F 97 -4.34 -19.35 43.29
C ASP F 97 -3.37 -19.77 42.18
N TYR F 98 -3.90 -20.12 41.01
CA TYR F 98 -3.09 -20.72 39.96
C TYR F 98 -2.99 -19.91 38.67
N ASN F 99 -3.71 -18.79 38.56
CA ASN F 99 -3.79 -18.11 37.27
C ASN F 99 -3.44 -16.63 37.35
N TYR F 100 -4.10 -15.88 38.24
CA TYR F 100 -3.86 -14.45 38.36
C TYR F 100 -4.05 -14.03 39.80
N LYS F 101 -2.98 -13.54 40.44
CA LYS F 101 -2.99 -13.18 41.84
C LYS F 101 -2.66 -11.69 42.00
N LEU F 102 -3.51 -10.99 42.75
CA LEU F 102 -3.29 -9.59 43.10
C LEU F 102 -2.66 -9.47 44.49
N PRO F 103 -1.76 -8.52 44.69
CA PRO F 103 -1.16 -8.34 46.00
C PRO F 103 -2.14 -7.74 46.99
N ASP F 104 -1.83 -7.93 48.27
CA ASP F 104 -2.68 -7.39 49.33
C ASP F 104 -2.76 -5.87 49.28
N ASP F 105 -1.63 -5.22 48.95
CA ASP F 105 -1.57 -3.77 48.85
C ASP F 105 -1.85 -3.27 47.44
N PHE F 106 -2.72 -3.96 46.71
CA PHE F 106 -2.99 -3.62 45.32
C PHE F 106 -3.59 -2.22 45.21
N THR F 107 -3.00 -1.41 44.33
CA THR F 107 -3.50 -0.08 44.02
C THR F 107 -3.94 -0.08 42.57
N GLY F 108 -5.24 -0.07 42.33
CA GLY F 108 -5.75 -0.12 40.98
C GLY F 108 -7.23 -0.42 40.97
N CYS F 109 -7.73 -0.74 39.78
CA CYS F 109 -9.15 -1.01 39.56
C CYS F 109 -9.33 -2.31 38.80
N VAL F 110 -10.37 -3.06 39.15
CA VAL F 110 -10.71 -4.31 38.49
C VAL F 110 -12.00 -4.09 37.71
N ILE F 111 -11.94 -4.25 36.39
CA ILE F 111 -13.06 -4.00 35.50
C ILE F 111 -13.39 -5.29 34.75
N ALA F 112 -14.68 -5.61 34.67
CA ALA F 112 -15.12 -6.84 34.02
C ALA F 112 -16.48 -6.61 33.39
N TRP F 113 -16.74 -7.33 32.30
CA TRP F 113 -18.03 -7.25 31.62
C TRP F 113 -18.33 -8.59 30.95
N ASN F 114 -19.62 -8.86 30.77
CA ASN F 114 -20.07 -10.11 30.16
C ASN F 114 -19.73 -10.12 28.68
N SER F 115 -18.99 -11.15 28.25
CA SER F 115 -18.56 -11.29 26.87
C SER F 115 -19.15 -12.55 26.22
N ASN F 116 -20.40 -12.87 26.56
CA ASN F 116 -21.00 -14.10 26.03
C ASN F 116 -21.23 -14.00 24.53
N ASN F 117 -21.56 -12.80 24.03
CA ASN F 117 -21.83 -12.64 22.61
C ASN F 117 -20.57 -12.74 21.75
N LEU F 118 -19.39 -12.64 22.36
CA LEU F 118 -18.12 -12.69 21.64
C LEU F 118 -17.33 -13.97 21.87
N ASP F 119 -17.27 -14.45 23.12
CA ASP F 119 -16.39 -15.55 23.48
C ASP F 119 -17.13 -16.88 23.61
N SER F 120 -18.34 -16.99 23.08
CA SER F 120 -19.10 -18.23 23.09
C SER F 120 -19.30 -18.70 21.66
N LYS F 121 -18.98 -19.98 21.42
CA LYS F 121 -19.16 -20.61 20.12
C LYS F 121 -20.36 -21.53 20.16
N VAL F 122 -20.84 -21.90 18.96
CA VAL F 122 -22.03 -22.74 18.84
C VAL F 122 -21.78 -24.10 19.49
N GLY F 123 -20.72 -24.78 19.09
CA GLY F 123 -20.35 -26.05 19.66
C GLY F 123 -19.48 -25.95 20.89
N GLY F 124 -19.35 -24.76 21.46
CA GLY F 124 -18.51 -24.55 22.61
C GLY F 124 -17.19 -23.91 22.25
N ASN F 125 -16.81 -22.84 22.97
CA ASN F 125 -15.54 -22.17 22.74
C ASN F 125 -14.51 -22.80 23.66
N TYR F 126 -13.51 -23.46 23.07
CA TYR F 126 -12.47 -24.16 23.82
C TYR F 126 -11.11 -23.51 23.68
N ASN F 127 -11.03 -22.27 23.18
CA ASN F 127 -9.76 -21.59 23.05
C ASN F 127 -9.26 -21.04 24.38
N TYR F 128 -10.16 -20.62 25.26
CA TYR F 128 -9.78 -20.04 26.54
C TYR F 128 -9.45 -21.15 27.53
N LEU F 129 -8.30 -21.04 28.18
CA LEU F 129 -7.81 -22.05 29.10
C LEU F 129 -7.58 -21.45 30.48
N TYR F 130 -7.45 -22.34 31.47
CA TYR F 130 -7.06 -21.95 32.81
C TYR F 130 -6.25 -23.08 33.43
N ARG F 131 -5.34 -22.72 34.33
CA ARG F 131 -4.50 -23.73 34.96
C ARG F 131 -5.27 -24.45 36.04
N LEU F 132 -5.23 -25.79 36.00
CA LEU F 132 -6.04 -26.65 36.85
C LEU F 132 -5.27 -27.21 38.03
N PHE F 133 -3.99 -27.53 37.84
CA PHE F 133 -3.14 -28.02 38.91
C PHE F 133 -1.88 -27.17 38.98
N ARG F 134 -1.31 -27.08 40.17
CA ARG F 134 -0.03 -26.42 40.37
C ARG F 134 0.52 -26.85 41.72
N LYS F 135 1.85 -26.89 41.81
CA LYS F 135 2.50 -27.31 43.05
C LYS F 135 2.26 -26.30 44.17
N SER F 136 2.22 -25.02 43.84
CA SER F 136 2.04 -23.98 44.84
C SER F 136 1.28 -22.81 44.23
N ASN F 137 0.74 -21.96 45.10
CA ASN F 137 -0.01 -20.79 44.65
C ASN F 137 0.92 -19.80 43.96
N LEU F 138 0.34 -19.02 43.05
CA LEU F 138 1.09 -17.95 42.40
C LEU F 138 1.42 -16.84 43.38
N LYS F 139 2.59 -16.25 43.20
CA LYS F 139 2.88 -14.98 43.83
C LYS F 139 2.17 -13.85 43.08
N PRO F 140 2.01 -12.68 43.70
CA PRO F 140 1.29 -11.59 43.04
C PRO F 140 1.91 -11.21 41.70
N PHE F 141 1.05 -11.02 40.70
CA PHE F 141 1.45 -10.59 39.35
C PHE F 141 2.40 -11.58 38.69
N GLU F 142 2.36 -12.85 39.10
CA GLU F 142 3.13 -13.89 38.44
C GLU F 142 2.33 -14.48 37.28
N ARG F 143 3.04 -14.83 36.21
CA ARG F 143 2.45 -15.53 35.08
C ARG F 143 3.16 -16.85 34.87
N ASP F 144 2.38 -17.92 34.71
CA ASP F 144 2.91 -19.26 34.48
C ASP F 144 2.25 -19.81 33.22
N ILE F 145 3.04 -19.97 32.16
CA ILE F 145 2.55 -20.48 30.89
C ILE F 145 3.14 -21.85 30.56
N SER F 146 3.73 -22.52 31.55
CA SER F 146 4.33 -23.83 31.33
C SER F 146 3.24 -24.88 31.12
N THR F 147 3.55 -25.88 30.30
CA THR F 147 2.64 -26.98 30.00
C THR F 147 3.24 -28.32 30.44
N GLU F 148 4.00 -28.30 31.53
CA GLU F 148 4.60 -29.52 32.04
C GLU F 148 3.55 -30.39 32.71
N ILE F 149 3.65 -31.71 32.51
CA ILE F 149 2.69 -32.64 33.08
C ILE F 149 2.74 -32.54 34.61
N TYR F 150 1.58 -32.36 35.23
CA TYR F 150 1.51 -32.24 36.67
C TYR F 150 1.61 -33.62 37.32
N GLN F 151 2.56 -33.77 38.23
CA GLN F 151 2.78 -35.02 38.94
C GLN F 151 2.04 -34.95 40.28
N ALA F 152 0.92 -35.67 40.36
CA ALA F 152 0.11 -35.68 41.56
C ALA F 152 0.54 -36.76 42.55
N GLY F 153 1.44 -37.65 42.17
CA GLY F 153 1.90 -38.68 43.06
C GLY F 153 3.40 -38.65 43.27
N SER F 154 3.95 -39.70 43.86
CA SER F 154 5.40 -39.78 44.07
C SER F 154 6.13 -40.30 42.84
N LYS F 155 5.42 -40.93 41.89
CA LYS F 155 6.10 -41.46 40.71
C LYS F 155 6.21 -40.39 39.64
N PRO F 156 7.32 -40.38 38.90
CA PRO F 156 7.50 -39.39 37.83
C PRO F 156 6.61 -39.69 36.64
N CYS F 157 6.31 -38.64 35.88
CA CYS F 157 5.37 -38.74 34.78
C CYS F 157 6.04 -38.94 33.43
N ASN F 158 7.28 -38.47 33.26
CA ASN F 158 8.04 -38.67 32.03
C ASN F 158 7.34 -38.05 30.82
N GLY F 159 6.58 -36.99 31.04
CA GLY F 159 5.93 -36.29 29.95
C GLY F 159 4.71 -36.97 29.37
N VAL F 160 4.19 -38.01 30.02
CA VAL F 160 2.99 -38.70 29.54
C VAL F 160 1.91 -38.60 30.61
N GLU F 161 0.67 -38.40 30.19
CA GLU F 161 -0.45 -38.35 31.11
C GLU F 161 -0.88 -39.77 31.51
N GLY F 162 -1.45 -39.87 32.70
CA GLY F 162 -1.92 -41.15 33.20
C GLY F 162 -2.43 -41.05 34.62
N PHE F 163 -2.31 -42.14 35.38
CA PHE F 163 -2.68 -42.10 36.79
C PHE F 163 -1.75 -41.13 37.54
N ASN F 164 -2.35 -40.13 38.19
CA ASN F 164 -1.61 -39.10 38.91
C ASN F 164 -0.65 -38.33 38.01
N CYS F 165 -0.98 -38.26 36.71
CA CYS F 165 -0.20 -37.48 35.74
C CYS F 165 -1.20 -36.82 34.81
N TYR F 166 -1.46 -35.52 35.04
CA TYR F 166 -2.51 -34.81 34.34
C TYR F 166 -1.95 -33.54 33.70
N PHE F 167 -2.54 -33.17 32.57
CA PHE F 167 -2.18 -31.93 31.90
C PHE F 167 -2.64 -30.74 32.74
N PRO F 168 -1.80 -29.74 32.96
CA PRO F 168 -2.13 -28.69 33.94
C PRO F 168 -3.19 -27.72 33.47
N LEU F 169 -3.42 -27.58 32.16
CA LEU F 169 -4.35 -26.60 31.63
C LEU F 169 -5.69 -27.28 31.29
N GLN F 170 -6.78 -26.59 31.63
CA GLN F 170 -8.12 -27.06 31.33
C GLN F 170 -8.88 -25.96 30.57
N SER F 171 -9.72 -26.39 29.64
CA SER F 171 -10.48 -25.49 28.80
C SER F 171 -11.83 -25.16 29.42
N TYR F 172 -12.30 -23.94 29.16
CA TYR F 172 -13.65 -23.54 29.55
C TYR F 172 -14.67 -24.09 28.56
N GLY F 173 -15.92 -24.15 28.99
CA GLY F 173 -17.00 -24.57 28.12
C GLY F 173 -17.46 -23.46 27.19
N PHE F 174 -18.11 -22.45 27.76
CA PHE F 174 -18.57 -21.26 27.05
C PHE F 174 -19.51 -21.60 25.90
N GLN F 175 -20.79 -21.85 26.23
CA GLN F 175 -21.86 -21.99 25.26
C GLN F 175 -22.95 -20.96 25.53
N PRO F 176 -23.66 -20.52 24.50
CA PRO F 176 -24.60 -19.38 24.68
C PRO F 176 -25.66 -19.59 25.74
N THR F 177 -26.15 -20.82 25.94
CA THR F 177 -27.26 -21.07 26.85
C THR F 177 -26.82 -21.30 28.29
N ASN F 178 -25.52 -21.27 28.57
CA ASN F 178 -25.04 -21.43 29.94
C ASN F 178 -25.60 -20.34 30.85
N GLY F 179 -25.61 -20.64 32.15
CA GLY F 179 -25.98 -19.63 33.12
C GLY F 179 -24.98 -18.49 33.15
N VAL F 180 -25.43 -17.36 33.68
CA VAL F 180 -24.60 -16.16 33.71
C VAL F 180 -23.28 -16.43 34.44
N GLY F 181 -23.33 -17.19 35.52
CA GLY F 181 -22.12 -17.53 36.26
C GLY F 181 -21.14 -18.37 35.47
N TYR F 182 -21.59 -19.05 34.42
CA TYR F 182 -20.73 -19.89 33.59
C TYR F 182 -20.40 -19.27 32.25
N GLN F 183 -20.91 -18.07 31.96
CA GLN F 183 -20.63 -17.40 30.71
C GLN F 183 -19.26 -16.70 30.78
N PRO F 184 -18.61 -16.49 29.63
CA PRO F 184 -17.30 -15.83 29.66
C PRO F 184 -17.41 -14.35 29.99
N TYR F 185 -16.44 -13.87 30.76
CA TYR F 185 -16.32 -12.45 31.10
C TYR F 185 -14.91 -11.98 30.76
N ARG F 186 -14.83 -10.79 30.18
CA ARG F 186 -13.55 -10.16 29.89
C ARG F 186 -13.19 -9.21 31.03
N VAL F 187 -11.97 -9.35 31.53
CA VAL F 187 -11.50 -8.62 32.70
C VAL F 187 -10.33 -7.74 32.29
N VAL F 188 -10.33 -6.49 32.78
CA VAL F 188 -9.22 -5.57 32.60
C VAL F 188 -8.84 -5.06 33.98
N VAL F 189 -7.59 -5.31 34.39
CA VAL F 189 -7.09 -4.90 35.70
C VAL F 189 -6.10 -3.78 35.48
N LEU F 190 -6.50 -2.55 35.80
CA LEU F 190 -5.62 -1.40 35.75
C LEU F 190 -4.91 -1.28 37.09
N SER F 191 -3.57 -1.29 37.06
CA SER F 191 -2.76 -1.07 38.24
C SER F 191 -1.95 0.21 38.05
N PHE F 192 -1.88 1.03 39.10
CA PHE F 192 -1.26 2.35 39.04
C PHE F 192 0.08 2.30 39.76
N GLU F 193 1.15 2.59 39.02
CA GLU F 193 2.50 2.59 39.55
C GLU F 193 2.92 4.03 39.83
N LEU F 194 3.55 4.25 40.98
CA LEU F 194 3.92 5.61 41.39
C LEU F 194 5.35 5.57 41.91
N LEU F 195 6.28 6.06 41.09
CA LEU F 195 7.70 6.10 41.39
C LEU F 195 8.15 7.53 41.67
N HIS F 196 9.39 7.67 42.15
CA HIS F 196 10.01 8.99 42.27
C HIS F 196 10.62 9.39 40.93
N ALA F 197 9.75 9.54 39.94
CA ALA F 197 10.10 9.89 38.58
C ALA F 197 8.99 10.79 38.05
N PRO F 198 9.23 11.51 36.96
CA PRO F 198 8.16 12.34 36.39
C PRO F 198 6.93 11.51 36.07
N ALA F 199 5.78 11.99 36.51
CA ALA F 199 4.52 11.30 36.24
C ALA F 199 4.15 11.46 34.77
N THR F 200 3.89 10.34 34.10
CA THR F 200 3.64 10.33 32.67
C THR F 200 2.20 10.05 32.29
N VAL F 201 1.37 9.61 33.22
CA VAL F 201 -0.03 9.30 32.95
C VAL F 201 -0.88 10.08 33.95
N CYS F 202 -1.53 11.15 33.48
CA CYS F 202 -2.43 11.95 34.29
C CYS F 202 -3.84 11.86 33.75
N GLY F 203 -4.80 12.25 34.58
CA GLY F 203 -6.20 12.35 34.19
C GLY F 203 -6.56 13.79 33.88
N LYS F 204 -7.32 13.98 32.80
CA LYS F 204 -7.85 15.29 32.46
C LYS F 204 -9.35 15.24 32.27
N GLN G 1 13.80 9.66 38.48
CA GLN G 1 15.11 9.55 39.10
C GLN G 1 15.34 8.17 39.69
N VAL G 2 14.90 7.13 38.97
CA VAL G 2 15.22 5.76 39.35
C VAL G 2 16.67 5.49 39.00
N GLN G 3 17.47 5.10 39.99
CA GLN G 3 18.90 4.90 39.78
C GLN G 3 19.37 3.66 40.52
N LEU G 4 20.25 2.91 39.86
CA LEU G 4 20.83 1.68 40.40
C LEU G 4 22.34 1.78 40.27
N VAL G 5 23.04 1.52 41.38
CA VAL G 5 24.49 1.65 41.45
C VAL G 5 25.09 0.27 41.72
N GLU G 6 25.99 -0.16 40.85
CA GLU G 6 26.67 -1.44 41.01
C GLU G 6 28.06 -1.23 41.60
N SER G 7 28.57 -2.29 42.22
CA SER G 7 29.91 -2.27 42.80
C SER G 7 30.37 -3.72 42.96
N GLY G 8 31.59 -3.88 43.47
CA GLY G 8 32.16 -5.20 43.70
C GLY G 8 32.85 -5.80 42.50
N GLY G 9 32.82 -5.16 41.34
CA GLY G 9 33.47 -5.70 40.17
C GLY G 9 34.97 -5.44 40.18
N GLY G 10 35.73 -6.40 39.66
CA GLY G 10 37.17 -6.27 39.58
C GLY G 10 37.84 -7.48 38.98
N VAL G 11 39.12 -7.68 39.32
CA VAL G 11 39.87 -8.82 38.83
C VAL G 11 39.61 -10.01 39.73
N VAL G 12 39.37 -11.17 39.11
CA VAL G 12 39.08 -12.40 39.85
C VAL G 12 39.67 -13.57 39.07
N GLN G 13 40.22 -14.54 39.79
CA GLN G 13 40.93 -15.64 39.17
C GLN G 13 39.96 -16.72 38.69
N PRO G 14 40.32 -17.45 37.64
CA PRO G 14 39.43 -18.50 37.12
C PRO G 14 39.21 -19.60 38.14
N GLY G 15 37.94 -19.95 38.34
CA GLY G 15 37.56 -20.92 39.34
C GLY G 15 37.28 -20.35 40.72
N ARG G 16 37.77 -19.15 41.01
CA ARG G 16 37.50 -18.50 42.28
C ARG G 16 36.12 -17.84 42.23
N SER G 17 35.84 -16.96 43.19
CA SER G 17 34.49 -16.41 43.33
C SER G 17 34.55 -14.90 43.54
N LEU G 18 33.44 -14.24 43.20
CA LEU G 18 33.28 -12.81 43.38
C LEU G 18 31.80 -12.52 43.65
N ARG G 19 31.54 -11.45 44.40
CA ARG G 19 30.18 -11.09 44.79
C ARG G 19 29.91 -9.65 44.41
N LEU G 20 28.98 -9.46 43.48
CA LEU G 20 28.56 -8.13 43.06
C LEU G 20 27.38 -7.66 43.91
N SER G 21 27.23 -6.34 44.01
CA SER G 21 26.12 -5.74 44.73
C SER G 21 25.55 -4.58 43.92
N CYS G 22 24.26 -4.33 44.10
CA CYS G 22 23.55 -3.29 43.35
C CYS G 22 22.68 -2.51 44.33
N ALA G 23 22.94 -1.21 44.45
CA ALA G 23 22.21 -0.33 45.37
C ALA G 23 21.11 0.39 44.61
N ALA G 24 19.87 0.25 45.06
CA ALA G 24 18.71 0.82 44.39
C ALA G 24 18.19 2.02 45.17
N SER G 25 17.62 2.97 44.43
CA SER G 25 17.00 4.14 45.04
C SER G 25 15.97 4.70 44.07
N GLY G 26 14.92 5.29 44.63
CA GLY G 26 13.86 5.90 43.85
C GLY G 26 12.57 5.11 43.77
N PHE G 27 12.48 3.98 44.47
CA PHE G 27 11.28 3.16 44.44
C PHE G 27 11.33 2.19 45.61
N THR G 28 10.16 1.66 45.97
CA THR G 28 10.08 0.67 47.04
C THR G 28 10.75 -0.62 46.59
N PHE G 29 12.05 -0.74 46.85
CA PHE G 29 12.83 -1.88 46.38
C PHE G 29 12.25 -3.21 46.86
N SER G 30 11.70 -3.23 48.07
CA SER G 30 11.22 -4.49 48.64
C SER G 30 10.05 -5.08 47.87
N THR G 31 9.36 -4.27 47.05
CA THR G 31 8.23 -4.80 46.30
C THR G 31 8.60 -5.25 44.89
N TYR G 32 9.65 -4.71 44.29
CA TYR G 32 9.93 -4.96 42.89
C TYR G 32 10.88 -6.13 42.69
N ALA G 33 10.76 -6.78 41.54
CA ALA G 33 11.67 -7.83 41.11
C ALA G 33 12.92 -7.22 40.50
N MET G 34 14.02 -7.99 40.53
CA MET G 34 15.33 -7.46 40.16
C MET G 34 16.01 -8.40 39.18
N HIS G 35 16.85 -7.81 38.31
CA HIS G 35 17.53 -8.51 37.24
C HIS G 35 19.03 -8.29 37.32
N TRP G 36 19.76 -9.22 36.71
CA TRP G 36 21.18 -9.04 36.40
C TRP G 36 21.38 -9.31 34.92
N VAL G 37 22.09 -8.42 34.23
CA VAL G 37 22.41 -8.58 32.82
C VAL G 37 23.90 -8.30 32.64
N ARG G 38 24.54 -9.05 31.74
CA ARG G 38 25.95 -8.87 31.46
C ARG G 38 26.17 -8.74 29.96
N GLN G 39 27.37 -8.29 29.59
CA GLN G 39 27.73 -8.09 28.19
C GLN G 39 29.23 -8.28 28.07
N ALA G 40 29.63 -9.38 27.43
CA ALA G 40 31.05 -9.64 27.22
C ALA G 40 31.62 -8.61 26.24
N PRO G 41 32.93 -8.34 26.32
CA PRO G 41 33.52 -7.35 25.42
C PRO G 41 33.35 -7.74 23.95
N GLY G 42 32.77 -6.83 23.18
CA GLY G 42 32.52 -7.06 21.78
C GLY G 42 31.37 -8.00 21.47
N LYS G 43 30.58 -8.38 22.47
CA LYS G 43 29.48 -9.31 22.30
C LYS G 43 28.15 -8.60 22.55
N GLY G 44 27.07 -9.35 22.43
CA GLY G 44 25.73 -8.83 22.67
C GLY G 44 25.35 -8.90 24.14
N LEU G 45 24.09 -8.56 24.40
CA LEU G 45 23.55 -8.54 25.76
C LEU G 45 23.03 -9.92 26.14
N GLU G 46 23.27 -10.31 27.38
CA GLU G 46 22.90 -11.63 27.87
C GLU G 46 22.23 -11.52 29.23
N TRP G 47 21.02 -12.04 29.34
CA TRP G 47 20.31 -12.07 30.61
C TRP G 47 20.94 -13.11 31.53
N VAL G 48 21.12 -12.74 32.80
CA VAL G 48 21.82 -13.57 33.79
C VAL G 48 20.85 -14.21 34.77
N ALA G 49 20.13 -13.40 35.54
CA ALA G 49 19.26 -13.92 36.58
C ALA G 49 18.17 -12.91 36.88
N VAL G 50 17.12 -13.40 37.55
CA VAL G 50 16.02 -12.55 38.01
C VAL G 50 15.61 -13.02 39.39
N LEU G 51 15.21 -12.08 40.24
CA LEU G 51 14.83 -12.36 41.61
C LEU G 51 13.43 -11.82 41.87
N SER G 52 12.64 -12.55 42.65
CA SER G 52 11.31 -12.11 42.99
C SER G 52 11.37 -11.00 44.05
N TYR G 53 10.21 -10.43 44.37
CA TYR G 53 10.17 -9.29 45.29
C TYR G 53 10.68 -9.67 46.68
N ASP G 54 10.28 -10.83 47.18
CA ASP G 54 10.70 -11.27 48.51
C ASP G 54 11.98 -12.09 48.47
N GLY G 55 12.48 -12.42 47.28
CA GLY G 55 13.72 -13.15 47.15
C GLY G 55 13.60 -14.66 47.21
N SER G 56 12.39 -15.21 47.31
CA SER G 56 12.22 -16.65 47.43
C SER G 56 12.27 -17.36 46.09
N ASN G 57 11.89 -16.69 45.01
CA ASN G 57 11.89 -17.27 43.67
C ASN G 57 13.07 -16.73 42.88
N LYS G 58 13.87 -17.64 42.33
CA LYS G 58 15.07 -17.30 41.57
C LYS G 58 15.04 -18.03 40.23
N TYR G 59 15.50 -17.35 39.18
CA TYR G 59 15.58 -17.95 37.86
C TYR G 59 16.87 -17.50 37.20
N TYR G 60 17.60 -18.45 36.63
CA TYR G 60 18.92 -18.18 36.05
C TYR G 60 18.94 -18.59 34.59
N ALA G 61 20.00 -18.17 33.92
CA ALA G 61 20.28 -18.61 32.55
C ALA G 61 21.15 -19.86 32.60
N ASP G 62 20.98 -20.72 31.59
CA ASP G 62 21.71 -21.99 31.56
C ASP G 62 23.23 -21.76 31.61
N SER G 63 23.71 -20.65 31.07
CA SER G 63 25.14 -20.37 31.05
C SER G 63 25.72 -20.19 32.45
N VAL G 64 24.89 -19.85 33.44
CA VAL G 64 25.35 -19.59 34.80
C VAL G 64 24.63 -20.43 35.84
N LYS G 65 23.74 -21.32 35.44
CA LYS G 65 23.02 -22.15 36.40
C LYS G 65 23.98 -23.04 37.17
N GLY G 66 23.73 -23.14 38.48
CA GLY G 66 24.58 -23.91 39.37
C GLY G 66 25.91 -23.26 39.72
N ARG G 67 26.21 -22.10 39.16
CA ARG G 67 27.43 -21.36 39.48
C ARG G 67 27.13 -20.00 40.11
N PHE G 68 26.13 -19.29 39.63
CA PHE G 68 25.75 -17.99 40.16
C PHE G 68 24.56 -18.13 41.10
N THR G 69 24.50 -17.24 42.10
CA THR G 69 23.39 -17.20 43.04
C THR G 69 22.99 -15.75 43.25
N ILE G 70 21.73 -15.45 42.98
CA ILE G 70 21.19 -14.09 43.09
C ILE G 70 20.42 -13.99 44.40
N SER G 71 20.65 -12.91 45.14
CA SER G 71 20.01 -12.72 46.44
C SER G 71 19.74 -11.23 46.63
N ARG G 72 19.03 -10.92 47.71
CA ARG G 72 18.68 -9.54 48.00
C ARG G 72 18.49 -9.37 49.51
N ASP G 73 18.74 -8.14 49.97
CA ASP G 73 18.57 -7.76 51.38
C ASP G 73 17.65 -6.54 51.38
N ASN G 74 16.36 -6.78 51.57
CA ASN G 74 15.39 -5.69 51.48
C ASN G 74 15.59 -4.66 52.59
N SER G 75 16.13 -5.07 53.74
CA SER G 75 16.39 -4.11 54.81
C SER G 75 17.50 -3.14 54.41
N LYS G 76 18.50 -3.60 53.65
CA LYS G 76 19.57 -2.74 53.17
C LYS G 76 19.30 -2.22 51.75
N ASN G 77 18.18 -2.62 51.13
CA ASN G 77 17.80 -2.14 49.81
C ASN G 77 18.90 -2.36 48.78
N THR G 78 19.52 -3.53 48.81
CA THR G 78 20.56 -3.87 47.85
C THR G 78 20.30 -5.24 47.24
N LEU G 79 20.79 -5.43 46.03
CA LEU G 79 20.70 -6.69 45.30
C LEU G 79 22.09 -7.26 45.11
N TYR G 80 22.23 -8.56 45.35
CA TYR G 80 23.52 -9.23 45.29
C TYR G 80 23.54 -10.23 44.13
N LEU G 81 24.75 -10.57 43.71
CA LEU G 81 24.97 -11.63 42.72
C LEU G 81 26.25 -12.36 43.11
N GLN G 82 26.09 -13.51 43.76
CA GLN G 82 27.24 -14.34 44.13
C GLN G 82 27.67 -15.17 42.93
N MET G 83 28.88 -14.93 42.44
CA MET G 83 29.44 -15.64 41.30
C MET G 83 30.50 -16.60 41.79
N ASN G 84 30.28 -17.90 41.59
CA ASN G 84 31.21 -18.93 41.98
C ASN G 84 31.68 -19.71 40.76
N SER G 85 32.84 -20.37 40.90
CA SER G 85 33.42 -21.20 39.84
C SER G 85 33.51 -20.43 38.52
N LEU G 86 34.05 -19.21 38.61
CA LEU G 86 34.05 -18.30 37.47
C LEU G 86 34.94 -18.82 36.34
N ARG G 87 34.50 -18.58 35.11
CA ARG G 87 35.23 -18.94 33.91
C ARG G 87 35.62 -17.68 33.15
N ALA G 88 36.42 -17.86 32.10
CA ALA G 88 36.84 -16.72 31.29
C ALA G 88 35.66 -16.10 30.56
N GLU G 89 34.64 -16.89 30.22
CA GLU G 89 33.48 -16.36 29.52
C GLU G 89 32.61 -15.47 30.42
N ASP G 90 32.88 -15.44 31.72
CA ASP G 90 32.15 -14.55 32.62
C ASP G 90 32.72 -13.14 32.62
N THR G 91 33.87 -12.92 31.98
CA THR G 91 34.41 -11.57 31.83
C THR G 91 33.44 -10.71 31.04
N ALA G 92 32.82 -9.74 31.72
CA ALA G 92 31.80 -8.91 31.11
C ALA G 92 31.54 -7.72 32.03
N VAL G 93 30.71 -6.80 31.53
CA VAL G 93 30.15 -5.73 32.35
C VAL G 93 28.78 -6.18 32.83
N TYR G 94 28.56 -6.14 34.14
CA TYR G 94 27.33 -6.62 34.74
C TYR G 94 26.46 -5.44 35.16
N TYR G 95 25.20 -5.46 34.73
CA TYR G 95 24.23 -4.44 35.09
C TYR G 95 23.11 -5.07 35.89
N CYS G 96 22.56 -4.29 36.83
CA CYS G 96 21.28 -4.62 37.43
C CYS G 96 20.18 -3.80 36.77
N ALA G 97 18.97 -4.33 36.79
CA ALA G 97 17.83 -3.68 36.15
C ALA G 97 16.58 -3.92 36.98
N LYS G 98 15.76 -2.88 37.10
CA LYS G 98 14.51 -2.98 37.84
C LYS G 98 13.50 -3.80 37.05
N GLY G 99 12.90 -4.79 37.71
CA GLY G 99 11.91 -5.65 37.10
C GLY G 99 10.49 -5.16 37.28
N GLY G 100 9.56 -6.10 37.22
CA GLY G 100 8.14 -5.78 37.32
C GLY G 100 7.68 -5.58 38.75
N SER G 101 6.36 -5.53 38.90
CA SER G 101 5.74 -5.07 40.14
C SER G 101 6.15 -5.96 41.33
N TYR G 102 5.91 -7.26 41.21
CA TYR G 102 6.14 -8.18 42.32
C TYR G 102 6.90 -9.42 41.87
N ALA G 103 6.17 -10.36 41.24
CA ALA G 103 6.76 -11.51 40.59
C ALA G 103 6.65 -11.42 39.07
N TYR G 104 6.53 -10.21 38.53
CA TYR G 104 6.46 -9.99 37.09
C TYR G 104 7.89 -9.80 36.58
N TYR G 105 8.57 -10.92 36.38
CA TYR G 105 9.98 -10.91 36.02
C TYR G 105 10.24 -10.40 34.60
N TYR G 106 9.21 -10.02 33.87
CA TYR G 106 9.34 -9.79 32.44
C TYR G 106 9.72 -8.35 32.09
N TYR G 107 9.82 -7.46 33.07
CA TYR G 107 10.19 -6.08 32.82
C TYR G 107 11.65 -5.85 33.18
N MET G 108 12.27 -4.88 32.50
CA MET G 108 13.66 -4.50 32.70
C MET G 108 13.83 -3.02 32.33
N ASP G 109 13.23 -2.14 33.13
CA ASP G 109 13.24 -0.72 32.79
C ASP G 109 14.61 -0.07 33.01
N VAL G 110 14.83 0.49 34.19
CA VAL G 110 16.05 1.26 34.45
C VAL G 110 17.22 0.31 34.69
N TRP G 111 18.31 0.54 33.99
CA TRP G 111 19.57 -0.18 34.18
C TRP G 111 20.55 0.73 34.92
N GLY G 112 21.52 0.11 35.59
CA GLY G 112 22.60 0.83 36.22
C GLY G 112 23.71 1.18 35.24
N LYS G 113 24.69 1.93 35.75
CA LYS G 113 25.86 2.24 34.92
C LYS G 113 26.69 0.99 34.63
N GLY G 114 26.71 0.03 35.55
CA GLY G 114 27.39 -1.23 35.29
C GLY G 114 28.75 -1.34 35.94
N THR G 115 29.07 -2.54 36.44
CA THR G 115 30.37 -2.84 37.00
C THR G 115 31.06 -3.89 36.14
N THR G 116 32.40 -3.81 36.07
CA THR G 116 33.19 -4.62 35.17
C THR G 116 33.85 -5.76 35.93
N VAL G 117 33.64 -6.99 35.46
CA VAL G 117 34.24 -8.19 36.03
C VAL G 117 35.20 -8.76 35.01
N THR G 118 36.47 -8.89 35.39
CA THR G 118 37.51 -9.45 34.53
C THR G 118 38.03 -10.72 35.19
N VAL G 119 37.87 -11.84 34.50
CA VAL G 119 38.27 -13.15 35.02
C VAL G 119 39.60 -13.51 34.37
N SER G 120 40.68 -13.43 35.14
CA SER G 120 42.01 -13.70 34.61
C SER G 120 42.93 -14.08 35.77
N SER G 121 43.84 -15.01 35.52
CA SER G 121 44.85 -15.41 36.49
C SER G 121 46.09 -14.52 36.44
N ALA G 122 46.09 -13.49 35.59
CA ALA G 122 47.24 -12.60 35.47
C ALA G 122 47.34 -11.69 36.70
N SER G 123 48.54 -11.17 36.92
CA SER G 123 48.83 -10.28 38.03
C SER G 123 49.00 -8.85 37.53
N THR G 124 48.78 -7.90 38.44
CA THR G 124 48.95 -6.50 38.11
C THR G 124 50.39 -6.24 37.67
N LYS G 125 50.55 -5.67 36.47
CA LYS G 125 51.87 -5.46 35.90
C LYS G 125 51.84 -4.20 35.06
N GLY G 126 52.90 -3.38 35.20
CA GLY G 126 53.03 -2.17 34.43
C GLY G 126 53.29 -2.46 32.97
N PRO G 127 52.95 -1.51 32.10
CA PRO G 127 53.09 -1.74 30.66
C PRO G 127 54.50 -1.45 30.16
N SER G 128 54.94 -2.25 29.20
CA SER G 128 56.18 -1.98 28.48
C SER G 128 55.86 -1.06 27.31
N VAL G 129 56.53 0.09 27.26
CA VAL G 129 56.25 1.13 26.27
C VAL G 129 57.38 1.13 25.26
N PHE G 130 57.06 0.74 24.02
CA PHE G 130 58.02 0.71 22.94
C PHE G 130 57.63 1.71 21.86
N PRO G 131 58.59 2.39 21.24
CA PRO G 131 58.25 3.42 20.25
C PRO G 131 58.01 2.83 18.87
N LEU G 132 57.02 3.38 18.18
CA LEU G 132 56.76 3.07 16.77
C LEU G 132 57.41 4.19 15.95
N ALA G 133 58.63 3.92 15.48
CA ALA G 133 59.43 4.95 14.84
C ALA G 133 58.95 5.21 13.41
N PRO G 134 58.91 6.48 12.98
CA PRO G 134 58.53 6.86 11.61
C PRO G 134 59.62 6.57 10.59
N GLY G 141 56.52 9.45 1.43
CA GLY G 141 55.22 10.10 1.45
C GLY G 141 55.29 11.55 1.93
N GLY G 142 54.15 12.25 1.85
CA GLY G 142 54.11 13.62 2.32
C GLY G 142 53.88 13.74 3.81
N THR G 143 53.21 12.77 4.41
CA THR G 143 52.99 12.75 5.85
C THR G 143 53.42 11.41 6.42
N ALA G 144 53.97 11.43 7.63
CA ALA G 144 54.47 10.24 8.30
C ALA G 144 53.60 9.91 9.51
N ALA G 145 53.72 8.67 9.97
CA ALA G 145 52.98 8.18 11.12
C ALA G 145 53.95 7.59 12.13
N LEU G 146 53.73 7.92 13.41
CA LEU G 146 54.52 7.38 14.50
C LEU G 146 53.60 7.11 15.68
N GLY G 147 54.10 6.31 16.62
CA GLY G 147 53.26 5.96 17.76
C GLY G 147 54.05 5.24 18.84
N CYS G 148 53.30 4.64 19.76
CA CYS G 148 53.86 3.92 20.89
C CYS G 148 53.12 2.59 21.05
N LEU G 149 53.87 1.55 21.40
CA LEU G 149 53.31 0.24 21.67
C LEU G 149 53.26 0.03 23.17
N VAL G 150 52.06 0.00 23.72
CA VAL G 150 51.83 -0.22 25.15
C VAL G 150 51.48 -1.69 25.32
N LYS G 151 52.47 -2.51 25.66
CA LYS G 151 52.36 -3.96 25.62
C LYS G 151 52.54 -4.56 27.02
N ASP G 152 51.77 -5.62 27.28
CA ASP G 152 51.94 -6.49 28.44
C ASP G 152 51.65 -5.74 29.75
N TYR G 153 50.40 -5.32 29.90
CA TYR G 153 49.94 -4.71 31.14
C TYR G 153 48.65 -5.39 31.57
N PHE G 154 48.28 -5.17 32.84
CA PHE G 154 47.10 -5.74 33.45
C PHE G 154 46.85 -5.11 34.82
N PRO G 155 45.61 -4.78 35.17
CA PRO G 155 44.44 -4.88 34.28
C PRO G 155 44.17 -3.58 33.53
N GLU G 156 43.00 -3.49 32.91
CA GLU G 156 42.58 -2.28 32.22
C GLU G 156 42.29 -1.16 33.23
N PRO G 157 42.40 0.10 32.81
CA PRO G 157 42.88 0.56 31.51
C PRO G 157 44.21 1.30 31.59
N VAL G 158 44.67 1.80 30.44
CA VAL G 158 45.79 2.74 30.38
C VAL G 158 45.31 4.00 29.68
N THR G 159 46.02 5.10 29.94
CA THR G 159 45.74 6.39 29.33
C THR G 159 47.00 6.87 28.61
N VAL G 160 46.84 7.25 27.34
CA VAL G 160 47.95 7.69 26.50
C VAL G 160 47.64 9.08 26.00
N SER G 161 48.58 10.00 26.23
CA SER G 161 48.54 11.34 25.66
C SER G 161 49.89 11.63 25.00
N TRP G 162 49.92 12.68 24.18
CA TRP G 162 51.10 13.03 23.42
C TRP G 162 51.54 14.45 23.76
N ASN G 163 52.81 14.60 24.12
CA ASN G 163 53.39 15.88 24.51
C ASN G 163 52.59 16.52 25.65
N SER G 164 52.20 15.70 26.62
CA SER G 164 51.48 16.13 27.82
C SER G 164 50.14 16.79 27.46
N GLY G 165 49.57 16.44 26.31
CA GLY G 165 48.31 16.99 25.87
C GLY G 165 48.40 18.05 24.81
N ALA G 166 49.61 18.46 24.42
CA ALA G 166 49.73 19.48 23.38
C ALA G 166 49.41 18.92 22.00
N LEU G 167 49.86 17.69 21.72
CA LEU G 167 49.61 17.05 20.44
C LEU G 167 48.31 16.25 20.55
N THR G 168 47.24 16.78 19.98
CA THR G 168 45.95 16.11 19.97
C THR G 168 45.40 15.85 18.56
N SER G 169 45.79 16.65 17.57
CA SER G 169 45.29 16.47 16.22
C SER G 169 45.90 15.22 15.58
N GLY G 170 45.05 14.35 15.05
CA GLY G 170 45.52 13.17 14.35
C GLY G 170 45.95 12.02 15.24
N VAL G 171 45.56 12.02 16.50
CA VAL G 171 45.94 10.96 17.44
C VAL G 171 44.85 9.88 17.43
N HIS G 172 45.28 8.62 17.32
CA HIS G 172 44.38 7.48 17.34
C HIS G 172 44.90 6.47 18.37
N THR G 173 44.31 6.48 19.55
CA THR G 173 44.63 5.50 20.59
C THR G 173 43.68 4.32 20.45
N PHE G 174 44.20 3.19 19.98
CA PHE G 174 43.37 2.04 19.69
C PHE G 174 42.93 1.36 20.99
N PRO G 175 41.75 0.74 21.00
CA PRO G 175 41.36 -0.06 22.16
C PRO G 175 42.23 -1.30 22.29
N ALA G 176 42.42 -1.73 23.53
CA ALA G 176 43.35 -2.80 23.82
C ALA G 176 42.81 -4.15 23.36
N VAL G 177 43.72 -5.09 23.15
CA VAL G 177 43.39 -6.48 22.83
C VAL G 177 43.98 -7.36 23.92
N LEU G 178 43.30 -8.48 24.19
CA LEU G 178 43.70 -9.42 25.23
C LEU G 178 44.51 -10.54 24.58
N GLN G 179 45.80 -10.60 24.91
CA GLN G 179 46.67 -11.64 24.38
C GLN G 179 46.40 -12.97 25.08
N SER G 180 46.89 -14.05 24.46
CA SER G 180 46.72 -15.38 25.03
C SER G 180 47.43 -15.54 26.37
N SER G 181 48.39 -14.67 26.67
CA SER G 181 49.07 -14.69 27.97
C SER G 181 48.23 -14.09 29.09
N GLY G 182 47.11 -13.46 28.77
CA GLY G 182 46.30 -12.77 29.76
C GLY G 182 46.62 -11.30 29.94
N LEU G 183 47.65 -10.80 29.27
CA LEU G 183 48.03 -9.39 29.35
C LEU G 183 47.50 -8.64 28.15
N TYR G 184 47.26 -7.34 28.34
CA TYR G 184 46.67 -6.51 27.30
C TYR G 184 47.78 -5.81 26.50
N SER G 185 47.49 -5.60 25.22
CA SER G 185 48.37 -4.85 24.33
C SER G 185 47.59 -3.71 23.68
N LEU G 186 48.25 -2.57 23.54
CA LEU G 186 47.60 -1.36 23.04
C LEU G 186 48.62 -0.57 22.23
N SER G 187 48.12 0.15 21.23
CA SER G 187 48.93 1.03 20.41
C SER G 187 48.23 2.37 20.24
N SER G 188 49.01 3.44 20.25
CA SER G 188 48.51 4.79 20.07
C SER G 188 49.38 5.49 19.04
N VAL G 189 48.79 5.84 17.90
CA VAL G 189 49.53 6.41 16.79
C VAL G 189 49.08 7.85 16.57
N VAL G 190 49.94 8.62 15.92
CA VAL G 190 49.64 10.00 15.55
C VAL G 190 50.32 10.32 14.23
N THR G 191 49.60 10.93 13.32
CA THR G 191 50.14 11.34 12.03
C THR G 191 50.58 12.80 12.09
N VAL G 192 51.80 13.06 11.66
CA VAL G 192 52.37 14.40 11.70
C VAL G 192 53.00 14.68 10.33
N PRO G 193 53.15 15.96 9.97
CA PRO G 193 53.91 16.27 8.76
C PRO G 193 55.36 15.87 8.92
N SER G 194 55.91 15.22 7.88
CA SER G 194 57.28 14.74 7.94
C SER G 194 58.28 15.89 8.00
N SER G 195 57.85 17.12 7.72
CA SER G 195 58.74 18.27 7.78
C SER G 195 59.20 18.53 9.20
N SER G 196 58.32 18.35 10.18
CA SER G 196 58.61 18.61 11.58
C SER G 196 59.20 17.42 12.30
N LEU G 197 59.60 16.37 11.58
CA LEU G 197 60.15 15.19 12.24
C LEU G 197 61.52 15.46 12.85
N GLY G 198 62.27 16.41 12.30
CA GLY G 198 63.60 16.68 12.79
C GLY G 198 63.70 17.89 13.70
N THR G 199 62.62 18.65 13.81
CA THR G 199 62.59 19.85 14.64
C THR G 199 61.37 19.87 15.56
N GLN G 200 60.88 18.69 15.93
CA GLN G 200 59.76 18.58 16.88
C GLN G 200 59.78 17.18 17.46
N THR G 201 59.97 17.06 18.77
CA THR G 201 60.04 15.78 19.44
C THR G 201 58.65 15.36 19.92
N TYR G 202 58.35 14.08 19.75
CA TYR G 202 57.06 13.52 20.13
C TYR G 202 57.25 12.53 21.27
N ILE G 203 56.47 12.71 22.34
CA ILE G 203 56.52 11.85 23.52
C ILE G 203 55.11 11.40 23.84
N CYS G 204 54.93 10.09 24.02
CA CYS G 204 53.67 9.53 24.47
C CYS G 204 53.71 9.36 25.99
N ASN G 205 52.63 9.77 26.65
CA ASN G 205 52.54 9.72 28.12
C ASN G 205 51.59 8.60 28.51
N VAL G 206 52.15 7.43 28.77
CA VAL G 206 51.37 6.27 29.16
C VAL G 206 51.25 6.26 30.68
N ASN G 207 50.02 6.24 31.18
CA ASN G 207 49.74 6.24 32.61
C ASN G 207 48.90 5.02 32.94
N HIS G 208 49.41 4.17 33.84
CA HIS G 208 48.76 2.93 34.23
C HIS G 208 48.53 3.00 35.74
N LYS G 209 47.34 3.47 36.14
CA LYS G 209 47.05 3.65 37.56
C LYS G 209 47.09 2.36 38.38
N PRO G 210 46.52 1.22 37.93
CA PRO G 210 46.53 0.02 38.80
C PRO G 210 47.91 -0.41 39.28
N SER G 211 48.95 -0.19 38.49
CA SER G 211 50.31 -0.54 38.87
C SER G 211 51.16 0.66 39.24
N ASN G 212 50.58 1.87 39.25
CA ASN G 212 51.30 3.10 39.62
C ASN G 212 52.50 3.32 38.70
N THR G 213 52.26 3.27 37.39
CA THR G 213 53.29 3.42 36.39
C THR G 213 53.02 4.65 35.54
N LYS G 214 54.03 5.49 35.37
CA LYS G 214 53.98 6.65 34.48
C LYS G 214 55.23 6.64 33.62
N VAL G 215 55.07 6.36 32.32
CA VAL G 215 56.19 6.23 31.40
C VAL G 215 56.04 7.26 30.30
N ASP G 216 57.09 8.04 30.08
CA ASP G 216 57.16 8.99 28.96
C ASP G 216 58.23 8.48 28.00
N LYS G 217 57.81 8.09 26.80
CA LYS G 217 58.69 7.49 25.81
C LYS G 217 58.87 8.44 24.64
N LYS G 218 60.14 8.70 24.30
CA LYS G 218 60.48 9.59 23.19
C LYS G 218 60.58 8.77 21.91
N VAL G 219 59.78 9.15 20.91
CA VAL G 219 59.76 8.48 19.61
C VAL G 219 60.66 9.26 18.66
N GLU G 220 61.67 8.58 18.11
CA GLU G 220 62.63 9.18 17.21
C GLU G 220 62.68 8.40 15.90
N PRO G 221 63.09 9.04 14.81
CA PRO G 221 63.29 8.30 13.55
C PRO G 221 64.55 7.46 13.62
N LYS G 222 64.70 6.58 12.62
CA LYS G 222 65.87 5.71 12.53
C LYS G 222 66.59 5.92 11.20
N ASP H 1 14.04 -21.74 24.74
CA ASP H 1 14.22 -20.30 24.70
C ASP H 1 13.67 -19.72 23.41
N ILE H 2 13.37 -18.42 23.43
CA ILE H 2 12.91 -17.70 22.26
C ILE H 2 14.11 -17.04 21.60
N GLN H 3 14.29 -17.27 20.30
CA GLN H 3 15.42 -16.77 19.54
C GLN H 3 14.98 -15.61 18.66
N LEU H 4 15.74 -14.52 18.69
CA LEU H 4 15.46 -13.33 17.90
C LEU H 4 16.53 -13.15 16.84
N THR H 5 16.10 -12.80 15.62
CA THR H 5 16.99 -12.62 14.47
C THR H 5 16.87 -11.20 13.96
N GLN H 6 17.93 -10.42 14.10
CA GLN H 6 17.96 -9.06 13.58
C GLN H 6 18.52 -9.05 12.16
N SER H 7 18.05 -8.08 11.37
CA SER H 7 18.48 -7.93 10.00
C SER H 7 18.41 -6.44 9.65
N PRO H 8 19.52 -5.84 9.19
CA PRO H 8 20.81 -6.51 9.01
C PRO H 8 21.70 -6.42 10.25
N SER H 9 22.83 -7.13 10.24
CA SER H 9 23.76 -7.04 11.36
C SER H 9 24.47 -5.68 11.39
N SER H 10 24.58 -5.02 10.24
CA SER H 10 25.15 -3.68 10.17
C SER H 10 24.61 -3.00 8.92
N LEU H 11 24.65 -1.67 8.95
CA LEU H 11 24.23 -0.88 7.80
C LEU H 11 24.84 0.51 7.90
N SER H 12 24.84 1.22 6.78
CA SER H 12 25.40 2.57 6.69
C SER H 12 24.41 3.49 6.02
N ALA H 13 24.22 4.68 6.59
CA ALA H 13 23.33 5.68 6.03
C ALA H 13 23.86 7.06 6.37
N SER H 14 23.44 8.04 5.57
CA SER H 14 23.81 9.44 5.75
C SER H 14 22.69 10.17 6.49
N VAL H 15 23.03 11.36 7.01
CA VAL H 15 22.09 12.15 7.78
C VAL H 15 20.88 12.48 6.92
N GLY H 16 19.69 12.18 7.45
CA GLY H 16 18.45 12.40 6.74
C GLY H 16 17.83 11.15 6.14
N ASP H 17 18.57 10.05 6.08
CA ASP H 17 18.05 8.83 5.51
C ASP H 17 17.04 8.18 6.44
N ARG H 18 16.25 7.26 5.89
CA ARG H 18 15.26 6.49 6.64
C ARG H 18 15.80 5.08 6.85
N VAL H 19 16.15 4.76 8.08
CA VAL H 19 16.74 3.48 8.44
C VAL H 19 15.65 2.55 8.95
N THR H 20 15.71 1.29 8.52
CA THR H 20 14.73 0.28 8.94
C THR H 20 15.47 -1.03 9.21
N ILE H 21 15.33 -1.56 10.42
CA ILE H 21 15.89 -2.85 10.77
C ILE H 21 14.77 -3.74 11.30
N THR H 22 14.90 -5.04 11.06
CA THR H 22 13.86 -6.01 11.38
C THR H 22 14.31 -6.96 12.47
N CYS H 23 13.32 -7.54 13.16
CA CYS H 23 13.55 -8.49 14.22
C CYS H 23 12.47 -9.57 14.13
N GLN H 24 12.87 -10.81 13.88
CA GLN H 24 11.96 -11.93 13.75
C GLN H 24 12.08 -12.83 14.97
N ALA H 25 10.94 -13.21 15.53
CA ALA H 25 10.90 -14.08 16.69
C ALA H 25 10.63 -15.52 16.27
N SER H 26 11.24 -16.46 17.00
CA SER H 26 11.05 -17.87 16.70
C SER H 26 9.64 -18.35 17.04
N GLN H 27 8.92 -17.61 17.88
CA GLN H 27 7.54 -17.94 18.22
C GLN H 27 6.80 -16.67 18.55
N ASP H 28 5.47 -16.77 18.66
CA ASP H 28 4.63 -15.62 18.92
C ASP H 28 4.95 -15.04 20.31
N ILE H 29 5.26 -13.75 20.34
CA ILE H 29 5.60 -13.06 21.58
C ILE H 29 4.66 -11.89 21.79
N SER H 30 3.46 -11.98 21.22
CA SER H 30 2.48 -10.90 21.26
C SER H 30 3.10 -9.59 20.80
N ASN H 31 3.19 -8.62 21.70
CA ASN H 31 3.87 -7.36 21.42
C ASN H 31 4.94 -7.09 22.48
N TYR H 32 5.48 -8.15 23.08
CA TYR H 32 6.45 -8.03 24.16
C TYR H 32 7.87 -7.91 23.57
N LEU H 33 8.11 -6.78 22.91
CA LEU H 33 9.41 -6.52 22.30
C LEU H 33 9.91 -5.13 22.69
N ASN H 34 11.17 -5.07 23.09
CA ASN H 34 11.86 -3.82 23.38
C ASN H 34 12.91 -3.54 22.32
N TRP H 35 13.18 -2.25 22.08
CA TRP H 35 14.26 -1.82 21.20
C TRP H 35 15.22 -0.94 22.00
N TYR H 36 16.48 -1.35 22.04
CA TYR H 36 17.52 -0.64 22.78
C TYR H 36 18.47 0.06 21.83
N GLN H 37 18.99 1.20 22.28
CA GLN H 37 20.10 1.88 21.64
C GLN H 37 21.29 1.85 22.59
N GLN H 38 22.44 1.41 22.11
CA GLN H 38 23.65 1.34 22.92
C GLN H 38 24.77 2.08 22.21
N LYS H 39 25.17 3.21 22.76
CA LYS H 39 26.29 3.93 22.20
C LYS H 39 27.60 3.43 22.82
N PRO H 40 28.69 3.43 22.03
CA PRO H 40 29.94 2.83 22.50
C PRO H 40 30.42 3.36 23.84
N GLY H 41 30.58 2.46 24.81
CA GLY H 41 31.04 2.80 26.13
C GLY H 41 29.96 2.83 27.20
N LYS H 42 28.74 3.21 26.83
CA LYS H 42 27.66 3.39 27.80
C LYS H 42 26.75 2.16 27.83
N ALA H 43 25.75 2.21 28.70
CA ALA H 43 24.78 1.15 28.86
C ALA H 43 23.66 1.29 27.83
N PRO H 44 22.93 0.21 27.55
CA PRO H 44 21.81 0.31 26.61
C PRO H 44 20.70 1.20 27.16
N LYS H 45 20.06 1.94 26.26
CA LYS H 45 18.95 2.82 26.59
C LYS H 45 17.72 2.37 25.82
N LEU H 46 16.59 2.26 26.51
CA LEU H 46 15.35 1.80 25.89
C LEU H 46 14.75 2.92 25.04
N LEU H 47 14.45 2.60 23.79
CA LEU H 47 13.77 3.53 22.90
C LEU H 47 12.31 3.16 22.65
N ILE H 48 12.02 1.88 22.39
CA ILE H 48 10.67 1.42 22.09
C ILE H 48 10.31 0.32 23.07
N TYR H 49 9.13 0.43 23.68
CA TYR H 49 8.60 -0.60 24.55
C TYR H 49 7.26 -1.07 23.99
N ASP H 50 6.91 -2.32 24.30
CA ASP H 50 5.69 -2.94 23.78
C ASP H 50 5.62 -2.83 22.26
N ALA H 51 6.77 -2.99 21.61
CA ALA H 51 6.91 -3.08 20.16
C ALA H 51 6.63 -1.78 19.43
N SER H 52 5.69 -0.96 19.93
CA SER H 52 5.19 0.18 19.17
C SER H 52 5.37 1.53 19.85
N ASN H 53 5.54 1.59 21.16
CA ASN H 53 5.42 2.82 21.92
C ASN H 53 6.78 3.45 22.19
N LEU H 54 6.80 4.79 22.22
CA LEU H 54 8.02 5.55 22.46
C LEU H 54 8.25 5.70 23.96
N GLU H 55 9.47 5.40 24.39
CA GLU H 55 9.85 5.66 25.77
C GLU H 55 9.90 7.17 26.02
N THR H 56 9.76 7.54 27.29
CA THR H 56 9.77 8.95 27.68
C THR H 56 11.08 9.62 27.26
N GLY H 57 10.96 10.78 26.61
CA GLY H 57 12.11 11.56 26.21
C GLY H 57 12.66 11.23 24.84
N VAL H 58 12.46 10.01 24.37
CA VAL H 58 13.04 9.58 23.10
C VAL H 58 12.48 10.44 21.97
N PRO H 59 13.31 10.94 21.04
CA PRO H 59 12.79 11.75 19.94
C PRO H 59 11.80 10.98 19.08
N SER H 60 10.89 11.72 18.46
CA SER H 60 9.82 11.13 17.66
C SER H 60 10.31 10.50 16.36
N ARG H 61 11.60 10.63 16.04
CA ARG H 61 12.13 10.01 14.82
C ARG H 61 12.20 8.50 14.93
N PHE H 62 12.23 7.96 16.15
CA PHE H 62 12.22 6.52 16.38
C PHE H 62 10.80 5.99 16.43
N SER H 63 10.60 4.81 15.86
CA SER H 63 9.30 4.15 15.87
C SER H 63 9.50 2.67 15.72
N GLY H 64 8.45 1.91 16.02
CA GLY H 64 8.49 0.47 15.89
C GLY H 64 7.09 -0.07 15.64
N GLY H 65 7.06 -1.26 15.05
CA GLY H 65 5.78 -1.88 14.72
C GLY H 65 5.88 -3.40 14.78
N GLY H 66 4.71 -4.03 14.76
CA GLY H 66 4.64 -5.47 14.67
C GLY H 66 3.97 -6.12 15.86
N SER H 67 3.49 -7.35 15.66
CA SER H 67 2.98 -8.17 16.74
C SER H 67 3.04 -9.62 16.28
N GLY H 68 3.34 -10.52 17.22
CA GLY H 68 3.45 -11.93 16.89
C GLY H 68 4.89 -12.36 16.71
N THR H 69 5.39 -12.30 15.48
CA THR H 69 6.73 -12.83 15.20
C THR H 69 7.61 -11.84 14.45
N ASP H 70 7.02 -10.99 13.63
CA ASP H 70 7.76 -10.09 12.75
C ASP H 70 7.61 -8.65 13.21
N PHE H 71 8.73 -8.01 13.52
CA PHE H 71 8.75 -6.66 14.06
C PHE H 71 9.75 -5.81 13.28
N THR H 72 9.54 -4.49 13.34
CA THR H 72 10.40 -3.56 12.63
C THR H 72 10.74 -2.37 13.54
N PHE H 73 11.88 -1.76 13.26
CA PHE H 73 12.36 -0.58 13.98
C PHE H 73 12.84 0.42 12.93
N THR H 74 12.37 1.67 13.03
CA THR H 74 12.56 2.65 11.98
C THR H 74 13.05 3.97 12.55
N ILE H 75 13.94 4.62 11.81
CA ILE H 75 14.39 5.98 12.09
C ILE H 75 14.10 6.80 10.83
N THR H 76 13.13 7.72 10.93
CA THR H 76 12.70 8.46 9.75
C THR H 76 13.78 9.40 9.23
N SER H 77 14.48 10.09 10.13
CA SER H 77 15.48 11.09 9.75
C SER H 77 16.72 10.87 10.60
N LEU H 78 17.63 10.02 10.10
CA LEU H 78 18.83 9.67 10.84
C LEU H 78 19.66 10.90 11.17
N GLN H 79 20.13 10.98 12.41
CA GLN H 79 20.89 12.10 12.92
C GLN H 79 22.27 11.68 13.38
N PRO H 80 23.22 12.61 13.50
CA PRO H 80 24.59 12.23 13.90
C PRO H 80 24.66 11.59 15.28
N GLU H 81 23.77 11.94 16.21
CA GLU H 81 23.81 11.33 17.52
C GLU H 81 23.07 9.99 17.57
N ASP H 82 22.64 9.47 16.43
CA ASP H 82 21.95 8.19 16.35
C ASP H 82 22.89 7.05 15.96
N ILE H 83 24.19 7.32 15.88
CA ILE H 83 25.16 6.30 15.49
C ILE H 83 25.43 5.42 16.70
N ALA H 84 24.96 4.18 16.66
CA ALA H 84 25.11 3.25 17.78
C ALA H 84 24.77 1.86 17.25
N THR H 85 24.67 0.90 18.17
CA THR H 85 24.17 -0.43 17.87
C THR H 85 22.79 -0.58 18.50
N TYR H 86 21.86 -1.19 17.76
CA TYR H 86 20.47 -1.31 18.19
C TYR H 86 20.12 -2.78 18.38
N TYR H 87 19.51 -3.09 19.52
CA TYR H 87 19.12 -4.45 19.88
C TYR H 87 17.61 -4.53 20.04
N CYS H 88 17.03 -5.64 19.59
CA CYS H 88 15.66 -5.99 19.98
C CYS H 88 15.70 -7.03 21.09
N GLN H 89 14.72 -6.95 21.99
CA GLN H 89 14.69 -7.81 23.16
C GLN H 89 13.25 -8.24 23.42
N GLN H 90 13.05 -9.54 23.57
CA GLN H 90 11.74 -10.09 23.87
C GLN H 90 11.59 -10.30 25.36
N TYR H 91 10.36 -10.17 25.85
CA TYR H 91 10.05 -10.42 27.26
C TYR H 91 8.70 -11.11 27.38
N ASP H 92 8.42 -12.05 26.48
CA ASP H 92 7.22 -12.87 26.61
C ASP H 92 7.38 -13.96 27.65
N ASN H 93 8.59 -14.52 27.78
CA ASN H 93 8.87 -15.53 28.78
C ASN H 93 10.36 -15.52 29.09
N LEU H 94 10.71 -16.11 30.23
CA LEU H 94 12.11 -16.31 30.57
C LEU H 94 12.67 -17.52 29.83
N PRO H 95 13.96 -17.49 29.46
CA PRO H 95 14.90 -16.39 29.70
C PRO H 95 14.69 -15.22 28.75
N LEU H 96 14.90 -14.00 29.24
CA LEU H 96 14.89 -12.83 28.37
C LEU H 96 16.07 -12.92 27.40
N THR H 97 15.78 -12.72 26.12
CA THR H 97 16.77 -12.90 25.06
C THR H 97 16.78 -11.69 24.15
N PHE H 98 17.97 -11.39 23.63
CA PHE H 98 18.21 -10.24 22.77
C PHE H 98 18.46 -10.67 21.33
N GLY H 99 18.38 -9.70 20.42
CA GLY H 99 18.81 -9.93 19.06
C GLY H 99 20.30 -9.74 18.89
N GLY H 100 20.78 -10.11 17.71
CA GLY H 100 22.21 -10.04 17.42
C GLY H 100 22.77 -8.64 17.37
N GLY H 101 21.92 -7.63 17.30
CA GLY H 101 22.40 -6.26 17.22
C GLY H 101 22.57 -5.77 15.80
N THR H 102 22.37 -4.47 15.62
CA THR H 102 22.54 -3.81 14.32
C THR H 102 23.37 -2.55 14.52
N LYS H 103 24.57 -2.54 13.94
CA LYS H 103 25.44 -1.38 14.01
C LYS H 103 25.12 -0.42 12.87
N VAL H 104 24.82 0.82 13.23
CA VAL H 104 24.44 1.85 12.25
C VAL H 104 25.65 2.75 12.02
N ASP H 105 26.08 2.85 10.77
CA ASP H 105 27.27 3.59 10.39
C ASP H 105 26.86 4.81 9.56
N ILE H 106 27.75 5.80 9.52
CA ILE H 106 27.55 6.98 8.68
C ILE H 106 28.10 6.67 7.30
N LYS H 107 27.27 6.89 6.27
CA LYS H 107 27.71 6.72 4.91
C LYS H 107 28.50 7.94 4.47
N ARG H 108 29.66 7.71 3.85
CA ARG H 108 30.50 8.78 3.34
C ARG H 108 31.26 8.26 2.13
N THR H 109 32.01 9.16 1.50
CA THR H 109 32.78 8.78 0.31
C THR H 109 33.84 7.75 0.68
N VAL H 110 34.05 6.77 -0.20
CA VAL H 110 34.99 5.69 0.05
C VAL H 110 36.39 6.26 0.17
N ALA H 111 37.06 5.94 1.28
CA ALA H 111 38.40 6.44 1.56
C ALA H 111 39.35 5.26 1.70
N ALA H 112 40.41 5.27 0.90
CA ALA H 112 41.40 4.20 0.97
C ALA H 112 42.30 4.37 2.20
N PRO H 113 42.76 3.27 2.80
CA PRO H 113 43.59 3.37 4.00
C PRO H 113 45.01 3.80 3.68
N SER H 114 45.58 4.59 4.58
CA SER H 114 47.00 4.97 4.52
C SER H 114 47.79 3.95 5.33
N VAL H 115 48.52 3.08 4.64
CA VAL H 115 49.16 1.93 5.26
C VAL H 115 50.57 2.29 5.69
N PHE H 116 50.86 2.08 6.97
CA PHE H 116 52.20 2.24 7.53
C PHE H 116 52.59 0.95 8.23
N ILE H 117 53.86 0.57 8.12
CA ILE H 117 54.38 -0.60 8.81
C ILE H 117 55.46 -0.14 9.78
N PHE H 118 55.53 -0.79 10.93
CA PHE H 118 56.47 -0.41 11.99
C PHE H 118 57.27 -1.63 12.40
N PRO H 119 58.59 -1.62 12.24
CA PRO H 119 59.41 -2.73 12.76
C PRO H 119 59.47 -2.67 14.27
N PRO H 120 59.80 -3.79 14.92
CA PRO H 120 59.91 -3.78 16.39
C PRO H 120 61.11 -2.95 16.83
N SER H 121 60.93 -2.22 17.94
CA SER H 121 61.99 -1.38 18.46
C SER H 121 63.13 -2.21 19.03
N ASP H 122 64.33 -1.62 19.02
CA ASP H 122 65.51 -2.33 19.54
C ASP H 122 65.38 -2.60 21.03
N GLU H 123 64.65 -1.74 21.76
CA GLU H 123 64.45 -1.97 23.19
C GLU H 123 63.62 -3.22 23.44
N GLN H 124 62.65 -3.50 22.57
CA GLN H 124 61.80 -4.67 22.74
C GLN H 124 62.54 -5.95 22.36
N LEU H 125 63.40 -5.90 21.34
CA LEU H 125 64.15 -7.08 20.93
C LEU H 125 65.13 -7.53 22.00
N LYS H 126 65.56 -6.63 22.89
CA LYS H 126 66.43 -7.02 23.99
C LYS H 126 65.70 -7.87 25.02
N SER H 127 64.37 -7.74 25.12
CA SER H 127 63.59 -8.53 26.06
C SER H 127 63.22 -9.90 25.52
N GLY H 128 63.48 -10.18 24.25
CA GLY H 128 63.18 -11.47 23.68
C GLY H 128 61.85 -11.58 22.96
N THR H 129 61.22 -10.46 22.63
CA THR H 129 59.94 -10.45 21.94
C THR H 129 59.97 -9.43 20.82
N ALA H 130 59.33 -9.74 19.70
CA ALA H 130 59.25 -8.86 18.55
C ALA H 130 57.79 -8.65 18.19
N SER H 131 57.40 -7.39 18.02
CA SER H 131 56.02 -7.04 17.67
C SER H 131 56.04 -6.09 16.47
N VAL H 132 55.57 -6.58 15.32
CA VAL H 132 55.45 -5.77 14.12
C VAL H 132 54.05 -5.18 14.08
N VAL H 133 53.95 -3.89 13.73
CA VAL H 133 52.69 -3.16 13.75
C VAL H 133 52.38 -2.67 12.35
N CYS H 134 51.16 -2.93 11.89
CA CYS H 134 50.66 -2.47 10.60
C CYS H 134 49.48 -1.54 10.86
N LEU H 135 49.58 -0.31 10.36
CA LEU H 135 48.60 0.73 10.63
C LEU H 135 47.79 1.06 9.39
N LEU H 136 46.47 1.13 9.55
CA LEU H 136 45.54 1.57 8.50
C LEU H 136 44.84 2.81 9.01
N ASN H 137 45.22 3.97 8.48
CA ASN H 137 44.80 5.26 9.04
C ASN H 137 43.70 5.88 8.20
N ASN H 138 42.58 6.18 8.85
CA ASN H 138 41.48 6.95 8.26
C ASN H 138 40.95 6.34 6.97
N PHE H 139 40.04 5.37 7.07
CA PHE H 139 39.46 4.74 5.90
C PHE H 139 37.96 4.56 6.10
N TYR H 140 37.27 4.27 5.00
CA TYR H 140 35.84 3.98 4.99
C TYR H 140 35.52 3.19 3.74
N PRO H 141 34.65 2.16 3.81
CA PRO H 141 33.91 1.69 4.99
C PRO H 141 34.79 0.93 5.98
N ARG H 142 34.16 0.41 7.04
CA ARG H 142 34.93 -0.20 8.12
C ARG H 142 35.59 -1.51 7.66
N GLU H 143 34.96 -2.22 6.74
CA GLU H 143 35.47 -3.53 6.30
C GLU H 143 36.86 -3.39 5.69
N ALA H 144 37.82 -4.10 6.28
CA ALA H 144 39.19 -4.10 5.79
C ALA H 144 39.83 -5.44 6.15
N LYS H 145 40.76 -5.88 5.30
CA LYS H 145 41.42 -7.17 5.47
C LYS H 145 42.93 -6.97 5.43
N VAL H 146 43.63 -7.53 6.42
CA VAL H 146 45.08 -7.44 6.52
C VAL H 146 45.63 -8.85 6.67
N GLN H 147 46.60 -9.19 5.81
CA GLN H 147 47.29 -10.47 5.86
C GLN H 147 48.79 -10.25 6.01
N TRP H 148 49.42 -11.03 6.88
CA TRP H 148 50.84 -10.90 7.17
C TRP H 148 51.64 -11.88 6.31
N LYS H 149 52.82 -11.44 5.88
CA LYS H 149 53.72 -12.24 5.06
C LYS H 149 55.10 -12.24 5.70
N VAL H 150 55.60 -13.43 6.02
CA VAL H 150 56.94 -13.60 6.58
C VAL H 150 57.71 -14.50 5.62
N ASP H 151 58.54 -13.89 4.77
CA ASP H 151 59.29 -14.59 3.74
C ASP H 151 58.35 -15.38 2.83
N ASN H 152 57.40 -14.65 2.23
CA ASN H 152 56.43 -15.19 1.27
C ASN H 152 55.54 -16.26 1.89
N ALA H 153 55.39 -16.26 3.21
CA ALA H 153 54.56 -17.24 3.90
C ALA H 153 53.40 -16.51 4.57
N LEU H 154 52.18 -16.89 4.21
CA LEU H 154 51.00 -16.29 4.81
C LEU H 154 50.88 -16.70 6.28
N GLN H 155 50.65 -15.71 7.14
CA GLN H 155 50.58 -15.93 8.57
C GLN H 155 49.12 -16.00 9.03
N SER H 156 48.88 -16.83 10.04
CA SER H 156 47.54 -16.99 10.59
C SER H 156 47.65 -17.51 12.01
N GLY H 157 46.80 -16.99 12.90
CA GLY H 157 46.80 -17.41 14.28
C GLY H 157 47.87 -16.78 15.15
N ASN H 158 48.62 -15.81 14.63
CA ASN H 158 49.68 -15.15 15.38
C ASN H 158 49.60 -13.64 15.25
N SER H 159 48.39 -13.11 15.07
CA SER H 159 48.20 -11.67 14.95
C SER H 159 46.84 -11.30 15.53
N GLN H 160 46.74 -10.07 16.02
CA GLN H 160 45.51 -9.57 16.62
C GLN H 160 45.27 -8.15 16.12
N GLU H 161 44.00 -7.79 15.97
CA GLU H 161 43.62 -6.51 15.38
C GLU H 161 42.69 -5.76 16.32
N SER H 162 42.65 -4.44 16.11
CA SER H 162 41.82 -3.54 16.91
C SER H 162 41.42 -2.37 16.02
N VAL H 163 40.16 -1.96 16.12
CA VAL H 163 39.60 -0.91 15.27
C VAL H 163 39.11 0.22 16.16
N THR H 164 39.38 1.45 15.73
CA THR H 164 38.91 2.62 16.46
C THR H 164 37.43 2.86 16.20
N GLU H 165 36.84 3.74 17.02
CA GLU H 165 35.48 4.16 16.79
C GLU H 165 35.42 5.09 15.58
N GLN H 166 34.23 5.29 15.04
CA GLN H 166 34.07 6.18 13.91
C GLN H 166 34.35 7.61 14.33
N ASP H 167 35.24 8.29 13.60
CA ASP H 167 35.61 9.65 13.93
C ASP H 167 34.41 10.58 13.77
N SER H 168 34.17 11.40 14.79
CA SER H 168 33.02 12.31 14.78
C SER H 168 33.18 13.47 13.81
N LYS H 169 34.36 13.64 13.21
CA LYS H 169 34.62 14.76 12.31
C LYS H 169 34.77 14.34 10.85
N ASP H 170 35.53 13.29 10.56
CA ASP H 170 35.73 12.83 9.19
C ASP H 170 35.09 11.49 8.91
N SER H 171 34.46 10.86 9.91
CA SER H 171 33.68 9.64 9.72
C SER H 171 34.50 8.49 9.13
N THR H 172 35.79 8.45 9.44
CA THR H 172 36.67 7.38 8.98
C THR H 172 37.05 6.49 10.16
N TYR H 173 37.50 5.28 9.83
CA TYR H 173 37.96 4.31 10.82
C TYR H 173 39.47 4.15 10.75
N SER H 174 40.03 3.60 11.82
CA SER H 174 41.45 3.29 11.88
C SER H 174 41.62 1.89 12.47
N LEU H 175 42.49 1.10 11.86
CA LEU H 175 42.71 -0.28 12.24
C LEU H 175 44.18 -0.50 12.55
N SER H 176 44.46 -1.27 13.60
CA SER H 176 45.82 -1.58 14.02
C SER H 176 45.97 -3.09 14.09
N SER H 177 46.93 -3.63 13.34
CA SER H 177 47.22 -5.06 13.33
C SER H 177 48.64 -5.27 13.83
N THR H 178 48.81 -6.18 14.79
CA THR H 178 50.08 -6.43 15.43
C THR H 178 50.46 -7.90 15.29
N LEU H 179 51.60 -8.16 14.67
CA LEU H 179 52.14 -9.51 14.53
C LEU H 179 53.14 -9.75 15.65
N THR H 180 52.89 -10.79 16.45
CA THR H 180 53.71 -11.08 17.63
C THR H 180 54.49 -12.37 17.39
N LEU H 181 55.80 -12.24 17.27
CA LEU H 181 56.70 -13.38 17.14
C LEU H 181 57.72 -13.36 18.25
N SER H 182 58.31 -14.53 18.53
CA SER H 182 59.44 -14.58 19.43
C SER H 182 60.67 -13.98 18.74
N LYS H 183 61.62 -13.52 19.56
CA LYS H 183 62.84 -12.94 19.01
C LYS H 183 63.61 -13.94 18.16
N ALA H 184 63.60 -15.21 18.57
CA ALA H 184 64.28 -16.25 17.80
C ALA H 184 63.68 -16.37 16.41
N ASP H 185 62.35 -16.42 16.32
CA ASP H 185 61.69 -16.50 15.02
C ASP H 185 61.82 -15.20 14.23
N TYR H 186 62.00 -14.07 14.92
CA TYR H 186 62.17 -12.81 14.22
C TYR H 186 63.52 -12.72 13.53
N GLU H 187 64.55 -13.38 14.08
CA GLU H 187 65.89 -13.32 13.51
C GLU H 187 66.10 -14.32 12.38
N LYS H 188 65.21 -15.30 12.21
CA LYS H 188 65.38 -16.30 11.18
C LYS H 188 64.84 -15.86 9.82
N HIS H 189 64.07 -14.79 9.75
CA HIS H 189 63.45 -14.33 8.52
C HIS H 189 63.82 -12.88 8.26
N LYS H 190 63.63 -12.44 7.01
CA LYS H 190 64.06 -11.12 6.58
C LYS H 190 62.94 -10.24 6.06
N VAL H 191 62.02 -10.79 5.28
CA VAL H 191 60.97 -10.01 4.62
C VAL H 191 59.71 -10.06 5.47
N TYR H 192 59.27 -8.90 5.95
CA TYR H 192 58.04 -8.77 6.73
C TYR H 192 57.15 -7.74 6.05
N ALA H 193 55.88 -8.10 5.81
CA ALA H 193 54.97 -7.23 5.09
C ALA H 193 53.54 -7.53 5.50
N CYS H 194 52.68 -6.52 5.38
CA CYS H 194 51.24 -6.66 5.59
C CYS H 194 50.51 -6.19 4.34
N GLU H 195 49.67 -7.05 3.79
CA GLU H 195 48.91 -6.75 2.58
C GLU H 195 47.51 -6.29 2.96
N VAL H 196 47.15 -5.09 2.55
CA VAL H 196 45.89 -4.45 2.92
C VAL H 196 44.97 -4.44 1.71
N THR H 197 43.83 -5.10 1.83
CA THR H 197 42.79 -5.09 0.80
C THR H 197 41.59 -4.31 1.32
N HIS H 198 41.10 -3.38 0.50
CA HIS H 198 40.03 -2.49 0.92
C HIS H 198 39.23 -2.07 -0.32
N GLN H 199 38.01 -1.58 -0.08
CA GLN H 199 37.15 -1.15 -1.18
C GLN H 199 37.76 0.06 -1.90
N GLY H 200 38.36 0.99 -1.16
CA GLY H 200 38.95 2.16 -1.76
C GLY H 200 40.17 1.88 -2.61
N LEU H 201 40.82 0.73 -2.41
CA LEU H 201 41.99 0.35 -3.17
C LEU H 201 41.58 -0.60 -4.30
N SER H 202 41.90 -0.22 -5.53
CA SER H 202 41.64 -1.09 -6.68
C SER H 202 42.54 -2.31 -6.70
N SER H 203 43.58 -2.35 -5.87
CA SER H 203 44.49 -3.47 -5.76
C SER H 203 45.15 -3.43 -4.39
N PRO H 204 45.50 -4.58 -3.82
CA PRO H 204 46.07 -4.59 -2.48
C PRO H 204 47.38 -3.81 -2.41
N VAL H 205 47.54 -3.06 -1.32
CA VAL H 205 48.76 -2.28 -1.07
C VAL H 205 49.58 -3.00 -0.03
N THR H 206 50.88 -3.15 -0.29
CA THR H 206 51.78 -3.88 0.58
C THR H 206 52.86 -2.94 1.11
N LYS H 207 52.97 -2.86 2.43
CA LYS H 207 54.06 -2.13 3.10
C LYS H 207 55.00 -3.15 3.71
N SER H 208 56.29 -3.07 3.36
CA SER H 208 57.27 -4.05 3.77
C SER H 208 58.53 -3.36 4.28
N PHE H 209 59.35 -4.15 4.98
CA PHE H 209 60.67 -3.69 5.40
C PHE H 209 61.58 -4.91 5.48
N ASN H 210 62.88 -4.67 5.25
CA ASN H 210 63.91 -5.70 5.39
C ASN H 210 64.57 -5.55 6.75
N ARG H 211 64.56 -6.63 7.53
CA ARG H 211 65.13 -6.61 8.87
C ARG H 211 66.61 -6.23 8.86
N GLN I 1 -11.29 -40.38 58.48
CA GLN I 1 -12.54 -40.95 58.02
C GLN I 1 -12.62 -40.90 56.50
N VAL I 2 -11.65 -41.52 55.85
CA VAL I 2 -11.56 -41.51 54.40
C VAL I 2 -12.51 -42.55 53.83
N GLN I 3 -13.47 -42.10 53.02
CA GLN I 3 -14.59 -42.96 52.64
C GLN I 3 -14.99 -42.76 51.19
N LEU I 4 -15.69 -43.77 50.66
CA LEU I 4 -16.42 -43.71 49.39
C LEU I 4 -17.71 -44.50 49.61
N VAL I 5 -18.84 -43.82 49.58
CA VAL I 5 -20.14 -44.44 49.88
C VAL I 5 -20.99 -44.39 48.62
N GLN I 6 -21.48 -45.55 48.19
CA GLN I 6 -22.20 -45.67 46.94
C GLN I 6 -23.71 -45.76 47.18
N SER I 7 -24.46 -45.69 46.08
CA SER I 7 -25.91 -45.73 46.13
C SER I 7 -26.39 -47.11 46.61
N GLY I 8 -27.70 -47.20 46.84
CA GLY I 8 -28.32 -48.44 47.24
C GLY I 8 -28.54 -49.38 46.08
N PRO I 9 -29.19 -50.51 46.32
CA PRO I 9 -29.39 -51.49 45.25
C PRO I 9 -30.33 -50.96 44.18
N GLU I 10 -30.17 -51.49 42.97
CA GLU I 10 -30.96 -51.07 41.82
C GLU I 10 -31.55 -52.28 41.13
N VAL I 11 -32.81 -52.16 40.72
CA VAL I 11 -33.51 -53.19 39.95
C VAL I 11 -34.17 -52.50 38.76
N LYS I 12 -33.60 -52.68 37.58
CA LYS I 12 -34.06 -52.02 36.37
C LYS I 12 -34.53 -53.04 35.34
N LYS I 13 -35.55 -52.66 34.59
CA LYS I 13 -36.02 -53.49 33.49
C LYS I 13 -35.04 -53.41 32.32
N PRO I 14 -35.00 -54.43 31.45
CA PRO I 14 -34.07 -54.40 30.32
C PRO I 14 -34.34 -53.23 29.39
N GLY I 15 -33.27 -52.58 28.94
CA GLY I 15 -33.37 -51.44 28.05
C GLY I 15 -33.38 -50.10 28.74
N THR I 16 -33.57 -50.06 30.05
CA THR I 16 -33.60 -48.80 30.78
C THR I 16 -32.17 -48.38 31.13
N SER I 17 -32.05 -47.35 31.97
CA SER I 17 -30.75 -46.85 32.42
C SER I 17 -30.69 -46.89 33.94
N VAL I 18 -29.47 -46.93 34.46
CA VAL I 18 -29.21 -46.86 35.89
C VAL I 18 -28.04 -45.91 36.10
N LYS I 19 -28.09 -45.13 37.18
CA LYS I 19 -27.05 -44.16 37.49
C LYS I 19 -26.62 -44.34 38.93
N VAL I 20 -25.44 -44.91 39.13
CA VAL I 20 -24.90 -45.20 40.45
C VAL I 20 -24.03 -44.03 40.90
N SER I 21 -24.24 -43.58 42.14
CA SER I 21 -23.46 -42.50 42.71
C SER I 21 -22.36 -43.04 43.62
N CYS I 22 -21.37 -42.21 43.89
CA CYS I 22 -20.19 -42.59 44.67
C CYS I 22 -19.64 -41.32 45.32
N LYS I 23 -20.14 -41.01 46.51
CA LYS I 23 -19.78 -39.77 47.19
C LYS I 23 -18.52 -39.97 48.02
N ALA I 24 -17.60 -39.01 47.93
CA ALA I 24 -16.32 -39.07 48.62
C ALA I 24 -16.30 -38.15 49.83
N SER I 25 -15.54 -38.56 50.85
CA SER I 25 -15.36 -37.77 52.05
C SER I 25 -14.06 -38.18 52.73
N GLY I 26 -13.48 -37.25 53.48
CA GLY I 26 -12.28 -37.51 54.25
C GLY I 26 -11.00 -37.08 53.56
N PHE I 27 -11.01 -36.92 52.24
CA PHE I 27 -9.85 -36.46 51.49
C PHE I 27 -10.29 -35.35 50.54
N THR I 28 -9.31 -34.77 49.86
CA THR I 28 -9.57 -33.71 48.89
C THR I 28 -9.97 -34.34 47.56
N PHE I 29 -11.25 -34.22 47.21
CA PHE I 29 -11.78 -34.86 46.01
C PHE I 29 -11.22 -34.27 44.73
N THR I 30 -10.91 -32.97 44.74
CA THR I 30 -10.69 -32.24 43.48
C THR I 30 -9.43 -32.66 42.73
N THR I 31 -8.48 -33.32 43.39
CA THR I 31 -7.24 -33.69 42.73
C THR I 31 -7.07 -35.20 42.57
N SER I 32 -8.09 -35.99 42.87
CA SER I 32 -8.01 -37.43 42.76
C SER I 32 -8.68 -37.88 41.46
N ALA I 33 -8.97 -39.17 41.36
CA ALA I 33 -9.65 -39.74 40.20
C ALA I 33 -10.44 -40.94 40.66
N VAL I 34 -11.54 -41.22 39.97
CA VAL I 34 -12.45 -42.30 40.34
C VAL I 34 -12.53 -43.29 39.19
N GLN I 35 -12.24 -44.55 39.46
CA GLN I 35 -12.44 -45.63 38.52
C GLN I 35 -13.66 -46.45 38.92
N TRP I 36 -14.26 -47.11 37.94
CA TRP I 36 -15.45 -47.91 38.16
C TRP I 36 -15.18 -49.35 37.73
N VAL I 37 -15.58 -50.30 38.57
CA VAL I 37 -15.29 -51.71 38.38
C VAL I 37 -16.55 -52.49 38.72
N ARG I 38 -16.93 -53.43 37.86
CA ARG I 38 -18.08 -54.29 38.12
C ARG I 38 -17.62 -55.73 38.26
N GLN I 39 -18.46 -56.54 38.89
CA GLN I 39 -18.11 -57.92 39.19
C GLN I 39 -19.41 -58.72 39.28
N ALA I 40 -19.64 -59.57 38.28
CA ALA I 40 -20.80 -60.46 38.33
C ALA I 40 -20.64 -61.46 39.46
N ARG I 41 -21.78 -62.02 39.90
CA ARG I 41 -21.78 -62.96 41.01
C ARG I 41 -20.85 -64.13 40.74
N GLY I 42 -19.77 -64.22 41.52
CA GLY I 42 -18.83 -65.30 41.37
C GLY I 42 -17.79 -65.12 40.28
N GLN I 43 -17.75 -63.96 39.64
CA GLN I 43 -16.84 -63.73 38.53
C GLN I 43 -15.74 -62.75 38.96
N ARG I 44 -14.92 -62.34 38.00
CA ARG I 44 -13.75 -61.51 38.25
C ARG I 44 -14.11 -60.03 38.20
N LEU I 45 -13.16 -59.21 38.64
CA LEU I 45 -13.31 -57.76 38.54
C LEU I 45 -13.14 -57.32 37.11
N GLU I 46 -14.04 -56.46 36.65
CA GLU I 46 -14.01 -55.95 35.28
C GLU I 46 -13.94 -54.43 35.32
N TRP I 47 -12.94 -53.87 34.66
CA TRP I 47 -12.76 -52.42 34.64
C TRP I 47 -13.73 -51.78 33.66
N ILE I 48 -14.49 -50.80 34.13
CA ILE I 48 -15.44 -50.09 33.29
C ILE I 48 -14.83 -48.83 32.72
N GLY I 49 -14.25 -48.00 33.59
CA GLY I 49 -13.65 -46.77 33.16
C GLY I 49 -13.19 -45.97 34.36
N TRP I 50 -12.69 -44.77 34.07
CA TRP I 50 -12.26 -43.88 35.14
C TRP I 50 -12.46 -42.44 34.69
N ILE I 51 -12.40 -41.54 35.65
CA ILE I 51 -12.54 -40.10 35.40
C ILE I 51 -11.56 -39.36 36.30
N VAL I 52 -10.90 -38.36 35.74
CA VAL I 52 -10.06 -37.45 36.51
C VAL I 52 -10.97 -36.36 37.06
N VAL I 53 -10.98 -36.19 38.39
CA VAL I 53 -11.94 -35.31 39.03
C VAL I 53 -11.74 -33.87 38.58
N GLY I 54 -10.47 -33.42 38.57
CA GLY I 54 -10.20 -32.03 38.28
C GLY I 54 -10.65 -31.62 36.89
N SER I 55 -10.35 -32.44 35.89
CA SER I 55 -10.61 -32.09 34.51
C SER I 55 -11.90 -32.69 33.95
N GLY I 56 -12.39 -33.77 34.53
CA GLY I 56 -13.50 -34.50 33.94
C GLY I 56 -13.14 -35.39 32.78
N ASN I 57 -11.85 -35.49 32.43
CA ASN I 57 -11.44 -36.36 31.35
C ASN I 57 -11.72 -37.82 31.71
N THR I 58 -12.13 -38.60 30.71
CA THR I 58 -12.57 -39.97 30.92
C THR I 58 -11.89 -40.91 29.94
N ASN I 59 -11.74 -42.16 30.38
CA ASN I 59 -11.38 -43.28 29.52
C ASN I 59 -12.31 -44.44 29.82
N TYR I 60 -12.74 -45.15 28.78
CA TYR I 60 -13.63 -46.28 28.93
C TYR I 60 -13.06 -47.52 28.24
N ALA I 61 -13.37 -48.68 28.81
CA ALA I 61 -13.07 -49.94 28.14
C ALA I 61 -13.93 -50.07 26.88
N GLN I 62 -13.40 -50.83 25.91
CA GLN I 62 -14.12 -50.99 24.64
C GLN I 62 -15.51 -51.57 24.83
N LYS I 63 -15.64 -52.52 25.77
CA LYS I 63 -16.94 -53.14 26.02
C LYS I 63 -17.98 -52.13 26.46
N PHE I 64 -17.57 -51.10 27.20
CA PHE I 64 -18.50 -50.17 27.82
C PHE I 64 -18.45 -48.78 27.19
N GLN I 65 -17.71 -48.63 26.09
CA GLN I 65 -17.61 -47.35 25.40
C GLN I 65 -18.97 -46.88 24.90
N GLU I 66 -19.84 -47.82 24.53
CA GLU I 66 -21.10 -47.51 23.88
C GLU I 66 -22.19 -47.05 24.85
N ARG I 67 -22.23 -47.60 26.07
CA ARG I 67 -23.39 -47.46 26.94
C ARG I 67 -23.10 -46.82 28.29
N VAL I 68 -21.87 -46.41 28.56
CA VAL I 68 -21.48 -45.89 29.87
C VAL I 68 -21.03 -44.44 29.72
N THR I 69 -21.45 -43.61 30.68
CA THR I 69 -20.89 -42.28 30.86
C THR I 69 -20.56 -42.10 32.33
N ILE I 70 -19.29 -41.79 32.62
CA ILE I 70 -18.84 -41.51 33.97
C ILE I 70 -18.68 -40.01 34.11
N THR I 71 -19.34 -39.43 35.12
CA THR I 71 -19.28 -38.00 35.39
C THR I 71 -18.95 -37.78 36.87
N ARG I 72 -18.88 -36.51 37.26
CA ARG I 72 -18.66 -36.15 38.64
C ARG I 72 -19.12 -34.71 38.84
N ASP I 73 -19.60 -34.43 40.06
CA ASP I 73 -19.99 -33.08 40.46
C ASP I 73 -19.08 -32.69 41.62
N MET I 74 -18.21 -31.70 41.39
CA MET I 74 -17.24 -31.31 42.40
C MET I 74 -17.88 -30.55 43.56
N SER I 75 -19.06 -29.95 43.35
CA SER I 75 -19.70 -29.23 44.44
C SER I 75 -20.31 -30.18 45.46
N THR I 76 -20.82 -31.33 45.00
CA THR I 76 -21.37 -32.34 45.89
C THR I 76 -20.39 -33.50 46.09
N THR I 77 -19.11 -33.30 45.75
CA THR I 77 -18.02 -34.27 45.93
C THR I 77 -18.46 -35.71 45.66
N THR I 78 -19.15 -35.89 44.54
CA THR I 78 -19.70 -37.19 44.17
C THR I 78 -19.32 -37.52 42.73
N ALA I 79 -19.08 -38.80 42.47
CA ALA I 79 -18.88 -39.32 41.13
C ALA I 79 -20.05 -40.21 40.75
N TYR I 80 -20.36 -40.26 39.46
CA TYR I 80 -21.51 -41.01 38.95
C TYR I 80 -21.11 -41.89 37.79
N MET I 81 -21.81 -43.01 37.65
CA MET I 81 -21.67 -43.92 36.52
C MET I 81 -23.05 -44.27 36.01
N GLU I 82 -23.33 -43.93 34.75
CA GLU I 82 -24.62 -44.17 34.14
C GLU I 82 -24.47 -45.18 33.01
N LEU I 83 -25.16 -46.31 33.14
CA LEU I 83 -25.09 -47.41 32.17
C LEU I 83 -26.46 -47.53 31.51
N SER I 84 -26.53 -47.19 30.22
CA SER I 84 -27.78 -47.18 29.47
C SER I 84 -27.95 -48.48 28.68
N SER I 85 -29.14 -48.62 28.10
CA SER I 85 -29.50 -49.80 27.30
C SER I 85 -29.18 -51.08 28.07
N LEU I 86 -29.68 -51.16 29.30
CA LEU I 86 -29.37 -52.26 30.19
C LEU I 86 -29.88 -53.58 29.63
N ARG I 87 -29.16 -54.65 29.95
CA ARG I 87 -29.57 -56.00 29.60
C ARG I 87 -29.16 -56.94 30.72
N SER I 88 -29.60 -58.20 30.60
CA SER I 88 -29.42 -59.18 31.67
C SER I 88 -27.95 -59.34 32.04
N GLU I 89 -27.06 -59.32 31.05
CA GLU I 89 -25.63 -59.53 31.30
C GLU I 89 -25.03 -58.44 32.18
N ASP I 90 -25.70 -57.30 32.32
CA ASP I 90 -25.20 -56.21 33.15
C ASP I 90 -25.49 -56.41 34.64
N THR I 91 -26.15 -57.51 35.01
CA THR I 91 -26.49 -57.76 36.41
C THR I 91 -25.22 -58.12 37.17
N ALA I 92 -24.74 -57.20 38.00
CA ALA I 92 -23.48 -57.39 38.73
C ALA I 92 -23.41 -56.38 39.86
N VAL I 93 -22.35 -56.49 40.66
CA VAL I 93 -22.02 -55.51 41.68
C VAL I 93 -21.04 -54.51 41.08
N TYR I 94 -21.27 -53.23 41.34
CA TYR I 94 -20.48 -52.15 40.74
C TYR I 94 -19.71 -51.42 41.84
N PHE I 95 -18.39 -51.36 41.69
CA PHE I 95 -17.51 -50.72 42.65
C PHE I 95 -16.93 -49.44 42.09
N CYS I 96 -16.77 -48.44 42.95
CA CYS I 96 -15.98 -47.25 42.64
C CYS I 96 -14.74 -47.22 43.54
N ALA I 97 -13.67 -46.65 43.01
CA ALA I 97 -12.42 -46.60 43.74
C ALA I 97 -11.69 -45.30 43.41
N ALA I 98 -10.83 -44.87 44.33
CA ALA I 98 -10.13 -43.60 44.19
C ALA I 98 -8.90 -43.60 45.07
N PRO I 99 -7.86 -42.86 44.71
CA PRO I 99 -6.77 -42.59 45.66
C PRO I 99 -7.07 -41.38 46.53
N HIS I 100 -6.64 -41.45 47.79
CA HIS I 100 -6.82 -40.32 48.68
C HIS I 100 -5.74 -39.28 48.43
N CYS I 101 -6.10 -38.02 48.67
CA CYS I 101 -5.23 -36.90 48.29
C CYS I 101 -5.44 -35.74 49.24
N ASN I 102 -4.40 -34.94 49.40
CA ASN I 102 -4.54 -33.60 49.97
C ASN I 102 -4.63 -32.60 48.81
N SER I 103 -4.36 -31.33 49.08
CA SER I 103 -4.53 -30.29 48.06
C SER I 103 -3.57 -30.45 46.89
N THR I 104 -2.52 -31.27 47.01
CA THR I 104 -1.54 -31.37 45.93
C THR I 104 -1.18 -32.79 45.54
N SER I 105 -0.99 -33.68 46.50
CA SER I 105 -0.44 -35.00 46.24
C SER I 105 -1.49 -36.09 46.44
N CYS I 106 -1.25 -37.23 45.78
CA CYS I 106 -2.18 -38.36 45.80
C CYS I 106 -1.43 -39.66 46.03
N TYR I 107 -2.14 -40.62 46.63
CA TYR I 107 -1.61 -41.97 46.80
C TYR I 107 -1.37 -42.61 45.44
N ASP I 108 -0.44 -43.57 45.41
CA ASP I 108 0.01 -44.17 44.17
C ASP I 108 -0.81 -45.40 43.77
N ALA I 109 -2.06 -45.50 44.23
CA ALA I 109 -2.95 -46.59 43.84
C ALA I 109 -4.35 -46.24 44.27
N PHE I 110 -5.32 -46.98 43.74
CA PHE I 110 -6.72 -46.88 44.16
C PHE I 110 -6.86 -47.63 45.48
N ASP I 111 -6.66 -46.92 46.59
CA ASP I 111 -6.72 -47.55 47.91
C ASP I 111 -8.06 -47.35 48.60
N ILE I 112 -8.89 -46.44 48.13
CA ILE I 112 -10.23 -46.22 48.69
C ILE I 112 -11.21 -46.95 47.79
N TRP I 113 -12.12 -47.70 48.40
CA TRP I 113 -13.10 -48.45 47.64
C TRP I 113 -14.48 -48.30 48.28
N GLY I 114 -15.51 -48.18 47.44
CA GLY I 114 -16.86 -48.12 47.94
C GLY I 114 -17.36 -49.48 48.37
N GLN I 115 -18.53 -49.48 49.02
CA GLN I 115 -19.10 -50.73 49.49
C GLN I 115 -19.68 -51.57 48.35
N GLY I 116 -19.90 -50.97 47.19
CA GLY I 116 -20.46 -51.67 46.06
C GLY I 116 -21.94 -51.41 45.90
N THR I 117 -22.42 -51.54 44.67
CA THR I 117 -23.82 -51.33 44.34
C THR I 117 -24.32 -52.51 43.54
N MET I 118 -25.35 -53.19 44.06
CA MET I 118 -25.95 -54.32 43.37
C MET I 118 -26.96 -53.81 42.34
N VAL I 119 -26.74 -54.17 41.07
CA VAL I 119 -27.64 -53.81 39.99
C VAL I 119 -28.21 -55.09 39.41
N THR I 120 -29.55 -55.17 39.36
CA THR I 120 -30.26 -56.31 38.79
C THR I 120 -31.02 -55.83 37.56
N VAL I 121 -30.90 -56.57 36.46
CA VAL I 121 -31.60 -56.27 35.22
C VAL I 121 -32.35 -57.53 34.81
N SER I 122 -33.67 -57.47 34.81
CA SER I 122 -34.51 -58.56 34.32
C SER I 122 -35.93 -58.04 34.15
N SER I 123 -36.75 -58.86 33.50
CA SER I 123 -38.14 -58.51 33.23
C SER I 123 -39.08 -58.89 34.36
N ALA I 124 -38.60 -59.56 35.39
CA ALA I 124 -39.46 -59.98 36.48
C ALA I 124 -39.91 -58.78 37.31
N SER I 125 -40.98 -58.99 38.06
CA SER I 125 -41.51 -57.99 38.98
C SER I 125 -41.33 -58.48 40.42
N THR I 126 -41.49 -57.56 41.36
CA THR I 126 -41.31 -57.89 42.76
C THR I 126 -42.30 -58.97 43.18
N LYS I 127 -41.79 -60.03 43.79
CA LYS I 127 -42.63 -61.13 44.25
C LYS I 127 -42.01 -61.74 45.50
N GLY I 128 -42.84 -61.93 46.53
CA GLY I 128 -42.40 -62.58 47.73
C GLY I 128 -42.28 -64.08 47.55
N PRO I 129 -41.49 -64.72 48.38
CA PRO I 129 -41.23 -66.16 48.21
C PRO I 129 -42.30 -67.02 48.86
N SER I 130 -42.42 -68.24 48.34
CA SER I 130 -43.16 -69.31 48.98
C SER I 130 -42.17 -70.17 49.74
N VAL I 131 -42.41 -70.37 51.04
CA VAL I 131 -41.49 -71.08 51.91
C VAL I 131 -42.09 -72.44 52.22
N PHE I 132 -41.41 -73.50 51.78
CA PHE I 132 -41.83 -74.87 52.02
C PHE I 132 -40.83 -75.58 52.92
N PRO I 133 -41.30 -76.38 53.86
CA PRO I 133 -40.39 -77.07 54.77
C PRO I 133 -39.69 -78.25 54.11
N LEU I 134 -38.46 -78.50 54.55
CA LEU I 134 -37.70 -79.69 54.18
C LEU I 134 -37.74 -80.61 55.38
N ALA I 135 -38.71 -81.53 55.40
CA ALA I 135 -38.95 -82.34 56.58
C ALA I 135 -37.82 -83.35 56.78
N PRO I 136 -37.40 -83.58 58.02
CA PRO I 136 -36.36 -84.58 58.27
C PRO I 136 -36.88 -86.00 58.08
N SER I 137 -36.00 -86.86 57.58
CA SER I 137 -36.35 -88.25 57.35
C SER I 137 -36.34 -89.04 58.66
N SER I 138 -36.78 -90.30 58.58
CA SER I 138 -36.74 -91.22 59.71
C SER I 138 -35.53 -92.14 59.56
N LYS I 139 -34.36 -91.59 59.90
CA LYS I 139 -33.07 -92.26 59.76
C LYS I 139 -32.28 -92.07 61.05
N SER I 140 -31.11 -92.71 61.11
CA SER I 140 -30.16 -92.56 62.22
C SER I 140 -30.82 -93.03 63.52
N THR I 141 -30.47 -92.39 64.64
CA THR I 141 -30.94 -92.80 65.95
C THR I 141 -31.74 -91.69 66.62
N GLY I 144 -25.81 -90.03 64.17
CA GLY I 144 -27.01 -89.84 64.97
C GLY I 144 -27.58 -88.43 64.89
N THR I 145 -27.34 -87.77 63.76
CA THR I 145 -27.81 -86.41 63.53
C THR I 145 -28.76 -86.39 62.34
N ALA I 146 -29.73 -85.49 62.38
CA ALA I 146 -30.72 -85.36 61.33
C ALA I 146 -30.63 -83.97 60.71
N ALA I 147 -31.22 -83.83 59.53
CA ALA I 147 -31.18 -82.58 58.78
C ALA I 147 -32.58 -82.15 58.41
N LEU I 148 -32.83 -80.85 58.51
CA LEU I 148 -34.11 -80.26 58.13
C LEU I 148 -33.81 -78.87 57.57
N GLY I 149 -34.82 -78.25 56.98
CA GLY I 149 -34.62 -76.92 56.46
C GLY I 149 -35.86 -76.36 55.79
N CYS I 150 -35.67 -75.21 55.16
CA CYS I 150 -36.74 -74.49 54.48
C CYS I 150 -36.34 -74.21 53.04
N LEU I 151 -37.31 -74.36 52.13
CA LEU I 151 -37.11 -74.06 50.71
C LEU I 151 -37.77 -72.73 50.41
N VAL I 152 -36.97 -71.71 50.14
CA VAL I 152 -37.44 -70.36 49.85
C VAL I 152 -37.47 -70.24 48.32
N LYS I 153 -38.65 -70.37 47.74
CA LYS I 153 -38.81 -70.57 46.30
C LYS I 153 -39.58 -69.42 45.66
N ASP I 154 -39.16 -69.05 44.45
CA ASP I 154 -39.90 -68.17 43.55
C ASP I 154 -40.11 -66.77 44.16
N TYR I 155 -39.00 -66.04 44.21
CA TYR I 155 -39.02 -64.67 44.68
C TYR I 155 -38.15 -63.82 43.77
N PHE I 156 -38.34 -62.50 43.88
CA PHE I 156 -37.58 -61.52 43.11
C PHE I 156 -37.83 -60.13 43.70
N PRO I 157 -36.78 -59.30 43.85
CA PRO I 157 -35.39 -59.66 43.54
C PRO I 157 -34.63 -60.17 44.76
N GLU I 158 -33.32 -60.32 44.62
CA GLU I 158 -32.48 -60.57 45.77
C GLU I 158 -32.50 -59.35 46.70
N PRO I 159 -32.26 -59.56 48.00
CA PRO I 159 -32.03 -60.85 48.65
C PRO I 159 -33.15 -61.25 49.61
N VAL I 160 -33.08 -62.49 50.10
CA VAL I 160 -33.84 -62.91 51.27
C VAL I 160 -32.84 -63.25 52.36
N THR I 161 -33.28 -63.12 53.60
CA THR I 161 -32.47 -63.47 54.76
C THR I 161 -33.25 -64.48 55.60
N VAL I 162 -32.55 -65.54 56.02
CA VAL I 162 -33.16 -66.65 56.73
C VAL I 162 -32.48 -66.82 58.08
N SER I 163 -33.27 -66.89 59.13
CA SER I 163 -32.80 -67.21 60.48
C SER I 163 -33.60 -68.39 61.00
N TRP I 164 -33.11 -69.01 62.07
CA TRP I 164 -33.76 -70.16 62.66
C TRP I 164 -34.05 -69.90 64.12
N ASN I 165 -35.30 -70.12 64.52
CA ASN I 165 -35.76 -69.85 65.88
C ASN I 165 -35.45 -68.42 66.30
N SER I 166 -35.63 -67.49 65.35
CA SER I 166 -35.40 -66.06 65.58
C SER I 166 -33.97 -65.77 66.00
N GLY I 167 -33.01 -66.55 65.50
CA GLY I 167 -31.62 -66.38 65.82
C GLY I 167 -31.11 -67.25 66.95
N ALA I 168 -32.00 -67.93 67.67
CA ALA I 168 -31.57 -68.80 68.75
C ALA I 168 -30.87 -70.06 68.25
N LEU I 169 -30.98 -70.36 66.96
CA LEU I 169 -30.33 -71.52 66.34
C LEU I 169 -29.42 -71.01 65.24
N THR I 170 -28.11 -71.11 65.45
CA THR I 170 -27.14 -70.68 64.44
C THR I 170 -26.17 -71.81 64.12
N SER I 171 -25.88 -72.67 65.10
CA SER I 171 -24.94 -73.76 64.90
C SER I 171 -25.51 -74.78 63.93
N GLY I 172 -24.70 -75.21 62.97
CA GLY I 172 -25.11 -76.17 61.97
C GLY I 172 -25.95 -75.63 60.84
N VAL I 173 -26.19 -74.33 60.80
CA VAL I 173 -27.05 -73.73 59.78
C VAL I 173 -26.26 -73.47 58.52
N HIS I 174 -26.85 -73.80 57.37
CA HIS I 174 -26.30 -73.50 56.06
C HIS I 174 -27.40 -72.88 55.20
N THR I 175 -27.20 -71.63 54.80
CA THR I 175 -28.10 -70.95 53.88
C THR I 175 -27.36 -70.73 52.57
N PHE I 176 -27.81 -71.40 51.53
CA PHE I 176 -27.08 -71.44 50.28
C PHE I 176 -27.39 -70.20 49.43
N PRO I 177 -26.45 -69.79 48.57
CA PRO I 177 -26.76 -68.70 47.63
C PRO I 177 -27.88 -69.11 46.68
N ALA I 178 -28.72 -68.13 46.35
CA ALA I 178 -29.85 -68.40 45.49
C ALA I 178 -29.40 -68.75 44.08
N VAL I 179 -30.25 -69.48 43.37
CA VAL I 179 -30.07 -69.78 41.96
C VAL I 179 -31.19 -69.09 41.19
N LEU I 180 -30.87 -68.66 39.97
CA LEU I 180 -31.85 -67.99 39.13
C LEU I 180 -32.52 -69.02 38.23
N GLN I 181 -33.77 -69.34 38.54
CA GLN I 181 -34.52 -70.30 37.73
C GLN I 181 -34.89 -69.68 36.39
N SER I 182 -35.22 -70.55 35.43
CA SER I 182 -35.57 -70.09 34.09
C SER I 182 -36.79 -69.18 34.08
N SER I 183 -37.62 -69.21 35.12
CA SER I 183 -38.76 -68.31 35.20
C SER I 183 -38.35 -66.88 35.52
N GLY I 184 -37.07 -66.63 35.80
CA GLY I 184 -36.63 -65.34 36.25
C GLY I 184 -36.77 -65.12 37.74
N LEU I 185 -37.23 -66.14 38.47
CA LEU I 185 -37.39 -66.07 39.92
C LEU I 185 -36.28 -66.86 40.60
N TYR I 186 -35.90 -66.41 41.78
CA TYR I 186 -34.82 -67.05 42.54
C TYR I 186 -35.37 -68.15 43.44
N SER I 187 -34.52 -69.12 43.73
CA SER I 187 -34.82 -70.17 44.69
C SER I 187 -33.64 -70.35 45.63
N LEU I 188 -33.94 -70.47 46.92
CA LEU I 188 -32.92 -70.59 47.95
C LEU I 188 -33.37 -71.64 48.96
N SER I 189 -32.41 -72.33 49.53
CA SER I 189 -32.68 -73.32 50.58
C SER I 189 -31.77 -73.05 51.76
N SER I 190 -32.33 -73.20 52.96
CA SER I 190 -31.57 -73.07 54.20
C SER I 190 -31.78 -74.33 55.01
N VAL I 191 -30.68 -74.96 55.43
CA VAL I 191 -30.72 -76.22 56.15
C VAL I 191 -29.97 -76.07 57.46
N VAL I 192 -30.25 -76.98 58.38
CA VAL I 192 -29.55 -77.05 59.66
C VAL I 192 -29.56 -78.49 60.15
N THR I 193 -28.43 -78.94 60.68
CA THR I 193 -28.30 -80.28 61.23
C THR I 193 -28.45 -80.22 62.73
N VAL I 194 -29.29 -81.09 63.28
CA VAL I 194 -29.61 -81.13 64.70
C VAL I 194 -29.62 -82.57 65.16
N PRO I 195 -29.46 -82.81 66.46
CA PRO I 195 -29.48 -84.19 66.97
C PRO I 195 -30.84 -84.85 66.75
N SER I 196 -30.80 -86.12 66.33
CA SER I 196 -32.02 -86.86 66.04
C SER I 196 -32.91 -87.01 67.27
N SER I 197 -32.32 -86.97 68.46
CA SER I 197 -33.11 -87.15 69.68
C SER I 197 -34.08 -86.00 69.90
N SER I 198 -33.73 -84.79 69.45
CA SER I 198 -34.55 -83.62 69.67
C SER I 198 -35.64 -83.43 68.61
N LEU I 199 -35.78 -84.37 67.68
CA LEU I 199 -36.73 -84.19 66.58
C LEU I 199 -38.17 -84.14 67.08
N GLY I 200 -38.46 -84.75 68.23
CA GLY I 200 -39.82 -84.80 68.72
C GLY I 200 -40.16 -83.72 69.73
N THR I 201 -39.15 -83.18 70.42
CA THR I 201 -39.40 -82.25 71.51
C THR I 201 -38.90 -80.83 71.25
N GLN I 202 -38.08 -80.62 70.23
CA GLN I 202 -37.53 -79.30 69.93
C GLN I 202 -38.21 -78.73 68.70
N THR I 203 -38.71 -77.50 68.83
CA THR I 203 -39.34 -76.83 67.72
C THR I 203 -38.30 -76.17 66.83
N TYR I 204 -38.49 -76.28 65.52
CA TYR I 204 -37.60 -75.68 64.54
C TYR I 204 -38.45 -74.84 63.59
N ILE I 205 -38.29 -73.52 63.67
CA ILE I 205 -39.00 -72.58 62.82
C ILE I 205 -37.97 -71.72 62.11
N CYS I 206 -38.08 -71.64 60.78
CA CYS I 206 -37.24 -70.77 59.98
C CYS I 206 -37.95 -69.45 59.75
N ASN I 207 -37.20 -68.36 59.81
CA ASN I 207 -37.74 -67.01 59.67
C ASN I 207 -37.24 -66.43 58.36
N VAL I 208 -38.12 -66.34 57.38
CA VAL I 208 -37.79 -65.87 56.04
C VAL I 208 -38.25 -64.42 55.90
N ASN I 209 -37.33 -63.55 55.53
CA ASN I 209 -37.59 -62.13 55.36
C ASN I 209 -37.17 -61.70 53.97
N HIS I 210 -38.05 -60.98 53.27
CA HIS I 210 -37.80 -60.49 51.92
C HIS I 210 -38.13 -59.00 51.89
N LYS I 211 -37.12 -58.18 52.17
CA LYS I 211 -37.33 -56.73 52.24
C LYS I 211 -37.96 -56.13 50.99
N PRO I 212 -37.52 -56.46 49.76
CA PRO I 212 -38.11 -55.79 48.58
C PRO I 212 -39.62 -55.93 48.46
N SER I 213 -40.21 -57.02 48.98
CA SER I 213 -41.65 -57.20 48.97
C SER I 213 -42.25 -57.06 50.37
N ASN I 214 -41.43 -56.79 51.38
CA ASN I 214 -41.85 -56.73 52.78
C ASN I 214 -42.64 -57.98 53.16
N THR I 215 -41.96 -59.13 53.08
CA THR I 215 -42.54 -60.42 53.37
C THR I 215 -41.79 -61.05 54.53
N LYS I 216 -42.50 -61.37 55.61
CA LYS I 216 -41.96 -62.11 56.73
C LYS I 216 -42.77 -63.39 56.89
N VAL I 217 -42.15 -64.52 56.60
CA VAL I 217 -42.80 -65.83 56.69
C VAL I 217 -42.05 -66.67 57.70
N ASP I 218 -42.75 -67.14 58.72
CA ASP I 218 -42.23 -68.13 59.65
C ASP I 218 -42.89 -69.48 59.34
N LYS I 219 -42.07 -70.53 59.23
CA LYS I 219 -42.57 -71.84 58.86
C LYS I 219 -42.01 -72.88 59.82
N LYS I 220 -42.89 -73.74 60.33
CA LYS I 220 -42.50 -74.80 61.25
C LYS I 220 -42.13 -76.05 60.46
N VAL I 221 -40.96 -76.61 60.77
CA VAL I 221 -40.43 -77.77 60.06
C VAL I 221 -40.50 -78.96 61.02
N GLU I 222 -41.41 -79.89 60.72
CA GLU I 222 -41.63 -81.07 61.54
C GLU I 222 -41.33 -82.32 60.73
N PRO I 223 -41.01 -83.44 61.39
CA PRO I 223 -40.93 -84.72 60.68
C PRO I 223 -42.26 -85.04 60.00
N LYS I 224 -42.18 -85.73 58.87
CA LYS I 224 -43.35 -86.04 58.07
C LYS I 224 -44.38 -86.81 58.88
N SER I 225 -45.65 -86.55 58.61
CA SER I 225 -46.74 -87.12 59.41
C SER I 225 -47.19 -88.41 58.74
N CYS I 226 -46.61 -89.52 59.21
CA CYS I 226 -46.94 -90.86 58.75
C CYS I 226 -48.06 -91.47 59.59
N ASP J 1 -5.30 -53.51 23.86
CA ASP J 1 -5.49 -53.68 25.30
C ASP J 1 -4.50 -54.69 25.88
N ILE J 2 -4.12 -54.47 27.12
CA ILE J 2 -3.18 -55.35 27.82
C ILE J 2 -3.98 -56.44 28.53
N GLN J 3 -3.66 -57.69 28.20
CA GLN J 3 -4.31 -58.83 28.84
C GLN J 3 -3.54 -59.24 30.09
N MET J 4 -4.26 -59.38 31.19
CA MET J 4 -3.69 -59.84 32.46
C MET J 4 -4.18 -61.26 32.73
N THR J 5 -3.25 -62.19 32.95
CA THR J 5 -3.58 -63.57 33.26
C THR J 5 -2.93 -63.97 34.57
N GLN J 6 -3.71 -64.62 35.44
CA GLN J 6 -3.25 -65.06 36.74
C GLN J 6 -3.26 -66.60 36.80
N SER J 7 -2.38 -67.15 37.64
CA SER J 7 -2.32 -68.60 37.83
C SER J 7 -1.71 -68.86 39.20
N PRO J 8 -2.12 -69.95 39.87
CA PRO J 8 -3.16 -70.87 39.40
C PRO J 8 -4.56 -70.31 39.64
N GLY J 9 -5.59 -70.97 39.13
CA GLY J 9 -6.95 -70.55 39.42
C GLY J 9 -7.28 -70.66 40.89
N THR J 10 -7.02 -71.83 41.48
CA THR J 10 -7.25 -72.07 42.89
C THR J 10 -5.96 -72.60 43.53
N LEU J 11 -5.68 -72.15 44.75
CA LEU J 11 -4.51 -72.58 45.50
C LEU J 11 -4.99 -73.15 46.83
N SER J 12 -4.70 -74.44 47.06
CA SER J 12 -5.15 -75.14 48.27
C SER J 12 -3.95 -75.35 49.18
N LEU J 13 -3.91 -74.59 50.27
CA LEU J 13 -2.77 -74.59 51.17
C LEU J 13 -3.25 -74.64 52.61
N SER J 14 -2.37 -75.16 53.50
CA SER J 14 -2.73 -75.17 54.92
C SER J 14 -2.33 -73.86 55.57
N PRO J 15 -3.06 -73.42 56.61
CA PRO J 15 -2.68 -72.19 57.31
C PRO J 15 -1.29 -72.29 57.92
N GLY J 16 -0.35 -71.50 57.40
CA GLY J 16 1.04 -71.56 57.77
C GLY J 16 1.98 -71.81 56.60
N GLU J 17 1.48 -72.46 55.56
CA GLU J 17 2.26 -72.70 54.36
C GLU J 17 2.52 -71.39 53.60
N GLY J 18 3.35 -71.48 52.57
CA GLY J 18 3.64 -70.36 51.71
C GLY J 18 2.79 -70.37 50.44
N ALA J 19 2.44 -69.17 49.98
CA ALA J 19 1.68 -68.99 48.76
C ALA J 19 2.49 -68.19 47.75
N THR J 20 2.40 -68.58 46.48
CA THR J 20 3.08 -67.88 45.38
C THR J 20 2.09 -67.73 44.24
N LEU J 21 1.65 -66.50 43.99
CA LEU J 21 0.65 -66.20 42.98
C LEU J 21 1.32 -65.49 41.81
N SER J 22 0.85 -65.77 40.60
CA SER J 22 1.44 -65.23 39.39
C SER J 22 0.46 -64.28 38.71
N CYS J 23 1.00 -63.16 38.22
CA CYS J 23 0.24 -62.19 37.44
C CYS J 23 1.10 -61.79 36.25
N ARG J 24 0.59 -62.04 35.05
CA ARG J 24 1.33 -61.80 33.82
CA ARG J 24 1.33 -61.78 33.82
C ARG J 24 0.57 -60.83 32.93
N ALA J 25 1.31 -59.94 32.26
CA ALA J 25 0.75 -58.99 31.33
C ALA J 25 1.14 -59.36 29.91
N SER J 26 0.21 -59.18 28.98
CA SER J 26 0.45 -59.55 27.58
C SER J 26 1.56 -58.72 26.95
N GLN J 27 1.93 -57.60 27.58
CA GLN J 27 3.08 -56.81 27.15
C GLN J 27 3.66 -56.11 28.37
N SER J 28 4.84 -55.51 28.19
CA SER J 28 5.55 -54.91 29.30
C SER J 28 4.75 -53.78 29.93
N VAL J 29 4.66 -53.79 31.26
CA VAL J 29 4.04 -52.71 32.02
C VAL J 29 5.04 -52.16 33.03
N SER J 30 4.86 -50.88 33.38
CA SER J 30 5.71 -50.24 34.37
C SER J 30 5.37 -50.76 35.76
N SER J 31 6.40 -51.21 36.50
CA SER J 31 6.19 -51.84 37.80
C SER J 31 5.47 -50.91 38.78
N SER J 32 5.67 -49.60 38.66
CA SER J 32 5.01 -48.66 39.58
C SER J 32 3.51 -48.52 39.31
N TYR J 33 2.91 -49.34 38.45
CA TYR J 33 1.48 -49.27 38.18
C TYR J 33 0.92 -50.69 38.09
N LEU J 34 1.31 -51.53 39.05
CA LEU J 34 0.82 -52.89 39.19
C LEU J 34 0.37 -53.06 40.62
N ALA J 35 -0.89 -53.47 40.82
CA ALA J 35 -1.46 -53.56 42.14
C ALA J 35 -2.05 -54.95 42.38
N TRP J 36 -2.02 -55.36 43.65
CA TRP J 36 -2.66 -56.59 44.10
C TRP J 36 -3.81 -56.23 45.04
N TYR J 37 -4.96 -56.87 44.84
CA TYR J 37 -6.11 -56.66 45.69
C TYR J 37 -6.53 -57.97 46.33
N GLN J 38 -7.04 -57.87 47.56
CA GLN J 38 -7.60 -59.00 48.28
C GLN J 38 -9.10 -58.79 48.43
N GLN J 39 -9.88 -59.82 48.14
CA GLN J 39 -11.34 -59.73 48.25
C GLN J 39 -11.87 -60.98 48.94
N LYS J 40 -12.56 -60.78 50.06
CA LYS J 40 -13.28 -61.77 50.84
C LYS J 40 -14.76 -61.78 50.45
N PRO J 41 -15.44 -62.91 50.64
CA PRO J 41 -16.84 -63.02 50.16
C PRO J 41 -17.73 -61.92 50.71
N GLY J 42 -18.54 -61.35 49.83
CA GLY J 42 -19.46 -60.29 50.20
C GLY J 42 -18.83 -58.95 50.49
N GLN J 43 -17.54 -58.78 50.22
CA GLN J 43 -16.82 -57.57 50.53
C GLN J 43 -16.26 -56.94 49.25
N ALA J 44 -15.77 -55.72 49.39
CA ALA J 44 -15.12 -54.95 48.36
C ALA J 44 -13.62 -55.27 48.31
N PRO J 45 -12.98 -55.10 47.16
CA PRO J 45 -11.53 -55.35 47.09
C PRO J 45 -10.78 -54.41 48.01
N ARG J 46 -9.72 -54.93 48.62
CA ARG J 46 -8.85 -54.15 49.49
C ARG J 46 -7.44 -54.18 48.90
N LEU J 47 -6.84 -52.99 48.80
CA LEU J 47 -5.51 -52.89 48.20
C LEU J 47 -4.48 -53.59 49.08
N LEU J 48 -3.72 -54.49 48.46
CA LEU J 48 -2.65 -55.23 49.14
C LEU J 48 -1.28 -54.66 48.81
N ILE J 49 -0.91 -54.69 47.55
CA ILE J 49 0.39 -54.23 47.07
C ILE J 49 0.14 -53.24 45.94
N TYR J 50 0.93 -52.17 45.92
CA TYR J 50 0.92 -51.23 44.81
C TYR J 50 2.37 -50.99 44.39
N GLY J 51 2.53 -50.46 43.18
CA GLY J 51 3.87 -50.30 42.64
C GLY J 51 4.67 -51.58 42.62
N ALA J 52 3.99 -52.71 42.40
CA ALA J 52 4.59 -54.05 42.31
C ALA J 52 5.18 -54.54 43.62
N SER J 53 5.92 -53.68 44.34
CA SER J 53 6.70 -54.15 45.48
C SER J 53 6.54 -53.24 46.70
N SER J 54 5.40 -52.56 46.82
CA SER J 54 5.13 -51.70 47.98
C SER J 54 3.86 -52.20 48.67
N GLY J 55 3.98 -52.45 49.97
CA GLY J 55 2.82 -52.89 50.74
C GLY J 55 1.89 -51.73 51.08
N ALA J 56 0.59 -52.02 51.07
CA ALA J 56 -0.40 -51.03 51.41
C ALA J 56 -0.49 -50.89 52.94
N THR J 57 -1.14 -49.80 53.37
CA THR J 57 -1.29 -49.54 54.80
C THR J 57 -2.13 -50.63 55.46
N GLY J 58 -1.64 -51.15 56.58
CA GLY J 58 -2.33 -52.20 57.29
C GLY J 58 -2.03 -53.60 56.81
N ILE J 59 -1.18 -53.75 55.80
CA ILE J 59 -0.89 -55.06 55.23
C ILE J 59 0.31 -55.68 55.94
N PRO J 60 0.21 -56.92 56.40
CA PRO J 60 1.35 -57.57 57.06
C PRO J 60 2.53 -57.69 56.09
N ASP J 61 3.73 -57.55 56.66
CA ASP J 61 4.94 -57.65 55.84
C ASP J 61 5.18 -59.07 55.32
N ARG J 62 4.43 -60.06 55.80
CA ARG J 62 4.49 -61.39 55.22
C ARG J 62 3.95 -61.42 53.80
N PHE J 63 3.20 -60.39 53.41
CA PHE J 63 2.77 -60.21 52.03
C PHE J 63 3.87 -59.45 51.29
N SER J 64 4.43 -60.08 50.27
CA SER J 64 5.52 -59.49 49.51
C SER J 64 5.16 -59.52 48.04
N GLY J 65 5.57 -58.49 47.32
CA GLY J 65 5.31 -58.41 45.89
C GLY J 65 6.60 -58.11 45.16
N SER J 66 6.70 -58.68 43.97
CA SER J 66 7.87 -58.51 43.13
C SER J 66 7.46 -58.66 41.68
N GLY J 67 8.36 -58.27 40.80
CA GLY J 67 8.14 -58.41 39.36
C GLY J 67 8.59 -57.16 38.63
N SER J 68 8.73 -57.30 37.31
CA SER J 68 9.02 -56.20 36.41
C SER J 68 8.80 -56.69 34.99
N GLY J 69 8.47 -55.77 34.10
CA GLY J 69 8.19 -56.12 32.72
C GLY J 69 6.83 -56.74 32.54
N THR J 70 6.77 -58.06 32.41
CA THR J 70 5.52 -58.76 32.20
C THR J 70 5.11 -59.71 33.31
N ASP J 71 6.04 -60.17 34.14
CA ASP J 71 5.77 -61.20 35.13
C ASP J 71 5.87 -60.61 36.54
N PHE J 72 4.83 -60.84 37.34
CA PHE J 72 4.77 -60.32 38.70
C PHE J 72 4.32 -61.43 39.63
N THR J 73 4.73 -61.33 40.89
CA THR J 73 4.48 -62.38 41.86
C THR J 73 4.10 -61.78 43.20
N LEU J 74 3.03 -62.29 43.79
CA LEU J 74 2.69 -62.03 45.18
C LEU J 74 3.06 -63.24 46.00
N THR J 75 3.79 -63.02 47.10
CA THR J 75 4.32 -64.12 47.90
C THR J 75 3.87 -63.93 49.35
N ILE J 76 3.24 -64.97 49.91
CA ILE J 76 2.82 -64.99 51.30
C ILE J 76 3.64 -66.08 51.98
N SER J 77 4.52 -65.69 52.90
CA SER J 77 5.43 -66.65 53.50
C SER J 77 4.72 -67.55 54.50
N ARG J 78 3.94 -66.96 55.40
CA ARG J 78 3.23 -67.69 56.45
C ARG J 78 1.74 -67.42 56.28
N LEU J 79 1.03 -68.30 55.58
CA LEU J 79 -0.39 -68.12 55.35
C LEU J 79 -1.15 -68.17 56.67
N GLU J 80 -1.78 -67.06 57.01
CA GLU J 80 -2.59 -66.95 58.22
C GLU J 80 -4.06 -67.15 57.87
N PRO J 81 -4.89 -67.56 58.83
CA PRO J 81 -6.32 -67.80 58.52
C PRO J 81 -7.03 -66.65 57.83
N GLU J 82 -6.73 -65.40 58.23
CA GLU J 82 -7.39 -64.27 57.58
C GLU J 82 -6.84 -63.97 56.18
N ASP J 83 -5.85 -64.74 55.71
CA ASP J 83 -5.27 -64.50 54.39
C ASP J 83 -5.95 -65.29 53.29
N PHE J 84 -6.83 -66.22 53.64
CA PHE J 84 -7.49 -67.06 52.64
C PHE J 84 -8.64 -66.28 52.01
N ALA J 85 -8.46 -65.89 50.75
CA ALA J 85 -9.43 -65.07 50.03
C ALA J 85 -9.09 -65.17 48.55
N VAL J 86 -9.71 -64.31 47.75
CA VAL J 86 -9.41 -64.20 46.33
C VAL J 86 -8.48 -63.01 46.13
N TYR J 87 -7.50 -63.17 45.25
CA TYR J 87 -6.52 -62.12 44.99
C TYR J 87 -6.55 -61.76 43.51
N TYR J 88 -6.71 -60.48 43.22
CA TYR J 88 -6.71 -59.95 41.87
C TYR J 88 -5.51 -59.03 41.68
N CYS J 89 -4.97 -59.02 40.48
CA CYS J 89 -3.98 -58.02 40.09
C CYS J 89 -4.56 -57.07 39.04
N GLN J 90 -4.14 -55.82 39.10
CA GLN J 90 -4.56 -54.80 38.14
C GLN J 90 -3.38 -53.95 37.73
N GLN J 91 -3.19 -53.79 36.43
CA GLN J 91 -2.28 -52.78 35.90
C GLN J 91 -3.07 -51.50 35.67
N TYR J 92 -2.46 -50.38 36.02
CA TYR J 92 -3.12 -49.08 35.85
C TYR J 92 -2.13 -48.06 35.29
N GLY J 93 -1.25 -48.51 34.39
CA GLY J 93 -0.33 -47.62 33.71
C GLY J 93 -0.82 -47.23 32.33
N SER J 94 -1.35 -48.20 31.58
CA SER J 94 -1.92 -47.98 30.26
C SER J 94 -3.41 -48.25 30.27
N SER J 95 -4.19 -47.28 29.79
CA SER J 95 -5.63 -47.42 29.69
C SER J 95 -6.00 -48.30 28.50
N PRO J 96 -6.97 -49.21 28.65
CA PRO J 96 -7.78 -49.47 29.85
C PRO J 96 -7.03 -50.25 30.95
N TYR J 97 -7.38 -49.99 32.20
CA TYR J 97 -6.70 -50.57 33.36
C TYR J 97 -7.29 -51.96 33.62
N THR J 98 -6.71 -52.98 33.00
CA THR J 98 -7.31 -54.30 33.00
C THR J 98 -6.97 -55.08 34.27
N PHE J 99 -7.85 -56.01 34.62
CA PHE J 99 -7.71 -56.90 35.76
C PHE J 99 -7.36 -58.32 35.31
N GLY J 100 -6.76 -59.07 36.23
CA GLY J 100 -6.66 -60.51 36.06
C GLY J 100 -7.90 -61.23 36.57
N GLN J 101 -7.99 -62.51 36.24
CA GLN J 101 -9.17 -63.29 36.63
C GLN J 101 -9.17 -63.68 38.10
N GLY J 102 -8.09 -63.43 38.83
CA GLY J 102 -8.13 -63.72 40.25
C GLY J 102 -7.66 -65.12 40.57
N THR J 103 -7.12 -65.27 41.78
CA THR J 103 -6.70 -66.56 42.30
C THR J 103 -7.30 -66.75 43.68
N LYS J 104 -8.03 -67.84 43.88
CA LYS J 104 -8.61 -68.16 45.17
C LYS J 104 -7.61 -68.98 45.98
N VAL J 105 -7.37 -68.57 47.22
CA VAL J 105 -6.51 -69.29 48.15
C VAL J 105 -7.41 -69.87 49.22
N GLU J 106 -7.58 -71.18 49.20
CA GLU J 106 -8.43 -71.88 50.16
C GLU J 106 -7.59 -72.67 51.14
N ILE J 107 -8.22 -73.10 52.23
CA ILE J 107 -7.54 -73.85 53.28
C ILE J 107 -7.48 -75.32 52.88
N LYS J 108 -6.27 -75.87 52.84
CA LYS J 108 -6.11 -77.30 52.61
C LYS J 108 -6.46 -78.03 53.89
N ARG J 109 -7.45 -78.91 53.80
CA ARG J 109 -8.01 -79.60 54.95
C ARG J 109 -7.85 -81.11 54.76
N THR J 110 -8.04 -81.85 55.84
CA THR J 110 -8.15 -83.30 55.70
C THR J 110 -9.43 -83.63 54.95
N VAL J 111 -9.38 -84.66 54.11
CA VAL J 111 -10.53 -85.05 53.32
C VAL J 111 -11.69 -85.40 54.24
N ALA J 112 -12.87 -84.86 53.94
CA ALA J 112 -14.08 -85.13 54.70
C ALA J 112 -15.18 -85.49 53.72
N ALA J 113 -15.80 -86.66 53.93
CA ALA J 113 -16.88 -87.08 53.06
C ALA J 113 -18.16 -86.34 53.41
N PRO J 114 -19.04 -86.11 52.43
CA PRO J 114 -20.29 -85.40 52.72
C PRO J 114 -21.33 -86.31 53.36
N SER J 115 -22.10 -85.73 54.28
CA SER J 115 -23.31 -86.35 54.79
C SER J 115 -24.45 -85.99 53.85
N VAL J 116 -25.11 -87.02 53.30
CA VAL J 116 -26.12 -86.82 52.26
C VAL J 116 -27.50 -86.99 52.87
N PHE J 117 -28.40 -86.05 52.57
CA PHE J 117 -29.79 -86.08 52.98
C PHE J 117 -30.65 -85.75 51.78
N ILE J 118 -31.80 -86.43 51.66
CA ILE J 118 -32.75 -86.16 50.60
C ILE J 118 -34.05 -85.70 51.23
N PHE J 119 -34.68 -84.69 50.62
CA PHE J 119 -35.89 -84.08 51.14
C PHE J 119 -37.01 -84.18 50.12
N PRO J 120 -38.10 -84.87 50.43
CA PRO J 120 -39.24 -84.91 49.50
C PRO J 120 -39.91 -83.56 49.38
N PRO J 121 -40.68 -83.33 48.31
CA PRO J 121 -41.46 -82.09 48.24
C PRO J 121 -42.59 -82.08 49.25
N SER J 122 -42.83 -80.92 49.84
CA SER J 122 -43.91 -80.77 50.80
C SER J 122 -45.27 -80.96 50.11
N ASP J 123 -46.27 -81.35 50.91
CA ASP J 123 -47.61 -81.50 50.37
C ASP J 123 -48.18 -80.15 49.91
N GLU J 124 -47.82 -79.07 50.59
CA GLU J 124 -48.34 -77.76 50.23
C GLU J 124 -47.82 -77.30 48.87
N GLN J 125 -46.57 -77.63 48.55
CA GLN J 125 -46.01 -77.21 47.27
C GLN J 125 -46.64 -77.98 46.11
N LEU J 126 -47.04 -79.23 46.34
CA LEU J 126 -47.68 -80.01 45.30
C LEU J 126 -48.98 -79.36 44.85
N LYS J 127 -49.64 -78.59 45.72
CA LYS J 127 -50.82 -77.85 45.31
C LYS J 127 -50.49 -76.82 44.24
N SER J 128 -49.27 -76.25 44.28
CA SER J 128 -48.89 -75.24 43.31
C SER J 128 -48.71 -75.82 41.90
N GLY J 129 -48.59 -77.15 41.80
CA GLY J 129 -48.37 -77.80 40.53
C GLY J 129 -46.92 -78.14 40.24
N THR J 130 -46.02 -77.88 41.18
CA THR J 130 -44.60 -78.17 41.02
C THR J 130 -44.08 -78.92 42.23
N ALA J 131 -43.12 -79.80 42.00
CA ALA J 131 -42.48 -80.58 43.04
C ALA J 131 -40.98 -80.29 43.03
N SER J 132 -40.42 -80.02 44.21
CA SER J 132 -38.99 -79.76 44.35
C SER J 132 -38.40 -80.80 45.28
N VAL J 133 -37.46 -81.59 44.77
CA VAL J 133 -36.72 -82.56 45.57
C VAL J 133 -35.34 -81.97 45.86
N VAL J 134 -34.96 -81.95 47.13
CA VAL J 134 -33.73 -81.34 47.58
C VAL J 134 -32.79 -82.41 48.09
N CYS J 135 -31.53 -82.36 47.65
CA CYS J 135 -30.48 -83.27 48.10
C CYS J 135 -29.37 -82.43 48.71
N LEU J 136 -29.08 -82.67 49.98
CA LEU J 136 -28.11 -81.89 50.74
C LEU J 136 -26.83 -82.69 50.91
N LEU J 137 -25.71 -82.08 50.56
CA LEU J 137 -24.38 -82.62 50.82
C LEU J 137 -23.75 -81.73 51.88
N ASN J 138 -23.54 -82.28 53.07
CA ASN J 138 -23.21 -81.49 54.24
C ASN J 138 -21.75 -81.68 54.63
N ASN J 139 -21.02 -80.56 54.71
CA ASN J 139 -19.69 -80.50 55.32
C ASN J 139 -18.72 -81.50 54.72
N PHE J 140 -18.17 -81.20 53.54
CA PHE J 140 -17.20 -82.06 52.90
C PHE J 140 -16.01 -81.25 52.43
N TYR J 141 -14.92 -81.96 52.13
CA TYR J 141 -13.72 -81.37 51.55
C TYR J 141 -13.01 -82.47 50.77
N PRO J 142 -12.46 -82.17 49.59
CA PRO J 142 -12.47 -80.85 48.94
C PRO J 142 -13.81 -80.50 48.30
N ARG J 143 -13.83 -79.38 47.57
CA ARG J 143 -15.08 -78.86 47.03
C ARG J 143 -15.64 -79.72 45.91
N GLU J 144 -14.78 -80.44 45.19
CA GLU J 144 -15.22 -81.22 44.04
C GLU J 144 -16.15 -82.34 44.48
N ALA J 145 -17.38 -82.33 43.96
CA ALA J 145 -18.38 -83.34 44.28
C ALA J 145 -19.38 -83.41 43.15
N LYS J 146 -20.01 -84.57 43.00
CA LYS J 146 -20.93 -84.85 41.90
C LYS J 146 -22.25 -85.36 42.46
N VAL J 147 -23.36 -84.80 41.96
CA VAL J 147 -24.70 -85.19 42.35
C VAL J 147 -25.42 -85.72 41.13
N GLN J 148 -26.01 -86.91 41.25
CA GLN J 148 -26.72 -87.56 40.16
C GLN J 148 -28.14 -87.89 40.63
N TRP J 149 -29.13 -87.27 40.00
CA TRP J 149 -30.52 -87.55 40.31
C TRP J 149 -31.02 -88.76 39.53
N LYS J 150 -31.77 -89.62 40.23
CA LYS J 150 -32.35 -90.82 39.61
C LYS J 150 -33.80 -90.93 40.04
N VAL J 151 -34.70 -90.92 39.05
CA VAL J 151 -36.14 -91.02 39.27
C VAL J 151 -36.57 -92.36 38.68
N ASP J 152 -36.89 -93.32 39.54
CA ASP J 152 -37.10 -94.71 39.14
C ASP J 152 -35.87 -95.25 38.39
N ASN J 153 -34.70 -94.97 38.95
CA ASN J 153 -33.40 -95.40 38.41
C ASN J 153 -33.11 -94.80 37.04
N ALA J 154 -33.77 -93.71 36.68
CA ALA J 154 -33.54 -93.03 35.41
C ALA J 154 -32.69 -91.79 35.64
N LEU J 155 -31.52 -91.75 35.01
CA LEU J 155 -30.61 -90.62 35.19
C LEU J 155 -31.23 -89.33 34.69
N GLN J 156 -31.33 -88.35 35.59
CA GLN J 156 -31.88 -87.05 35.26
C GLN J 156 -30.78 -86.08 34.85
N SER J 157 -31.14 -85.13 33.99
CA SER J 157 -30.21 -84.09 33.57
C SER J 157 -31.01 -82.92 33.03
N GLY J 158 -30.49 -81.71 33.21
CA GLY J 158 -31.13 -80.52 32.73
C GLY J 158 -32.31 -80.05 33.55
N ASN J 159 -32.63 -80.73 34.64
CA ASN J 159 -33.75 -80.37 35.51
C ASN J 159 -33.30 -80.25 36.95
N SER J 160 -32.04 -79.86 37.16
CA SER J 160 -31.49 -79.70 38.49
C SER J 160 -30.56 -78.50 38.51
N GLN J 161 -30.47 -77.86 39.67
CA GLN J 161 -29.58 -76.73 39.88
C GLN J 161 -28.87 -76.91 41.20
N GLU J 162 -27.59 -76.51 41.23
CA GLU J 162 -26.76 -76.69 42.41
C GLU J 162 -26.37 -75.34 42.99
N SER J 163 -25.84 -75.40 44.21
CA SER J 163 -25.36 -74.21 44.91
C SER J 163 -24.46 -74.67 46.04
N VAL J 164 -23.32 -73.99 46.19
CA VAL J 164 -22.31 -74.37 47.16
C VAL J 164 -22.05 -73.18 48.07
N THR J 165 -21.83 -73.47 49.35
CA THR J 165 -21.49 -72.42 50.30
C THR J 165 -19.99 -72.09 50.23
N GLU J 166 -19.65 -70.95 50.79
CA GLU J 166 -18.24 -70.62 50.96
C GLU J 166 -17.60 -71.58 51.95
N GLN J 167 -16.27 -71.65 51.92
CA GLN J 167 -15.55 -72.52 52.84
C GLN J 167 -15.83 -72.07 54.27
N ASP J 168 -16.29 -73.01 55.10
CA ASP J 168 -16.72 -72.67 56.45
C ASP J 168 -15.55 -72.16 57.28
N SER J 169 -15.82 -71.15 58.10
CA SER J 169 -14.77 -70.47 58.87
C SER J 169 -14.29 -71.28 60.07
N LYS J 170 -14.92 -72.42 60.38
CA LYS J 170 -14.54 -73.21 61.53
C LYS J 170 -13.92 -74.55 61.15
N ASP J 171 -14.56 -75.32 60.26
CA ASP J 171 -14.05 -76.62 59.86
C ASP J 171 -13.57 -76.65 58.41
N SER J 172 -13.57 -75.50 57.72
CA SER J 172 -13.01 -75.37 56.37
C SER J 172 -13.65 -76.33 55.38
N THR J 173 -14.92 -76.67 55.59
CA THR J 173 -15.64 -77.57 54.70
C THR J 173 -16.61 -76.80 53.81
N TYR J 174 -17.14 -77.51 52.82
CA TYR J 174 -18.15 -76.97 51.92
C TYR J 174 -19.44 -77.76 52.07
N SER J 175 -20.55 -77.15 51.64
CA SER J 175 -21.83 -77.81 51.63
C SER J 175 -22.54 -77.47 50.32
N LEU J 176 -23.29 -78.43 49.79
CA LEU J 176 -23.91 -78.31 48.48
C LEU J 176 -25.40 -78.60 48.58
N SER J 177 -26.18 -77.86 47.80
CA SER J 177 -27.63 -78.04 47.74
C SER J 177 -28.02 -78.19 46.27
N SER J 178 -28.61 -79.32 45.93
CA SER J 178 -29.09 -79.60 44.58
C SER J 178 -30.60 -79.77 44.62
N THR J 179 -31.29 -79.13 43.69
CA THR J 179 -32.75 -79.12 43.65
C THR J 179 -33.22 -79.70 42.32
N LEU J 180 -33.96 -80.80 42.39
CA LEU J 180 -34.62 -81.39 41.22
C LEU J 180 -36.04 -80.86 41.16
N THR J 181 -36.41 -80.25 40.04
CA THR J 181 -37.71 -79.62 39.87
C THR J 181 -38.50 -80.37 38.82
N LEU J 182 -39.63 -80.94 39.22
CA LEU J 182 -40.53 -81.64 38.33
C LEU J 182 -41.93 -81.06 38.50
N SER J 183 -42.78 -81.27 37.50
CA SER J 183 -44.18 -80.91 37.63
C SER J 183 -44.90 -81.89 38.54
N LYS J 184 -46.01 -81.45 39.11
CA LYS J 184 -46.81 -82.33 39.95
C LYS J 184 -47.23 -83.58 39.18
N ALA J 185 -47.57 -83.41 37.90
CA ALA J 185 -47.92 -84.56 37.07
C ALA J 185 -46.73 -85.51 36.92
N ASP J 186 -45.58 -84.98 36.49
CA ASP J 186 -44.40 -85.81 36.32
C ASP J 186 -43.97 -86.44 37.64
N TYR J 187 -44.09 -85.69 38.74
CA TYR J 187 -43.66 -86.21 40.03
C TYR J 187 -44.53 -87.39 40.47
N GLU J 188 -45.84 -87.31 40.26
CA GLU J 188 -46.75 -88.37 40.65
C GLU J 188 -46.72 -89.57 39.72
N LYS J 189 -45.98 -89.48 38.61
CA LYS J 189 -45.84 -90.58 37.66
C LYS J 189 -44.74 -91.56 38.04
N HIS J 190 -44.02 -91.31 39.13
CA HIS J 190 -42.89 -92.15 39.52
C HIS J 190 -42.94 -92.42 41.01
N LYS J 191 -42.05 -93.31 41.46
CA LYS J 191 -42.05 -93.78 42.84
C LYS J 191 -40.74 -93.49 43.56
N VAL J 192 -39.61 -93.97 43.04
CA VAL J 192 -38.35 -93.93 43.76
C VAL J 192 -37.58 -92.68 43.33
N TYR J 193 -37.28 -91.82 44.30
CA TYR J 193 -36.51 -90.60 44.06
C TYR J 193 -35.22 -90.69 44.86
N ALA J 194 -34.09 -90.59 44.15
CA ALA J 194 -32.78 -90.80 44.74
C ALA J 194 -31.78 -89.81 44.16
N CYS J 195 -30.82 -89.40 44.98
CA CYS J 195 -29.68 -88.63 44.52
C CYS J 195 -28.41 -89.41 44.86
N GLU J 196 -27.58 -89.66 43.86
CA GLU J 196 -26.32 -90.38 44.03
C GLU J 196 -25.20 -89.36 44.15
N VAL J 197 -24.38 -89.51 45.18
CA VAL J 197 -23.33 -88.55 45.51
C VAL J 197 -21.99 -89.23 45.34
N THR J 198 -21.14 -88.64 44.50
CA THR J 198 -19.76 -89.08 44.32
C THR J 198 -18.83 -88.04 44.93
N HIS J 199 -17.85 -88.51 45.71
CA HIS J 199 -16.91 -87.61 46.34
C HIS J 199 -15.60 -88.35 46.61
N GLN J 200 -14.53 -87.57 46.69
CA GLN J 200 -13.20 -88.14 46.94
C GLN J 200 -13.14 -88.90 48.26
N GLY J 201 -13.90 -88.46 49.26
CA GLY J 201 -13.96 -89.11 50.55
C GLY J 201 -14.82 -90.35 50.63
N LEU J 202 -15.44 -90.77 49.52
CA LEU J 202 -16.29 -91.94 49.48
C LEU J 202 -15.66 -93.02 48.63
N SER J 203 -15.57 -94.24 49.17
CA SER J 203 -15.02 -95.35 48.42
C SER J 203 -15.90 -95.71 47.23
N SER J 204 -17.19 -95.42 47.32
CA SER J 204 -18.14 -95.68 46.25
C SER J 204 -19.28 -94.69 46.37
N PRO J 205 -20.03 -94.44 45.29
CA PRO J 205 -21.09 -93.44 45.34
C PRO J 205 -22.16 -93.78 46.39
N VAL J 206 -22.50 -92.79 47.20
CA VAL J 206 -23.53 -92.92 48.22
C VAL J 206 -24.84 -92.39 47.66
N THR J 207 -25.91 -93.16 47.85
CA THR J 207 -27.23 -92.82 47.32
C THR J 207 -28.23 -92.74 48.47
N LYS J 208 -28.96 -91.63 48.55
CA LYS J 208 -30.06 -91.46 49.48
C LYS J 208 -31.35 -91.35 48.69
N SER J 209 -32.36 -92.13 49.09
CA SER J 209 -33.59 -92.22 48.33
C SER J 209 -34.79 -92.21 49.27
N PHE J 210 -35.97 -92.07 48.67
CA PHE J 210 -37.24 -92.22 49.37
C PHE J 210 -38.28 -92.66 48.36
N ASN J 211 -39.26 -93.42 48.84
CA ASN J 211 -40.38 -93.84 48.01
C ASN J 211 -41.52 -92.84 48.17
N ARG J 212 -42.05 -92.39 47.04
CA ARG J 212 -43.12 -91.39 47.06
C ARG J 212 -44.30 -91.90 47.87
N GLY J 213 -44.68 -91.16 48.89
CA GLY J 213 -45.77 -91.56 49.77
C GLY J 213 -45.34 -92.27 51.04
N GLU J 214 -44.54 -93.34 50.90
CA GLU J 214 -44.06 -94.09 52.06
C GLU J 214 -43.20 -93.21 52.96
#